data_1VJF
# 
_entry.id   1VJF 
# 
_audit_conform.dict_name       mmcif_pdbx.dic 
_audit_conform.dict_version    5.397 
_audit_conform.dict_location   http://mmcif.pdb.org/dictionaries/ascii/mmcif_pdbx.dic 
# 
loop_
_database_2.database_id 
_database_2.database_code 
_database_2.pdbx_database_accession 
_database_2.pdbx_DOI 
PDB   1VJF         pdb_00001vjf 10.2210/pdb1vjf/pdb 
RCSB  RCSB001916   ?            ?                   
WWPDB D_1000001916 ?            ?                   
# 
loop_
_pdbx_audit_revision_history.ordinal 
_pdbx_audit_revision_history.data_content_type 
_pdbx_audit_revision_history.major_revision 
_pdbx_audit_revision_history.minor_revision 
_pdbx_audit_revision_history.revision_date 
1 'Structure model' 1 0 2004-03-09 
2 'Structure model' 1 1 2008-04-26 
3 'Structure model' 1 2 2011-07-13 
4 'Structure model' 1 3 2023-01-25 
5 'Structure model' 1 4 2024-10-09 
# 
_pdbx_audit_revision_details.ordinal             1 
_pdbx_audit_revision_details.revision_ordinal    1 
_pdbx_audit_revision_details.data_content_type   'Structure model' 
_pdbx_audit_revision_details.provider            repository 
_pdbx_audit_revision_details.type                'Initial release' 
_pdbx_audit_revision_details.description         ? 
_pdbx_audit_revision_details.details             ? 
# 
loop_
_pdbx_audit_revision_group.ordinal 
_pdbx_audit_revision_group.revision_ordinal 
_pdbx_audit_revision_group.data_content_type 
_pdbx_audit_revision_group.group 
1 2 'Structure model' 'Version format compliance' 
2 3 'Structure model' 'Non-polymer description'   
3 3 'Structure model' 'Version format compliance' 
4 4 'Structure model' 'Database references'       
5 4 'Structure model' 'Derived calculations'      
6 5 'Structure model' 'Data collection'           
7 5 'Structure model' 'Structure summary'         
# 
loop_
_pdbx_audit_revision_category.ordinal 
_pdbx_audit_revision_category.revision_ordinal 
_pdbx_audit_revision_category.data_content_type 
_pdbx_audit_revision_category.category 
1 4 'Structure model' database_2                
2 4 'Structure model' struct_conn               
3 4 'Structure model' struct_ref_seq_dif        
4 4 'Structure model' struct_site               
5 5 'Structure model' chem_comp_atom            
6 5 'Structure model' chem_comp_bond            
7 5 'Structure model' pdbx_entry_details        
8 5 'Structure model' pdbx_modification_feature 
# 
loop_
_pdbx_audit_revision_item.ordinal 
_pdbx_audit_revision_item.revision_ordinal 
_pdbx_audit_revision_item.data_content_type 
_pdbx_audit_revision_item.item 
1 4 'Structure model' '_database_2.pdbx_DOI'                
2 4 'Structure model' '_database_2.pdbx_database_accession' 
3 4 'Structure model' '_struct_conn.pdbx_leaving_atom_flag' 
4 4 'Structure model' '_struct_ref_seq_dif.details'         
5 4 'Structure model' '_struct_site.pdbx_auth_asym_id'      
6 4 'Structure model' '_struct_site.pdbx_auth_comp_id'      
7 4 'Structure model' '_struct_site.pdbx_auth_seq_id'       
# 
_pdbx_database_status.entry_id                        1VJF 
_pdbx_database_status.status_code                     REL 
_pdbx_database_status.deposit_site                    RCSB 
_pdbx_database_status.process_site                    RCSB 
_pdbx_database_status.recvd_initial_deposition_date   2004-02-11 
_pdbx_database_status.SG_entry                        Y 
_pdbx_database_status.status_code_sf                  REL 
_pdbx_database_status.pdb_format_compatible           Y 
_pdbx_database_status.status_code_mr                  ? 
_pdbx_database_status.status_code_cs                  ? 
_pdbx_database_status.status_code_nmr_data            ? 
_pdbx_database_status.methods_development_category    ? 
# 
_pdbx_database_related.db_name        TargetDB 
_pdbx_database_related.db_id          355823 
_pdbx_database_related.details        . 
_pdbx_database_related.content_type   unspecified 
# 
_audit_author.name           'Joint Center for Structural Genomics (JCSG)' 
_audit_author.pdbx_ordinal   1 
# 
_citation.id                        primary 
_citation.title                     
'Crystal structure of putative DNA-binding protein from Caulobacter crescentus at 1.62 A resolution' 
_citation.journal_abbrev            'To be published' 
_citation.journal_volume            ? 
_citation.page_first                ? 
_citation.page_last                 ? 
_citation.year                      ? 
_citation.journal_id_ASTM           ? 
_citation.country                   ? 
_citation.journal_id_ISSN           ? 
_citation.journal_id_CSD            0353 
_citation.book_publisher            ? 
_citation.pdbx_database_id_PubMed   ? 
_citation.pdbx_database_id_DOI      ? 
# 
_citation_author.citation_id        primary 
_citation_author.name               'Joint Center for Structural Genomics (JCSG)' 
_citation_author.ordinal            1 
_citation_author.identifier_ORCID   ? 
# 
loop_
_entity.id 
_entity.type 
_entity.src_method 
_entity.pdbx_description 
_entity.formula_weight 
_entity.pdbx_number_of_molecules 
_entity.pdbx_ec 
_entity.pdbx_mutation 
_entity.pdbx_fragment 
_entity.details 
1 polymer     man 'DNA-binding protein, putative' 20031.133 1   ? ? ? ? 
2 non-polymer syn 'CHLORIDE ION'                  35.453    1   ? ? ? ? 
3 non-polymer syn GLYCEROL                        92.094    2   ? ? ? ? 
4 water       nat water                           18.015    172 ? ? ? ? 
# 
_entity_poly.entity_id                      1 
_entity_poly.type                           'polypeptide(L)' 
_entity_poly.nstd_linkage                   no 
_entity_poly.nstd_monomer                   yes 
_entity_poly.pdbx_seq_one_letter_code       
;MGSDKIHHHHHH(MSE)KTRADLFAFFDAHGVDHKTLDHPPVFRVEEGLEIKAA(MSE)PGGHTKNLFLKDAKGQLWLIS
ALGETTIDLKKLHHVIGSGRLSFGPQE(MSE)(MSE)LETLGVTPGSVTAFGLINDTEKRVRFVLDKALADSDPVNFHPL
KNDATTAVSQAGLRRFLAALGVEP(MSE)IVDFAA(MSE)EVVG
;
_entity_poly.pdbx_seq_one_letter_code_can   
;MGSDKIHHHHHHMKTRADLFAFFDAHGVDHKTLDHPPVFRVEEGLEIKAAMPGGHTKNLFLKDAKGQLWLISALGETTID
LKKLHHVIGSGRLSFGPQEMMLETLGVTPGSVTAFGLINDTEKRVRFVLDKALADSDPVNFHPLKNDATTAVSQAGLRRF
LAALGVEPMIVDFAAMEVVG
;
_entity_poly.pdbx_strand_id                 A 
_entity_poly.pdbx_target_identifier         355823 
# 
loop_
_pdbx_entity_nonpoly.entity_id 
_pdbx_entity_nonpoly.name 
_pdbx_entity_nonpoly.comp_id 
2 'CHLORIDE ION' CL  
3 GLYCEROL       GOL 
4 water          HOH 
# 
loop_
_entity_poly_seq.entity_id 
_entity_poly_seq.num 
_entity_poly_seq.mon_id 
_entity_poly_seq.hetero 
1 1   MET n 
1 2   GLY n 
1 3   SER n 
1 4   ASP n 
1 5   LYS n 
1 6   ILE n 
1 7   HIS n 
1 8   HIS n 
1 9   HIS n 
1 10  HIS n 
1 11  HIS n 
1 12  HIS n 
1 13  MSE n 
1 14  LYS n 
1 15  THR n 
1 16  ARG n 
1 17  ALA n 
1 18  ASP n 
1 19  LEU n 
1 20  PHE n 
1 21  ALA n 
1 22  PHE n 
1 23  PHE n 
1 24  ASP n 
1 25  ALA n 
1 26  HIS n 
1 27  GLY n 
1 28  VAL n 
1 29  ASP n 
1 30  HIS n 
1 31  LYS n 
1 32  THR n 
1 33  LEU n 
1 34  ASP n 
1 35  HIS n 
1 36  PRO n 
1 37  PRO n 
1 38  VAL n 
1 39  PHE n 
1 40  ARG n 
1 41  VAL n 
1 42  GLU n 
1 43  GLU n 
1 44  GLY n 
1 45  LEU n 
1 46  GLU n 
1 47  ILE n 
1 48  LYS n 
1 49  ALA n 
1 50  ALA n 
1 51  MSE n 
1 52  PRO n 
1 53  GLY n 
1 54  GLY n 
1 55  HIS n 
1 56  THR n 
1 57  LYS n 
1 58  ASN n 
1 59  LEU n 
1 60  PHE n 
1 61  LEU n 
1 62  LYS n 
1 63  ASP n 
1 64  ALA n 
1 65  LYS n 
1 66  GLY n 
1 67  GLN n 
1 68  LEU n 
1 69  TRP n 
1 70  LEU n 
1 71  ILE n 
1 72  SER n 
1 73  ALA n 
1 74  LEU n 
1 75  GLY n 
1 76  GLU n 
1 77  THR n 
1 78  THR n 
1 79  ILE n 
1 80  ASP n 
1 81  LEU n 
1 82  LYS n 
1 83  LYS n 
1 84  LEU n 
1 85  HIS n 
1 86  HIS n 
1 87  VAL n 
1 88  ILE n 
1 89  GLY n 
1 90  SER n 
1 91  GLY n 
1 92  ARG n 
1 93  LEU n 
1 94  SER n 
1 95  PHE n 
1 96  GLY n 
1 97  PRO n 
1 98  GLN n 
1 99  GLU n 
1 100 MSE n 
1 101 MSE n 
1 102 LEU n 
1 103 GLU n 
1 104 THR n 
1 105 LEU n 
1 106 GLY n 
1 107 VAL n 
1 108 THR n 
1 109 PRO n 
1 110 GLY n 
1 111 SER n 
1 112 VAL n 
1 113 THR n 
1 114 ALA n 
1 115 PHE n 
1 116 GLY n 
1 117 LEU n 
1 118 ILE n 
1 119 ASN n 
1 120 ASP n 
1 121 THR n 
1 122 GLU n 
1 123 LYS n 
1 124 ARG n 
1 125 VAL n 
1 126 ARG n 
1 127 PHE n 
1 128 VAL n 
1 129 LEU n 
1 130 ASP n 
1 131 LYS n 
1 132 ALA n 
1 133 LEU n 
1 134 ALA n 
1 135 ASP n 
1 136 SER n 
1 137 ASP n 
1 138 PRO n 
1 139 VAL n 
1 140 ASN n 
1 141 PHE n 
1 142 HIS n 
1 143 PRO n 
1 144 LEU n 
1 145 LYS n 
1 146 ASN n 
1 147 ASP n 
1 148 ALA n 
1 149 THR n 
1 150 THR n 
1 151 ALA n 
1 152 VAL n 
1 153 SER n 
1 154 GLN n 
1 155 ALA n 
1 156 GLY n 
1 157 LEU n 
1 158 ARG n 
1 159 ARG n 
1 160 PHE n 
1 161 LEU n 
1 162 ALA n 
1 163 ALA n 
1 164 LEU n 
1 165 GLY n 
1 166 VAL n 
1 167 GLU n 
1 168 PRO n 
1 169 MSE n 
1 170 ILE n 
1 171 VAL n 
1 172 ASP n 
1 173 PHE n 
1 174 ALA n 
1 175 ALA n 
1 176 MSE n 
1 177 GLU n 
1 178 VAL n 
1 179 VAL n 
1 180 GLY n 
# 
_entity_src_gen.entity_id                          1 
_entity_src_gen.pdbx_src_id                        1 
_entity_src_gen.pdbx_alt_source_flag               sample 
_entity_src_gen.pdbx_seq_type                      ? 
_entity_src_gen.pdbx_beg_seq_num                   ? 
_entity_src_gen.pdbx_end_seq_num                   ? 
_entity_src_gen.gene_src_common_name               ? 
_entity_src_gen.gene_src_genus                     Caulobacter 
_entity_src_gen.pdbx_gene_src_gene                 ? 
_entity_src_gen.gene_src_species                   'Caulobacter vibrioides' 
_entity_src_gen.gene_src_strain                    ? 
_entity_src_gen.gene_src_tissue                    ? 
_entity_src_gen.gene_src_tissue_fraction           ? 
_entity_src_gen.gene_src_details                   ? 
_entity_src_gen.pdbx_gene_src_fragment             ? 
_entity_src_gen.pdbx_gene_src_scientific_name      'Caulobacter crescentus CB15' 
_entity_src_gen.pdbx_gene_src_ncbi_taxonomy_id     190650 
_entity_src_gen.pdbx_gene_src_variant              ? 
_entity_src_gen.pdbx_gene_src_cell_line            ? 
_entity_src_gen.pdbx_gene_src_atcc                 ? 
_entity_src_gen.pdbx_gene_src_organ                ? 
_entity_src_gen.pdbx_gene_src_organelle            ? 
_entity_src_gen.pdbx_gene_src_cell                 ? 
_entity_src_gen.pdbx_gene_src_cellular_location    ? 
_entity_src_gen.host_org_common_name               ? 
_entity_src_gen.pdbx_host_org_scientific_name      'Escherichia coli' 
_entity_src_gen.pdbx_host_org_ncbi_taxonomy_id     562 
_entity_src_gen.host_org_genus                     Escherichia 
_entity_src_gen.pdbx_host_org_gene                 ? 
_entity_src_gen.pdbx_host_org_organ                ? 
_entity_src_gen.host_org_species                   ? 
_entity_src_gen.pdbx_host_org_tissue               ? 
_entity_src_gen.pdbx_host_org_tissue_fraction      ? 
_entity_src_gen.pdbx_host_org_strain               ? 
_entity_src_gen.pdbx_host_org_variant              ? 
_entity_src_gen.pdbx_host_org_cell_line            ? 
_entity_src_gen.pdbx_host_org_atcc                 ? 
_entity_src_gen.pdbx_host_org_culture_collection   ? 
_entity_src_gen.pdbx_host_org_cell                 ? 
_entity_src_gen.pdbx_host_org_organelle            ? 
_entity_src_gen.pdbx_host_org_cellular_location    ? 
_entity_src_gen.pdbx_host_org_vector_type          Plasmid 
_entity_src_gen.pdbx_host_org_vector               ? 
_entity_src_gen.host_org_details                   ? 
_entity_src_gen.expression_system_id               ? 
_entity_src_gen.plasmid_name                       ? 
_entity_src_gen.plasmid_details                    ? 
_entity_src_gen.pdbx_description                   ? 
# 
loop_
_chem_comp.id 
_chem_comp.type 
_chem_comp.mon_nstd_flag 
_chem_comp.name 
_chem_comp.pdbx_synonyms 
_chem_comp.formula 
_chem_comp.formula_weight 
ALA 'L-peptide linking' y ALANINE          ?                               'C3 H7 N O2'     89.093  
ARG 'L-peptide linking' y ARGININE         ?                               'C6 H15 N4 O2 1' 175.209 
ASN 'L-peptide linking' y ASPARAGINE       ?                               'C4 H8 N2 O3'    132.118 
ASP 'L-peptide linking' y 'ASPARTIC ACID'  ?                               'C4 H7 N O4'     133.103 
CL  non-polymer         . 'CHLORIDE ION'   ?                               'Cl -1'          35.453  
GLN 'L-peptide linking' y GLUTAMINE        ?                               'C5 H10 N2 O3'   146.144 
GLU 'L-peptide linking' y 'GLUTAMIC ACID'  ?                               'C5 H9 N O4'     147.129 
GLY 'peptide linking'   y GLYCINE          ?                               'C2 H5 N O2'     75.067  
GOL non-polymer         . GLYCEROL         'GLYCERIN; PROPANE-1,2,3-TRIOL' 'C3 H8 O3'       92.094  
HIS 'L-peptide linking' y HISTIDINE        ?                               'C6 H10 N3 O2 1' 156.162 
HOH non-polymer         . WATER            ?                               'H2 O'           18.015  
ILE 'L-peptide linking' y ISOLEUCINE       ?                               'C6 H13 N O2'    131.173 
LEU 'L-peptide linking' y LEUCINE          ?                               'C6 H13 N O2'    131.173 
LYS 'L-peptide linking' y LYSINE           ?                               'C6 H15 N2 O2 1' 147.195 
MET 'L-peptide linking' y METHIONINE       ?                               'C5 H11 N O2 S'  149.211 
MSE 'L-peptide linking' n SELENOMETHIONINE ?                               'C5 H11 N O2 Se' 196.106 
PHE 'L-peptide linking' y PHENYLALANINE    ?                               'C9 H11 N O2'    165.189 
PRO 'L-peptide linking' y PROLINE          ?                               'C5 H9 N O2'     115.130 
SER 'L-peptide linking' y SERINE           ?                               'C3 H7 N O3'     105.093 
THR 'L-peptide linking' y THREONINE        ?                               'C4 H9 N O3'     119.119 
TRP 'L-peptide linking' y TRYPTOPHAN       ?                               'C11 H12 N2 O2'  204.225 
VAL 'L-peptide linking' y VALINE           ?                               'C5 H11 N O2'    117.146 
# 
loop_
_pdbx_poly_seq_scheme.asym_id 
_pdbx_poly_seq_scheme.entity_id 
_pdbx_poly_seq_scheme.seq_id 
_pdbx_poly_seq_scheme.mon_id 
_pdbx_poly_seq_scheme.ndb_seq_num 
_pdbx_poly_seq_scheme.pdb_seq_num 
_pdbx_poly_seq_scheme.auth_seq_num 
_pdbx_poly_seq_scheme.pdb_mon_id 
_pdbx_poly_seq_scheme.auth_mon_id 
_pdbx_poly_seq_scheme.pdb_strand_id 
_pdbx_poly_seq_scheme.pdb_ins_code 
_pdbx_poly_seq_scheme.hetero 
A 1 1   MET 1   -11 ?   ?   ?   A . n 
A 1 2   GLY 2   -10 ?   ?   ?   A . n 
A 1 3   SER 3   -9  ?   ?   ?   A . n 
A 1 4   ASP 4   -8  ?   ?   ?   A . n 
A 1 5   LYS 5   -7  ?   ?   ?   A . n 
A 1 6   ILE 6   -6  ?   ?   ?   A . n 
A 1 7   HIS 7   -5  ?   ?   ?   A . n 
A 1 8   HIS 8   -4  ?   ?   ?   A . n 
A 1 9   HIS 9   -3  ?   ?   ?   A . n 
A 1 10  HIS 10  -2  ?   ?   ?   A . n 
A 1 11  HIS 11  -1  ?   ?   ?   A . n 
A 1 12  HIS 12  0   ?   ?   ?   A . n 
A 1 13  MSE 13  1   1   MSE MSE A . n 
A 1 14  LYS 14  2   2   LYS LYS A . n 
A 1 15  THR 15  3   3   THR THR A . n 
A 1 16  ARG 16  4   4   ARG ARG A . n 
A 1 17  ALA 17  5   5   ALA ALA A . n 
A 1 18  ASP 18  6   6   ASP ASP A . n 
A 1 19  LEU 19  7   7   LEU LEU A . n 
A 1 20  PHE 20  8   8   PHE PHE A . n 
A 1 21  ALA 21  9   9   ALA ALA A . n 
A 1 22  PHE 22  10  10  PHE PHE A . n 
A 1 23  PHE 23  11  11  PHE PHE A . n 
A 1 24  ASP 24  12  12  ASP ASP A . n 
A 1 25  ALA 25  13  13  ALA ALA A . n 
A 1 26  HIS 26  14  14  HIS HIS A . n 
A 1 27  GLY 27  15  15  GLY GLY A . n 
A 1 28  VAL 28  16  16  VAL VAL A . n 
A 1 29  ASP 29  17  17  ASP ASP A . n 
A 1 30  HIS 30  18  18  HIS HIS A . n 
A 1 31  LYS 31  19  19  LYS LYS A . n 
A 1 32  THR 32  20  20  THR THR A . n 
A 1 33  LEU 33  21  21  LEU LEU A . n 
A 1 34  ASP 34  22  22  ASP ASP A . n 
A 1 35  HIS 35  23  23  HIS HIS A . n 
A 1 36  PRO 36  24  24  PRO PRO A . n 
A 1 37  PRO 37  25  25  PRO PRO A . n 
A 1 38  VAL 38  26  26  VAL VAL A . n 
A 1 39  PHE 39  27  27  PHE PHE A . n 
A 1 40  ARG 40  28  28  ARG ARG A . n 
A 1 41  VAL 41  29  29  VAL VAL A . n 
A 1 42  GLU 42  30  30  GLU GLU A . n 
A 1 43  GLU 43  31  31  GLU GLU A . n 
A 1 44  GLY 44  32  32  GLY GLY A . n 
A 1 45  LEU 45  33  33  LEU LEU A . n 
A 1 46  GLU 46  34  34  GLU GLU A . n 
A 1 47  ILE 47  35  35  ILE ILE A . n 
A 1 48  LYS 48  36  36  LYS LYS A . n 
A 1 49  ALA 49  37  37  ALA ALA A . n 
A 1 50  ALA 50  38  38  ALA ALA A . n 
A 1 51  MSE 51  39  39  MSE MSE A . n 
A 1 52  PRO 52  40  40  PRO PRO A . n 
A 1 53  GLY 53  41  41  GLY GLY A . n 
A 1 54  GLY 54  42  42  GLY GLY A . n 
A 1 55  HIS 55  43  43  HIS HIS A . n 
A 1 56  THR 56  44  44  THR THR A . n 
A 1 57  LYS 57  45  45  LYS LYS A . n 
A 1 58  ASN 58  46  46  ASN ASN A . n 
A 1 59  LEU 59  47  47  LEU LEU A . n 
A 1 60  PHE 60  48  48  PHE PHE A . n 
A 1 61  LEU 61  49  49  LEU LEU A . n 
A 1 62  LYS 62  50  50  LYS LYS A . n 
A 1 63  ASP 63  51  51  ASP ASP A . n 
A 1 64  ALA 64  52  52  ALA ALA A . n 
A 1 65  LYS 65  53  53  LYS LYS A . n 
A 1 66  GLY 66  54  54  GLY GLY A . n 
A 1 67  GLN 67  55  55  GLN GLN A . n 
A 1 68  LEU 68  56  56  LEU LEU A . n 
A 1 69  TRP 69  57  57  TRP TRP A . n 
A 1 70  LEU 70  58  58  LEU LEU A . n 
A 1 71  ILE 71  59  59  ILE ILE A . n 
A 1 72  SER 72  60  60  SER SER A . n 
A 1 73  ALA 73  61  61  ALA ALA A . n 
A 1 74  LEU 74  62  62  LEU LEU A . n 
A 1 75  GLY 75  63  63  GLY GLY A . n 
A 1 76  GLU 76  64  64  GLU GLU A . n 
A 1 77  THR 77  65  65  THR THR A . n 
A 1 78  THR 78  66  66  THR THR A . n 
A 1 79  ILE 79  67  67  ILE ILE A . n 
A 1 80  ASP 80  68  68  ASP ASP A . n 
A 1 81  LEU 81  69  69  LEU LEU A . n 
A 1 82  LYS 82  70  70  LYS LYS A . n 
A 1 83  LYS 83  71  71  LYS LYS A . n 
A 1 84  LEU 84  72  72  LEU LEU A . n 
A 1 85  HIS 85  73  73  HIS HIS A . n 
A 1 86  HIS 86  74  74  HIS HIS A . n 
A 1 87  VAL 87  75  75  VAL VAL A . n 
A 1 88  ILE 88  76  76  ILE ILE A . n 
A 1 89  GLY 89  77  77  GLY GLY A . n 
A 1 90  SER 90  78  78  SER SER A . n 
A 1 91  GLY 91  79  79  GLY GLY A . n 
A 1 92  ARG 92  80  80  ARG ARG A . n 
A 1 93  LEU 93  81  81  LEU LEU A . n 
A 1 94  SER 94  82  82  SER SER A . n 
A 1 95  PHE 95  83  83  PHE PHE A . n 
A 1 96  GLY 96  84  84  GLY GLY A . n 
A 1 97  PRO 97  85  85  PRO PRO A . n 
A 1 98  GLN 98  86  86  GLN GLN A . n 
A 1 99  GLU 99  87  87  GLU GLU A . n 
A 1 100 MSE 100 88  88  MSE MSE A . n 
A 1 101 MSE 101 89  89  MSE MSE A . n 
A 1 102 LEU 102 90  90  LEU LEU A . n 
A 1 103 GLU 103 91  91  GLU GLU A . n 
A 1 104 THR 104 92  92  THR THR A . n 
A 1 105 LEU 105 93  93  LEU LEU A . n 
A 1 106 GLY 106 94  94  GLY GLY A . n 
A 1 107 VAL 107 95  95  VAL VAL A . n 
A 1 108 THR 108 96  96  THR THR A . n 
A 1 109 PRO 109 97  97  PRO PRO A . n 
A 1 110 GLY 110 98  98  GLY GLY A . n 
A 1 111 SER 111 99  99  SER SER A . n 
A 1 112 VAL 112 100 100 VAL VAL A . n 
A 1 113 THR 113 101 101 THR THR A . n 
A 1 114 ALA 114 102 102 ALA ALA A . n 
A 1 115 PHE 115 103 103 PHE PHE A . n 
A 1 116 GLY 116 104 104 GLY GLY A . n 
A 1 117 LEU 117 105 105 LEU LEU A . n 
A 1 118 ILE 118 106 106 ILE ILE A . n 
A 1 119 ASN 119 107 107 ASN ASN A . n 
A 1 120 ASP 120 108 108 ASP ASP A . n 
A 1 121 THR 121 109 109 THR THR A . n 
A 1 122 GLU 122 110 110 GLU GLU A . n 
A 1 123 LYS 123 111 111 LYS LYS A . n 
A 1 124 ARG 124 112 112 ARG ARG A . n 
A 1 125 VAL 125 113 113 VAL VAL A . n 
A 1 126 ARG 126 114 114 ARG ARG A . n 
A 1 127 PHE 127 115 115 PHE PHE A . n 
A 1 128 VAL 128 116 116 VAL VAL A . n 
A 1 129 LEU 129 117 117 LEU LEU A . n 
A 1 130 ASP 130 118 118 ASP ASP A . n 
A 1 131 LYS 131 119 119 LYS LYS A . n 
A 1 132 ALA 132 120 120 ALA ALA A . n 
A 1 133 LEU 133 121 121 LEU LEU A . n 
A 1 134 ALA 134 122 122 ALA ALA A . n 
A 1 135 ASP 135 123 123 ASP ASP A . n 
A 1 136 SER 136 124 124 SER SER A . n 
A 1 137 ASP 137 125 125 ASP ASP A . n 
A 1 138 PRO 138 126 126 PRO PRO A . n 
A 1 139 VAL 139 127 127 VAL VAL A . n 
A 1 140 ASN 140 128 128 ASN ASN A . n 
A 1 141 PHE 141 129 129 PHE PHE A . n 
A 1 142 HIS 142 130 130 HIS HIS A . n 
A 1 143 PRO 143 131 131 PRO PRO A . n 
A 1 144 LEU 144 132 132 LEU LEU A . n 
A 1 145 LYS 145 133 133 LYS LYS A . n 
A 1 146 ASN 146 134 134 ASN ASN A . n 
A 1 147 ASP 147 135 135 ASP ASP A . n 
A 1 148 ALA 148 136 136 ALA ALA A . n 
A 1 149 THR 149 137 137 THR THR A . n 
A 1 150 THR 150 138 138 THR THR A . n 
A 1 151 ALA 151 139 139 ALA ALA A . n 
A 1 152 VAL 152 140 140 VAL VAL A . n 
A 1 153 SER 153 141 141 SER SER A . n 
A 1 154 GLN 154 142 142 GLN GLN A . n 
A 1 155 ALA 155 143 143 ALA ALA A . n 
A 1 156 GLY 156 144 144 GLY GLY A . n 
A 1 157 LEU 157 145 145 LEU LEU A . n 
A 1 158 ARG 158 146 146 ARG ARG A . n 
A 1 159 ARG 159 147 147 ARG ARG A . n 
A 1 160 PHE 160 148 148 PHE PHE A . n 
A 1 161 LEU 161 149 149 LEU LEU A . n 
A 1 162 ALA 162 150 150 ALA ALA A . n 
A 1 163 ALA 163 151 151 ALA ALA A . n 
A 1 164 LEU 164 152 152 LEU LEU A . n 
A 1 165 GLY 165 153 153 GLY GLY A . n 
A 1 166 VAL 166 154 154 VAL VAL A . n 
A 1 167 GLU 167 155 155 GLU GLU A . n 
A 1 168 PRO 168 156 156 PRO PRO A . n 
A 1 169 MSE 169 157 157 MSE MSE A . n 
A 1 170 ILE 170 158 158 ILE ILE A . n 
A 1 171 VAL 171 159 159 VAL VAL A . n 
A 1 172 ASP 172 160 160 ASP ASP A . n 
A 1 173 PHE 173 161 161 PHE PHE A . n 
A 1 174 ALA 174 162 162 ALA ALA A . n 
A 1 175 ALA 175 163 163 ALA ALA A . n 
A 1 176 MSE 176 164 164 MSE MSE A . n 
A 1 177 GLU 177 165 165 GLU GLU A . n 
A 1 178 VAL 178 166 166 VAL VAL A . n 
A 1 179 VAL 179 167 167 VAL VAL A . n 
A 1 180 GLY 180 168 168 GLY GLY A . n 
# 
loop_
_pdbx_nonpoly_scheme.asym_id 
_pdbx_nonpoly_scheme.entity_id 
_pdbx_nonpoly_scheme.mon_id 
_pdbx_nonpoly_scheme.ndb_seq_num 
_pdbx_nonpoly_scheme.pdb_seq_num 
_pdbx_nonpoly_scheme.auth_seq_num 
_pdbx_nonpoly_scheme.pdb_mon_id 
_pdbx_nonpoly_scheme.auth_mon_id 
_pdbx_nonpoly_scheme.pdb_strand_id 
_pdbx_nonpoly_scheme.pdb_ins_code 
B 2 CL  1   169 1   CL  CL  A . 
C 3 GOL 1   170 2   GOL GOL A . 
D 3 GOL 1   171 3   GOL GOL A . 
E 4 HOH 1   172 4   HOH HOH A . 
E 4 HOH 2   173 5   HOH HOH A . 
E 4 HOH 3   174 6   HOH HOH A . 
E 4 HOH 4   175 7   HOH HOH A . 
E 4 HOH 5   176 8   HOH HOH A . 
E 4 HOH 6   177 9   HOH HOH A . 
E 4 HOH 7   178 10  HOH HOH A . 
E 4 HOH 8   179 11  HOH HOH A . 
E 4 HOH 9   180 12  HOH HOH A . 
E 4 HOH 10  181 13  HOH HOH A . 
E 4 HOH 11  182 14  HOH HOH A . 
E 4 HOH 12  183 15  HOH HOH A . 
E 4 HOH 13  184 16  HOH HOH A . 
E 4 HOH 14  185 17  HOH HOH A . 
E 4 HOH 15  186 18  HOH HOH A . 
E 4 HOH 16  187 19  HOH HOH A . 
E 4 HOH 17  188 20  HOH HOH A . 
E 4 HOH 18  189 21  HOH HOH A . 
E 4 HOH 19  190 22  HOH HOH A . 
E 4 HOH 20  191 23  HOH HOH A . 
E 4 HOH 21  192 24  HOH HOH A . 
E 4 HOH 22  193 25  HOH HOH A . 
E 4 HOH 23  194 26  HOH HOH A . 
E 4 HOH 24  195 27  HOH HOH A . 
E 4 HOH 25  196 28  HOH HOH A . 
E 4 HOH 26  197 29  HOH HOH A . 
E 4 HOH 27  198 30  HOH HOH A . 
E 4 HOH 28  199 31  HOH HOH A . 
E 4 HOH 29  200 32  HOH HOH A . 
E 4 HOH 30  201 33  HOH HOH A . 
E 4 HOH 31  202 34  HOH HOH A . 
E 4 HOH 32  203 35  HOH HOH A . 
E 4 HOH 33  204 36  HOH HOH A . 
E 4 HOH 34  205 37  HOH HOH A . 
E 4 HOH 35  206 38  HOH HOH A . 
E 4 HOH 36  207 39  HOH HOH A . 
E 4 HOH 37  208 40  HOH HOH A . 
E 4 HOH 38  209 41  HOH HOH A . 
E 4 HOH 39  210 42  HOH HOH A . 
E 4 HOH 40  211 43  HOH HOH A . 
E 4 HOH 41  212 44  HOH HOH A . 
E 4 HOH 42  213 45  HOH HOH A . 
E 4 HOH 43  214 46  HOH HOH A . 
E 4 HOH 44  215 47  HOH HOH A . 
E 4 HOH 45  216 48  HOH HOH A . 
E 4 HOH 46  217 49  HOH HOH A . 
E 4 HOH 47  218 50  HOH HOH A . 
E 4 HOH 48  219 51  HOH HOH A . 
E 4 HOH 49  220 52  HOH HOH A . 
E 4 HOH 50  221 53  HOH HOH A . 
E 4 HOH 51  222 54  HOH HOH A . 
E 4 HOH 52  223 55  HOH HOH A . 
E 4 HOH 53  224 56  HOH HOH A . 
E 4 HOH 54  225 57  HOH HOH A . 
E 4 HOH 55  226 58  HOH HOH A . 
E 4 HOH 56  227 59  HOH HOH A . 
E 4 HOH 57  228 60  HOH HOH A . 
E 4 HOH 58  229 61  HOH HOH A . 
E 4 HOH 59  230 62  HOH HOH A . 
E 4 HOH 60  231 63  HOH HOH A . 
E 4 HOH 61  232 64  HOH HOH A . 
E 4 HOH 62  233 65  HOH HOH A . 
E 4 HOH 63  234 66  HOH HOH A . 
E 4 HOH 64  235 67  HOH HOH A . 
E 4 HOH 65  236 68  HOH HOH A . 
E 4 HOH 66  237 69  HOH HOH A . 
E 4 HOH 67  238 70  HOH HOH A . 
E 4 HOH 68  239 71  HOH HOH A . 
E 4 HOH 69  240 72  HOH HOH A . 
E 4 HOH 70  241 73  HOH HOH A . 
E 4 HOH 71  242 74  HOH HOH A . 
E 4 HOH 72  243 75  HOH HOH A . 
E 4 HOH 73  244 76  HOH HOH A . 
E 4 HOH 74  245 77  HOH HOH A . 
E 4 HOH 75  246 78  HOH HOH A . 
E 4 HOH 76  247 79  HOH HOH A . 
E 4 HOH 77  248 80  HOH HOH A . 
E 4 HOH 78  249 81  HOH HOH A . 
E 4 HOH 79  250 82  HOH HOH A . 
E 4 HOH 80  251 83  HOH HOH A . 
E 4 HOH 81  252 84  HOH HOH A . 
E 4 HOH 82  253 85  HOH HOH A . 
E 4 HOH 83  254 86  HOH HOH A . 
E 4 HOH 84  255 87  HOH HOH A . 
E 4 HOH 85  256 88  HOH HOH A . 
E 4 HOH 86  257 89  HOH HOH A . 
E 4 HOH 87  258 90  HOH HOH A . 
E 4 HOH 88  259 91  HOH HOH A . 
E 4 HOH 89  260 92  HOH HOH A . 
E 4 HOH 90  261 93  HOH HOH A . 
E 4 HOH 91  262 94  HOH HOH A . 
E 4 HOH 92  263 95  HOH HOH A . 
E 4 HOH 93  264 96  HOH HOH A . 
E 4 HOH 94  265 97  HOH HOH A . 
E 4 HOH 95  266 98  HOH HOH A . 
E 4 HOH 96  267 99  HOH HOH A . 
E 4 HOH 97  268 100 HOH HOH A . 
E 4 HOH 98  269 101 HOH HOH A . 
E 4 HOH 99  270 102 HOH HOH A . 
E 4 HOH 100 271 103 HOH HOH A . 
E 4 HOH 101 272 104 HOH HOH A . 
E 4 HOH 102 273 105 HOH HOH A . 
E 4 HOH 103 274 106 HOH HOH A . 
E 4 HOH 104 275 107 HOH HOH A . 
E 4 HOH 105 276 108 HOH HOH A . 
E 4 HOH 106 277 109 HOH HOH A . 
E 4 HOH 107 278 110 HOH HOH A . 
E 4 HOH 108 279 111 HOH HOH A . 
E 4 HOH 109 280 112 HOH HOH A . 
E 4 HOH 110 281 113 HOH HOH A . 
E 4 HOH 111 282 114 HOH HOH A . 
E 4 HOH 112 283 115 HOH HOH A . 
E 4 HOH 113 284 116 HOH HOH A . 
E 4 HOH 114 285 117 HOH HOH A . 
E 4 HOH 115 286 118 HOH HOH A . 
E 4 HOH 116 287 119 HOH HOH A . 
E 4 HOH 117 288 120 HOH HOH A . 
E 4 HOH 118 289 121 HOH HOH A . 
E 4 HOH 119 290 122 HOH HOH A . 
E 4 HOH 120 291 123 HOH HOH A . 
E 4 HOH 121 292 124 HOH HOH A . 
E 4 HOH 122 293 125 HOH HOH A . 
E 4 HOH 123 294 126 HOH HOH A . 
E 4 HOH 124 295 127 HOH HOH A . 
E 4 HOH 125 296 128 HOH HOH A . 
E 4 HOH 126 297 129 HOH HOH A . 
E 4 HOH 127 298 130 HOH HOH A . 
E 4 HOH 128 299 131 HOH HOH A . 
E 4 HOH 129 300 132 HOH HOH A . 
E 4 HOH 130 301 133 HOH HOH A . 
E 4 HOH 131 302 134 HOH HOH A . 
E 4 HOH 132 303 135 HOH HOH A . 
E 4 HOH 133 304 136 HOH HOH A . 
E 4 HOH 134 305 137 HOH HOH A . 
E 4 HOH 135 306 138 HOH HOH A . 
E 4 HOH 136 307 139 HOH HOH A . 
E 4 HOH 137 308 140 HOH HOH A . 
E 4 HOH 138 309 141 HOH HOH A . 
E 4 HOH 139 310 142 HOH HOH A . 
E 4 HOH 140 311 143 HOH HOH A . 
E 4 HOH 141 312 144 HOH HOH A . 
E 4 HOH 142 313 145 HOH HOH A . 
E 4 HOH 143 314 146 HOH HOH A . 
E 4 HOH 144 315 147 HOH HOH A . 
E 4 HOH 145 316 148 HOH HOH A . 
E 4 HOH 146 317 149 HOH HOH A . 
E 4 HOH 147 318 150 HOH HOH A . 
E 4 HOH 148 319 151 HOH HOH A . 
E 4 HOH 149 320 152 HOH HOH A . 
E 4 HOH 150 321 153 HOH HOH A . 
E 4 HOH 151 322 154 HOH HOH A . 
E 4 HOH 152 323 155 HOH HOH A . 
E 4 HOH 153 324 156 HOH HOH A . 
E 4 HOH 154 325 157 HOH HOH A . 
E 4 HOH 155 326 158 HOH HOH A . 
E 4 HOH 156 327 159 HOH HOH A . 
E 4 HOH 157 328 160 HOH HOH A . 
E 4 HOH 158 329 161 HOH HOH A . 
E 4 HOH 159 330 162 HOH HOH A . 
E 4 HOH 160 331 163 HOH HOH A . 
E 4 HOH 161 332 164 HOH HOH A . 
E 4 HOH 162 333 165 HOH HOH A . 
E 4 HOH 163 334 166 HOH HOH A . 
E 4 HOH 164 335 167 HOH HOH A . 
E 4 HOH 165 336 168 HOH HOH A . 
E 4 HOH 166 337 169 HOH HOH A . 
E 4 HOH 167 338 170 HOH HOH A . 
E 4 HOH 168 339 172 HOH HOH A . 
E 4 HOH 169 340 173 HOH HOH A . 
E 4 HOH 170 341 174 HOH HOH A . 
E 4 HOH 171 342 175 HOH HOH A . 
E 4 HOH 172 343 176 HOH HOH A . 
# 
loop_
_pdbx_unobs_or_zero_occ_atoms.id 
_pdbx_unobs_or_zero_occ_atoms.PDB_model_num 
_pdbx_unobs_or_zero_occ_atoms.polymer_flag 
_pdbx_unobs_or_zero_occ_atoms.occupancy_flag 
_pdbx_unobs_or_zero_occ_atoms.auth_asym_id 
_pdbx_unobs_or_zero_occ_atoms.auth_comp_id 
_pdbx_unobs_or_zero_occ_atoms.auth_seq_id 
_pdbx_unobs_or_zero_occ_atoms.PDB_ins_code 
_pdbx_unobs_or_zero_occ_atoms.auth_atom_id 
_pdbx_unobs_or_zero_occ_atoms.label_alt_id 
_pdbx_unobs_or_zero_occ_atoms.label_asym_id 
_pdbx_unobs_or_zero_occ_atoms.label_comp_id 
_pdbx_unobs_or_zero_occ_atoms.label_seq_id 
_pdbx_unobs_or_zero_occ_atoms.label_atom_id 
1  1 Y 1 A LYS 19  ? CD  ? A LYS 31  CD  
2  1 Y 1 A LYS 19  ? CE  ? A LYS 31  CE  
3  1 Y 1 A LYS 19  ? NZ  ? A LYS 31  NZ  
4  1 Y 1 A LYS 53  ? CE  ? A LYS 65  CE  
5  1 Y 1 A LYS 53  ? NZ  ? A LYS 65  NZ  
6  1 Y 1 A LYS 70  ? CE  ? A LYS 82  CE  
7  1 Y 1 A LYS 70  ? NZ  ? A LYS 82  NZ  
8  1 Y 1 A LYS 71  ? NZ  ? A LYS 83  NZ  
9  1 Y 1 A ARG 80  ? NE  ? A ARG 92  NE  
10 1 Y 1 A ARG 80  ? CZ  ? A ARG 92  CZ  
11 1 Y 1 A ARG 80  ? NH1 ? A ARG 92  NH1 
12 1 Y 1 A ARG 80  ? NH2 ? A ARG 92  NH2 
13 1 Y 1 A GLY 168 ? CA  ? A GLY 180 CA  
14 1 Y 1 A GLY 168 ? C   ? A GLY 180 C   
15 1 Y 1 A GLY 168 ? O   ? A GLY 180 O   
# 
loop_
_software.name 
_software.classification 
_software.version 
_software.citation_id 
_software.pdbx_ordinal 
MOSFLM  'data reduction' .         ? 1 
SCALA   'data scaling'   '4.2)'    ? 2 
SOLVE   phasing          .         ? 3 
RESOLVE 'model building' .         ? 4 
REFMAC  refinement       5.2.0000  ? 5 
CCP4    'data scaling'   '(SCALA)' ? 6 
RESOLVE phasing          .         ? 7 
# 
_cell.length_a           50.891 
_cell.length_b           50.891 
_cell.length_c           121.430 
_cell.angle_alpha        90.00 
_cell.angle_beta         90.00 
_cell.angle_gamma        90.00 
_cell.entry_id           1VJF 
_cell.pdbx_unique_axis   ? 
_cell.Z_PDB              8 
# 
_symmetry.space_group_name_H-M             'P 43 21 2' 
_symmetry.entry_id                         1VJF 
_symmetry.pdbx_full_space_group_name_H-M   ? 
_symmetry.Int_Tables_number                96 
_symmetry.cell_setting                     ? 
# 
_exptl.crystals_number   1 
_exptl.method            'X-RAY DIFFRACTION' 
_exptl.entry_id          1VJF 
# 
_exptl_crystal.id                    1 
_exptl_crystal.density_percent_sol   33.73 
_exptl_crystal.density_Matthews      1.87 
_exptl_crystal.density_meas          ? 
_exptl_crystal.description           ? 
# 
_exptl_crystal_grow.crystal_id      1 
_exptl_crystal_grow.method          'VAPOR DIFFUSION,SITTING DROP,NANODROP' 
_exptl_crystal_grow.pH              7.8 
_exptl_crystal_grow.temp            277 
_exptl_crystal_grow.pdbx_details    
'1.0M sodium citrate, 0.1M Tris pH 7.0, 0.2M NaCl, pH 7.8, VAPOR DIFFUSION,SITTING DROP,NANODROP, temperature 277K' 
_exptl_crystal_grow.temp_details    ? 
_exptl_crystal_grow.pdbx_pH_range   . 
# 
_diffrn.id                     1 
_diffrn.ambient_temp           100 
_diffrn.ambient_temp_details   ? 
_diffrn.crystal_id             1 
# 
_diffrn_detector.diffrn_id              1 
_diffrn_detector.detector               CCD 
_diffrn_detector.type                   ADSC 
_diffrn_detector.details                ? 
_diffrn_detector.pdbx_collection_date   2003-10-01 
# 
_diffrn_radiation.diffrn_id                        1 
_diffrn_radiation.pdbx_monochromatic_or_laue_m_l   M 
_diffrn_radiation.monochromator                    'Double Crystal Si(111)' 
_diffrn_radiation.pdbx_diffrn_protocol             MAD 
_diffrn_radiation.wavelength_id                    1 
_diffrn_radiation.pdbx_scattering_type             x-ray 
# 
loop_
_diffrn_radiation_wavelength.id 
_diffrn_radiation_wavelength.wavelength 
_diffrn_radiation_wavelength.wt 
1 1.0000 1.0 
2 0.9796 1.0 
3 0.9794 1.0 
# 
_diffrn_source.diffrn_id                   1 
_diffrn_source.source                      SYNCHROTRON 
_diffrn_source.pdbx_synchrotron_site       ALS 
_diffrn_source.pdbx_synchrotron_beamline   8.2.2 
_diffrn_source.type                        'ALS BEAMLINE 8.2.2' 
_diffrn_source.pdbx_wavelength_list        '1.0000, 0.9796, 0.9794' 
_diffrn_source.pdbx_wavelength             ? 
# 
_reflns.observed_criterion_sigma_F   ? 
_reflns.observed_criterion_sigma_I   ? 
_reflns.d_resolution_high            1.620 
_reflns.d_resolution_low             60.72 
_reflns.number_obs                   20981 
_reflns.percent_possible_obs         99.4 
_reflns.pdbx_Rmerge_I_obs            ? 
_reflns.pdbx_netI_over_sigmaI        19.3 
_reflns.B_iso_Wilson_estimate        25.41 
_reflns.pdbx_redundancy              7.7 
_reflns.pdbx_Rsym_value              0.059 
_reflns.entry_id                     1VJF 
_reflns.number_all                   ? 
_reflns.R_free_details               ? 
_reflns.limit_h_max                  ? 
_reflns.limit_h_min                  ? 
_reflns.limit_k_max                  ? 
_reflns.limit_k_min                  ? 
_reflns.limit_l_max                  ? 
_reflns.limit_l_min                  ? 
_reflns.observed_criterion_F_max     ? 
_reflns.observed_criterion_F_min     ? 
_reflns.pdbx_ordinal                 1 
_reflns.pdbx_diffrn_id               1 
# 
_reflns_shell.d_res_high             1.62 
_reflns_shell.d_res_low              1.66 
_reflns_shell.percent_possible_all   98.6 
_reflns_shell.pdbx_Rsym_value        0.562 
_reflns_shell.pdbx_redundancy        7.9 
_reflns_shell.number_unique_all      1498 
_reflns_shell.meanI_over_sigI_obs    3.7 
_reflns_shell.Rmerge_I_obs           ? 
_reflns_shell.percent_possible_obs   ? 
_reflns_shell.pdbx_ordinal           1 
_reflns_shell.pdbx_diffrn_id         1 
# 
_refine.ls_d_res_high                            1.62 
_refine.ls_d_res_low                             46.94 
_refine.pdbx_ls_sigma_F                          ? 
_refine.pdbx_ls_sigma_I                          ? 
_refine.ls_number_reflns_obs                     19865 
_refine.ls_number_reflns_R_free                  1077 
_refine.ls_percent_reflns_R_free                 5.1 
_refine.ls_percent_reflns_obs                    99.15 
_refine.ls_R_factor_obs                          0.146 
_refine.ls_R_factor_R_work                       0.14488 
_refine.ls_R_factor_R_free                       0.16673 
_refine.pdbx_R_Free_selection_details            RANDOM 
_refine.pdbx_stereochemistry_target_values       'MAXIMUM LIKELIHOOD WITH PHASES' 
_refine.pdbx_method_to_determine_struct          MAD 
_refine.pdbx_starting_model                      ? 
_refine.pdbx_ls_cross_valid_method               THROUGHOUT 
_refine.B_iso_mean                               17.787 
_refine.aniso_B[1][1]                            0.24 
_refine.aniso_B[2][2]                            0.24 
_refine.aniso_B[3][3]                            -0.49 
_refine.aniso_B[1][2]                            0.00 
_refine.aniso_B[1][3]                            0.00 
_refine.aniso_B[2][3]                            0.00 
_refine.details                                  'HYDROGENS HAVE BEEN ADDED IN THE RIDING POSITIONS' 
_refine.pdbx_overall_ESU_R                       0.079 
_refine.pdbx_overall_ESU_R_Free                  0.076 
_refine.overall_SU_ML                            0.047 
_refine.overall_SU_B                             2.609 
_refine.correlation_coeff_Fo_to_Fc               0.972 
_refine.correlation_coeff_Fo_to_Fc_free          0.967 
_refine.solvent_model_details                    'BABINET MODEL WITH MASK' 
_refine.pdbx_solvent_vdw_probe_radii             1.20 
_refine.pdbx_solvent_ion_probe_radii             0.80 
_refine.pdbx_solvent_shrinkage_radii             0.80 
_refine.entry_id                                 1VJF 
_refine.ls_R_factor_all                          ? 
_refine.ls_number_reflns_all                     ? 
_refine.ls_redundancy_reflns_obs                 ? 
_refine.pdbx_data_cutoff_high_absF               ? 
_refine.pdbx_data_cutoff_low_absF                ? 
_refine.ls_number_parameters                     ? 
_refine.ls_number_restraints                     ? 
_refine.ls_R_factor_R_free_error                 ? 
_refine.ls_R_factor_R_free_error_details         ? 
_refine.pdbx_isotropic_thermal_model             ? 
_refine.pdbx_stereochem_target_val_spec_case     ? 
_refine.solvent_model_param_bsol                 ? 
_refine.solvent_model_param_ksol                 ? 
_refine.occupancy_max                            ? 
_refine.occupancy_min                            ? 
_refine.pdbx_data_cutoff_high_rms_absF           ? 
_refine.B_iso_min                                ? 
_refine.B_iso_max                                ? 
_refine.overall_SU_R_Cruickshank_DPI             ? 
_refine.overall_SU_R_free                        ? 
_refine.pdbx_refine_id                           'X-RAY DIFFRACTION' 
_refine.pdbx_diffrn_id                           1 
_refine.pdbx_TLS_residual_ADP_flag               ? 
_refine.pdbx_overall_phase_error                 ? 
_refine.pdbx_overall_SU_R_free_Cruickshank_DPI   ? 
_refine.pdbx_overall_SU_R_Blow_DPI               ? 
_refine.pdbx_overall_SU_R_free_Blow_DPI          ? 
# 
_refine_hist.pdbx_refine_id                   'X-RAY DIFFRACTION' 
_refine_hist.cycle_id                         LAST 
_refine_hist.pdbx_number_atoms_protein        1270 
_refine_hist.pdbx_number_atoms_nucleic_acid   0 
_refine_hist.pdbx_number_atoms_ligand         13 
_refine_hist.number_atoms_solvent             172 
_refine_hist.number_atoms_total               1455 
_refine_hist.d_res_high                       1.62 
_refine_hist.d_res_low                        46.94 
# 
loop_
_refine_ls_restr.type 
_refine_ls_restr.number 
_refine_ls_restr.dev_ideal 
_refine_ls_restr.dev_ideal_target 
_refine_ls_restr.weight 
_refine_ls_restr.pdbx_refine_id 
_refine_ls_restr.pdbx_restraint_function 
r_bond_refined_d         1350 0.015  0.022  ? 'X-RAY DIFFRACTION' ? 
r_bond_other_d           1282 0.001  0.020  ? 'X-RAY DIFFRACTION' ? 
r_angle_refined_deg      1828 1.568  1.956  ? 'X-RAY DIFFRACTION' ? 
r_angle_other_deg        2977 0.819  3.000  ? 'X-RAY DIFFRACTION' ? 
r_dihedral_angle_1_deg   168  6.329  5.000  ? 'X-RAY DIFFRACTION' ? 
r_dihedral_angle_2_deg   58   35.746 24.310 ? 'X-RAY DIFFRACTION' ? 
r_dihedral_angle_3_deg   236  12.469 15.000 ? 'X-RAY DIFFRACTION' ? 
r_dihedral_angle_4_deg   7    15.666 15.000 ? 'X-RAY DIFFRACTION' ? 
r_chiral_restr           214  0.097  0.200  ? 'X-RAY DIFFRACTION' ? 
r_gen_planes_refined     1473 0.007  0.020  ? 'X-RAY DIFFRACTION' ? 
r_gen_planes_other       261  0.001  0.020  ? 'X-RAY DIFFRACTION' ? 
r_nbd_refined            240  0.218  0.200  ? 'X-RAY DIFFRACTION' ? 
r_nbd_other              1233 0.172  0.200  ? 'X-RAY DIFFRACTION' ? 
r_nbtor_other            807  0.084  0.200  ? 'X-RAY DIFFRACTION' ? 
r_xyhbond_nbd_refined    118  0.150  0.200  ? 'X-RAY DIFFRACTION' ? 
r_symmetry_vdw_refined   15   0.165  0.200  ? 'X-RAY DIFFRACTION' ? 
r_symmetry_vdw_other     46   0.220  0.200  ? 'X-RAY DIFFRACTION' ? 
r_symmetry_hbond_refined 22   0.141  0.200  ? 'X-RAY DIFFRACTION' ? 
r_mcbond_it              900  2.375  3.000  ? 'X-RAY DIFFRACTION' ? 
r_mcbond_other           344  0.541  3.000  ? 'X-RAY DIFFRACTION' ? 
r_mcangle_it             1362 2.678  5.000  ? 'X-RAY DIFFRACTION' ? 
r_scbond_it              541  4.431  8.000  ? 'X-RAY DIFFRACTION' ? 
r_scangle_it             465  5.989  11.000 ? 'X-RAY DIFFRACTION' ? 
# 
_refine_ls_shell.pdbx_total_number_of_bins_used   20 
_refine_ls_shell.d_res_high                       1.620 
_refine_ls_shell.d_res_low                        1.662 
_refine_ls_shell.percent_reflns_obs               ? 
_refine_ls_shell.number_reflns_R_work             1424 
_refine_ls_shell.R_factor_R_work                  0.185 
_refine_ls_shell.percent_reflns_R_free            4.75 
_refine_ls_shell.number_reflns_R_free             71 
_refine_ls_shell.R_factor_R_free                  0.249 
_refine_ls_shell.R_factor_R_free_error            ? 
_refine_ls_shell.redundancy_reflns_obs            ? 
_refine_ls_shell.number_reflns_all                ? 
_refine_ls_shell.number_reflns_obs                ? 
_refine_ls_shell.pdbx_refine_id                   'X-RAY DIFFRACTION' 
_refine_ls_shell.R_factor_all                     ? 
# 
_struct.entry_id                  1VJF 
_struct.title                     
'CRYSTAL STRUCTURE OF A PUTATIVE DNA-BINDING PROTEIN (CC_0111) FROM CAULOBACTER CRESCENTUS CB15 AT 1.62 A RESOLUTION' 
_struct.pdbx_model_details        ? 
_struct.pdbx_CASP_flag            ? 
_struct.pdbx_model_type_details   ? 
# 
_struct_keywords.text            
'DNA BINDING PROTEIN, STRUCTURAL GENOMICS, JOINT CENTER FOR STRUCTURAL GENOMICS, JCSG, PROTEIN STRUCTURE INITIATIVE, PSI' 
_struct_keywords.pdbx_keywords   'DNA BINDING PROTEIN' 
_struct_keywords.entry_id        1VJF 
# 
loop_
_struct_asym.id 
_struct_asym.pdbx_blank_PDB_chainid_flag 
_struct_asym.pdbx_modified 
_struct_asym.entity_id 
_struct_asym.details 
A N N 1 ? 
B N N 2 ? 
C N N 3 ? 
D N N 3 ? 
E N N 4 ? 
# 
_struct_ref.id                         1 
_struct_ref.db_name                    UNP 
_struct_ref.db_code                    Q9ABV9_CAUCR 
_struct_ref.pdbx_db_accession          Q9ABV9 
_struct_ref.entity_id                  1 
_struct_ref.pdbx_seq_one_letter_code   
;MKTRADLFAFFDAHGVDHKTLDHPPVFRVEEGLEIKAAMPGGHTKNLFLKDAKGQLWLISALGETTIDLKKLHHVIGSGR
LSFGPQEMMLETLGVTPGSVTAFGLINDTEKRVRFVLDKALADSDPVNFHPLKNDATTAVSQAGLRRFLAALGVEPMIVD
FAAMEVVG
;
_struct_ref.pdbx_align_begin           1 
_struct_ref.pdbx_db_isoform            ? 
# 
_struct_ref_seq.align_id                      1 
_struct_ref_seq.ref_id                        1 
_struct_ref_seq.pdbx_PDB_id_code              1VJF 
_struct_ref_seq.pdbx_strand_id                A 
_struct_ref_seq.seq_align_beg                 13 
_struct_ref_seq.pdbx_seq_align_beg_ins_code   ? 
_struct_ref_seq.seq_align_end                 180 
_struct_ref_seq.pdbx_seq_align_end_ins_code   ? 
_struct_ref_seq.pdbx_db_accession             Q9ABV9 
_struct_ref_seq.db_align_beg                  1 
_struct_ref_seq.pdbx_db_align_beg_ins_code    ? 
_struct_ref_seq.db_align_end                  168 
_struct_ref_seq.pdbx_db_align_end_ins_code    ? 
_struct_ref_seq.pdbx_auth_seq_align_beg       1 
_struct_ref_seq.pdbx_auth_seq_align_end       168 
# 
loop_
_struct_ref_seq_dif.align_id 
_struct_ref_seq_dif.pdbx_pdb_id_code 
_struct_ref_seq_dif.mon_id 
_struct_ref_seq_dif.pdbx_pdb_strand_id 
_struct_ref_seq_dif.seq_num 
_struct_ref_seq_dif.pdbx_pdb_ins_code 
_struct_ref_seq_dif.pdbx_seq_db_name 
_struct_ref_seq_dif.pdbx_seq_db_accession_code 
_struct_ref_seq_dif.db_mon_id 
_struct_ref_seq_dif.pdbx_seq_db_seq_num 
_struct_ref_seq_dif.details 
_struct_ref_seq_dif.pdbx_auth_seq_num 
_struct_ref_seq_dif.pdbx_ordinal 
1 1VJF MET A 1   ? UNP Q9ABV9 ?   ?   'expression tag'   -11 1  
1 1VJF GLY A 2   ? UNP Q9ABV9 ?   ?   'expression tag'   -10 2  
1 1VJF SER A 3   ? UNP Q9ABV9 ?   ?   'expression tag'   -9  3  
1 1VJF ASP A 4   ? UNP Q9ABV9 ?   ?   'expression tag'   -8  4  
1 1VJF LYS A 5   ? UNP Q9ABV9 ?   ?   'expression tag'   -7  5  
1 1VJF ILE A 6   ? UNP Q9ABV9 ?   ?   'expression tag'   -6  6  
1 1VJF HIS A 7   ? UNP Q9ABV9 ?   ?   'expression tag'   -5  7  
1 1VJF HIS A 8   ? UNP Q9ABV9 ?   ?   'expression tag'   -4  8  
1 1VJF HIS A 9   ? UNP Q9ABV9 ?   ?   'expression tag'   -3  9  
1 1VJF HIS A 10  ? UNP Q9ABV9 ?   ?   'expression tag'   -2  10 
1 1VJF HIS A 11  ? UNP Q9ABV9 ?   ?   'expression tag'   -1  11 
1 1VJF HIS A 12  ? UNP Q9ABV9 ?   ?   'expression tag'   0   12 
1 1VJF MSE A 13  ? UNP Q9ABV9 MET ?   'modified residue' 1   13 
1 1VJF MSE A 51  ? UNP Q9ABV9 MET 39  'modified residue' 39  14 
1 1VJF MSE A 100 ? UNP Q9ABV9 MET 88  'modified residue' 88  15 
1 1VJF MSE A 101 ? UNP Q9ABV9 MET 89  'modified residue' 89  16 
1 1VJF MSE A 169 ? UNP Q9ABV9 MET 157 'modified residue' 157 17 
1 1VJF MSE A 176 ? UNP Q9ABV9 MET 164 'modified residue' 164 18 
# 
_pdbx_struct_assembly.id                   1 
_pdbx_struct_assembly.details              author_defined_assembly 
_pdbx_struct_assembly.method_details       ? 
_pdbx_struct_assembly.oligomeric_details   monomeric 
_pdbx_struct_assembly.oligomeric_count     1 
# 
_pdbx_struct_assembly_gen.assembly_id       1 
_pdbx_struct_assembly_gen.oper_expression   1 
_pdbx_struct_assembly_gen.asym_id_list      A,B,C,D,E 
# 
_pdbx_struct_oper_list.id                   1 
_pdbx_struct_oper_list.type                 'identity operation' 
_pdbx_struct_oper_list.name                 1_555 
_pdbx_struct_oper_list.symmetry_operation   x,y,z 
_pdbx_struct_oper_list.matrix[1][1]         1.0000000000 
_pdbx_struct_oper_list.matrix[1][2]         0.0000000000 
_pdbx_struct_oper_list.matrix[1][3]         0.0000000000 
_pdbx_struct_oper_list.vector[1]            0.0000000000 
_pdbx_struct_oper_list.matrix[2][1]         0.0000000000 
_pdbx_struct_oper_list.matrix[2][2]         1.0000000000 
_pdbx_struct_oper_list.matrix[2][3]         0.0000000000 
_pdbx_struct_oper_list.vector[2]            0.0000000000 
_pdbx_struct_oper_list.matrix[3][1]         0.0000000000 
_pdbx_struct_oper_list.matrix[3][2]         0.0000000000 
_pdbx_struct_oper_list.matrix[3][3]         1.0000000000 
_pdbx_struct_oper_list.vector[3]            0.0000000000 
# 
_struct_biol.id   1 
# 
loop_
_struct_conf.conf_type_id 
_struct_conf.id 
_struct_conf.pdbx_PDB_helix_id 
_struct_conf.beg_label_comp_id 
_struct_conf.beg_label_asym_id 
_struct_conf.beg_label_seq_id 
_struct_conf.pdbx_beg_PDB_ins_code 
_struct_conf.end_label_comp_id 
_struct_conf.end_label_asym_id 
_struct_conf.end_label_seq_id 
_struct_conf.pdbx_end_PDB_ins_code 
_struct_conf.beg_auth_comp_id 
_struct_conf.beg_auth_asym_id 
_struct_conf.beg_auth_seq_id 
_struct_conf.end_auth_comp_id 
_struct_conf.end_auth_asym_id 
_struct_conf.end_auth_seq_id 
_struct_conf.pdbx_PDB_helix_class 
_struct_conf.details 
_struct_conf.pdbx_PDB_helix_length 
HELX_P HELX_P1 1 THR A 15  ? GLY A 27  ? THR A 3   GLY A 15  1 ? 13 
HELX_P HELX_P2 2 ARG A 40  ? MSE A 51  ? ARG A 28  MSE A 39  1 ? 12 
HELX_P HELX_P3 3 LYS A 83  ? GLY A 89  ? LYS A 71  GLY A 77  1 ? 7  
HELX_P HELX_P4 4 PRO A 97  ? GLY A 106 ? PRO A 85  GLY A 94  1 ? 10 
HELX_P HELX_P5 5 THR A 113 ? ASP A 120 ? THR A 101 ASP A 108 5 ? 8  
HELX_P HELX_P6 6 LYS A 131 ? ASP A 135 ? LYS A 119 ASP A 123 1 ? 5  
HELX_P HELX_P7 7 SER A 153 ? LEU A 164 ? SER A 141 LEU A 152 1 ? 12 
# 
_struct_conf_type.id          HELX_P 
_struct_conf_type.criteria    ? 
_struct_conf_type.reference   ? 
# 
loop_
_struct_conn.id 
_struct_conn.conn_type_id 
_struct_conn.pdbx_leaving_atom_flag 
_struct_conn.pdbx_PDB_id 
_struct_conn.ptnr1_label_asym_id 
_struct_conn.ptnr1_label_comp_id 
_struct_conn.ptnr1_label_seq_id 
_struct_conn.ptnr1_label_atom_id 
_struct_conn.pdbx_ptnr1_label_alt_id 
_struct_conn.pdbx_ptnr1_PDB_ins_code 
_struct_conn.pdbx_ptnr1_standard_comp_id 
_struct_conn.ptnr1_symmetry 
_struct_conn.ptnr2_label_asym_id 
_struct_conn.ptnr2_label_comp_id 
_struct_conn.ptnr2_label_seq_id 
_struct_conn.ptnr2_label_atom_id 
_struct_conn.pdbx_ptnr2_label_alt_id 
_struct_conn.pdbx_ptnr2_PDB_ins_code 
_struct_conn.ptnr1_auth_asym_id 
_struct_conn.ptnr1_auth_comp_id 
_struct_conn.ptnr1_auth_seq_id 
_struct_conn.ptnr2_auth_asym_id 
_struct_conn.ptnr2_auth_comp_id 
_struct_conn.ptnr2_auth_seq_id 
_struct_conn.ptnr2_symmetry 
_struct_conn.pdbx_ptnr3_label_atom_id 
_struct_conn.pdbx_ptnr3_label_seq_id 
_struct_conn.pdbx_ptnr3_label_comp_id 
_struct_conn.pdbx_ptnr3_label_asym_id 
_struct_conn.pdbx_ptnr3_label_alt_id 
_struct_conn.pdbx_ptnr3_PDB_ins_code 
_struct_conn.details 
_struct_conn.pdbx_dist_value 
_struct_conn.pdbx_value_order 
_struct_conn.pdbx_role 
covale1  covale both ? A MSE 13  C ? ? ? 1_555 A LYS 14  N ? ? A MSE 1   A LYS 2   1_555 ? ? ? ? ? ? ? 1.327 ? ? 
covale2  covale both ? A ALA 50  C ? ? ? 1_555 A MSE 51  N ? ? A ALA 38  A MSE 39  1_555 ? ? ? ? ? ? ? 1.328 ? ? 
covale3  covale both ? A MSE 51  C ? ? ? 1_555 A PRO 52  N ? ? A MSE 39  A PRO 40  1_555 ? ? ? ? ? ? ? 1.325 ? ? 
covale4  covale both ? A GLU 99  C ? ? ? 1_555 A MSE 100 N ? ? A GLU 87  A MSE 88  1_555 ? ? ? ? ? ? ? 1.326 ? ? 
covale5  covale both ? A MSE 100 C ? ? ? 1_555 A MSE 101 N ? ? A MSE 88  A MSE 89  1_555 ? ? ? ? ? ? ? 1.331 ? ? 
covale6  covale both ? A MSE 101 C ? ? ? 1_555 A LEU 102 N ? ? A MSE 89  A LEU 90  1_555 ? ? ? ? ? ? ? 1.330 ? ? 
covale7  covale both ? A PRO 168 C ? ? ? 1_555 A MSE 169 N ? ? A PRO 156 A MSE 157 1_555 ? ? ? ? ? ? ? 1.323 ? ? 
covale8  covale both ? A MSE 169 C ? ? ? 1_555 A ILE 170 N ? ? A MSE 157 A ILE 158 1_555 ? ? ? ? ? ? ? 1.330 ? ? 
covale9  covale both ? A ALA 175 C ? ? ? 1_555 A MSE 176 N ? ? A ALA 163 A MSE 164 1_555 ? ? ? ? ? ? ? 1.325 ? ? 
covale10 covale both ? A MSE 176 C ? ? ? 1_555 A GLU 177 N ? ? A MSE 164 A GLU 165 1_555 ? ? ? ? ? ? ? 1.336 ? ? 
# 
_struct_conn_type.id          covale 
_struct_conn_type.criteria    ? 
_struct_conn_type.reference   ? 
# 
loop_
_pdbx_modification_feature.ordinal 
_pdbx_modification_feature.label_comp_id 
_pdbx_modification_feature.label_asym_id 
_pdbx_modification_feature.label_seq_id 
_pdbx_modification_feature.label_alt_id 
_pdbx_modification_feature.modified_residue_label_comp_id 
_pdbx_modification_feature.modified_residue_label_asym_id 
_pdbx_modification_feature.modified_residue_label_seq_id 
_pdbx_modification_feature.modified_residue_label_alt_id 
_pdbx_modification_feature.auth_comp_id 
_pdbx_modification_feature.auth_asym_id 
_pdbx_modification_feature.auth_seq_id 
_pdbx_modification_feature.PDB_ins_code 
_pdbx_modification_feature.symmetry 
_pdbx_modification_feature.modified_residue_auth_comp_id 
_pdbx_modification_feature.modified_residue_auth_asym_id 
_pdbx_modification_feature.modified_residue_auth_seq_id 
_pdbx_modification_feature.modified_residue_PDB_ins_code 
_pdbx_modification_feature.modified_residue_symmetry 
_pdbx_modification_feature.comp_id_linking_atom 
_pdbx_modification_feature.modified_residue_id_linking_atom 
_pdbx_modification_feature.modified_residue_id 
_pdbx_modification_feature.ref_pcm_id 
_pdbx_modification_feature.ref_comp_id 
_pdbx_modification_feature.type 
_pdbx_modification_feature.category 
1 MSE A 13  ? . . . . MSE A 1   ? 1_555 . . . . . . . MET 1 MSE Selenomethionine 'Named protein modification' 
2 MSE A 51  ? . . . . MSE A 39  ? 1_555 . . . . . . . MET 1 MSE Selenomethionine 'Named protein modification' 
3 MSE A 100 ? . . . . MSE A 88  ? 1_555 . . . . . . . MET 1 MSE Selenomethionine 'Named protein modification' 
4 MSE A 101 ? . . . . MSE A 89  ? 1_555 . . . . . . . MET 1 MSE Selenomethionine 'Named protein modification' 
5 MSE A 169 ? . . . . MSE A 157 ? 1_555 . . . . . . . MET 1 MSE Selenomethionine 'Named protein modification' 
6 MSE A 176 ? . . . . MSE A 164 ? 1_555 . . . . . . . MET 1 MSE Selenomethionine 'Named protein modification' 
# 
_struct_mon_prot_cis.pdbx_id                1 
_struct_mon_prot_cis.label_comp_id          ASP 
_struct_mon_prot_cis.label_seq_id           137 
_struct_mon_prot_cis.label_asym_id          A 
_struct_mon_prot_cis.label_alt_id           . 
_struct_mon_prot_cis.pdbx_PDB_ins_code      ? 
_struct_mon_prot_cis.auth_comp_id           ASP 
_struct_mon_prot_cis.auth_seq_id            125 
_struct_mon_prot_cis.auth_asym_id           A 
_struct_mon_prot_cis.pdbx_label_comp_id_2   PRO 
_struct_mon_prot_cis.pdbx_label_seq_id_2    138 
_struct_mon_prot_cis.pdbx_label_asym_id_2   A 
_struct_mon_prot_cis.pdbx_PDB_ins_code_2    ? 
_struct_mon_prot_cis.pdbx_auth_comp_id_2    PRO 
_struct_mon_prot_cis.pdbx_auth_seq_id_2     126 
_struct_mon_prot_cis.pdbx_auth_asym_id_2    A 
_struct_mon_prot_cis.pdbx_PDB_model_num     1 
_struct_mon_prot_cis.pdbx_omega_angle       -9.21 
# 
loop_
_struct_sheet.id 
_struct_sheet.type 
_struct_sheet.number_strands 
_struct_sheet.details 
A ? 5 ? 
B ? 8 ? 
# 
loop_
_struct_sheet_order.sheet_id 
_struct_sheet_order.range_id_1 
_struct_sheet_order.range_id_2 
_struct_sheet_order.offset 
_struct_sheet_order.sense 
A 1 2 ? anti-parallel 
A 2 3 ? anti-parallel 
A 3 4 ? parallel      
A 4 5 ? anti-parallel 
B 1 2 ? anti-parallel 
B 2 3 ? anti-parallel 
B 3 4 ? parallel      
B 4 5 ? anti-parallel 
B 5 6 ? parallel      
B 6 7 ? parallel      
B 7 8 ? anti-parallel 
# 
loop_
_struct_sheet_range.sheet_id 
_struct_sheet_range.id 
_struct_sheet_range.beg_label_comp_id 
_struct_sheet_range.beg_label_asym_id 
_struct_sheet_range.beg_label_seq_id 
_struct_sheet_range.pdbx_beg_PDB_ins_code 
_struct_sheet_range.end_label_comp_id 
_struct_sheet_range.end_label_asym_id 
_struct_sheet_range.end_label_seq_id 
_struct_sheet_range.pdbx_end_PDB_ins_code 
_struct_sheet_range.beg_auth_comp_id 
_struct_sheet_range.beg_auth_asym_id 
_struct_sheet_range.beg_auth_seq_id 
_struct_sheet_range.end_auth_comp_id 
_struct_sheet_range.end_auth_asym_id 
_struct_sheet_range.end_auth_seq_id 
A 1 LYS A 31  ? ASP A 34  ? LYS A 19  ASP A 22  
A 2 ALA A 148 ? VAL A 152 ? ALA A 136 VAL A 140 
A 3 VAL A 139 ? PHE A 141 ? VAL A 127 PHE A 129 
A 4 GLY A 54  ? ASP A 63  ? GLY A 42  ASP A 51  
A 5 LEU A 93  ? PHE A 95  ? LEU A 81  PHE A 83  
B 1 LYS A 31  ? ASP A 34  ? LYS A 19  ASP A 22  
B 2 ALA A 148 ? VAL A 152 ? ALA A 136 VAL A 140 
B 3 VAL A 139 ? PHE A 141 ? VAL A 127 PHE A 129 
B 4 GLY A 54  ? ASP A 63  ? GLY A 42  ASP A 51  
B 5 LEU A 68  ? LEU A 74  ? LEU A 56  LEU A 62  
B 6 VAL A 125 ? ASP A 130 ? VAL A 113 ASP A 118 
B 7 MSE A 169 ? ASP A 172 ? MSE A 157 ASP A 160 
B 8 GLU A 177 ? VAL A 179 ? GLU A 165 VAL A 167 
# 
loop_
_pdbx_struct_sheet_hbond.sheet_id 
_pdbx_struct_sheet_hbond.range_id_1 
_pdbx_struct_sheet_hbond.range_id_2 
_pdbx_struct_sheet_hbond.range_1_label_atom_id 
_pdbx_struct_sheet_hbond.range_1_label_comp_id 
_pdbx_struct_sheet_hbond.range_1_label_asym_id 
_pdbx_struct_sheet_hbond.range_1_label_seq_id 
_pdbx_struct_sheet_hbond.range_1_PDB_ins_code 
_pdbx_struct_sheet_hbond.range_1_auth_atom_id 
_pdbx_struct_sheet_hbond.range_1_auth_comp_id 
_pdbx_struct_sheet_hbond.range_1_auth_asym_id 
_pdbx_struct_sheet_hbond.range_1_auth_seq_id 
_pdbx_struct_sheet_hbond.range_2_label_atom_id 
_pdbx_struct_sheet_hbond.range_2_label_comp_id 
_pdbx_struct_sheet_hbond.range_2_label_asym_id 
_pdbx_struct_sheet_hbond.range_2_label_seq_id 
_pdbx_struct_sheet_hbond.range_2_PDB_ins_code 
_pdbx_struct_sheet_hbond.range_2_auth_atom_id 
_pdbx_struct_sheet_hbond.range_2_auth_comp_id 
_pdbx_struct_sheet_hbond.range_2_auth_asym_id 
_pdbx_struct_sheet_hbond.range_2_auth_seq_id 
A 1 2 N LYS A 31  ? N LYS A 19  O ALA A 151 ? O ALA A 139 
A 2 3 O THR A 150 ? O THR A 138 N PHE A 141 ? N PHE A 129 
A 3 4 O ASN A 140 ? O ASN A 128 N GLY A 54  ? N GLY A 42  
A 4 5 N LYS A 62  ? N LYS A 50  O SER A 94  ? O SER A 82  
B 1 2 N LYS A 31  ? N LYS A 19  O ALA A 151 ? O ALA A 139 
B 2 3 O THR A 150 ? O THR A 138 N PHE A 141 ? N PHE A 129 
B 3 4 O ASN A 140 ? O ASN A 128 N GLY A 54  ? N GLY A 42  
B 4 5 N LEU A 61  ? N LEU A 49  O TRP A 69  ? O TRP A 57  
B 5 6 N SER A 72  ? N SER A 60  O ASP A 130 ? O ASP A 118 
B 6 7 N LEU A 129 ? N LEU A 117 O MSE A 169 ? O MSE A 157 
B 7 8 N ILE A 170 ? N ILE A 158 O VAL A 179 ? O VAL A 167 
# 
loop_
_struct_site.id 
_struct_site.pdbx_evidence_code 
_struct_site.pdbx_auth_asym_id 
_struct_site.pdbx_auth_comp_id 
_struct_site.pdbx_auth_seq_id 
_struct_site.pdbx_auth_ins_code 
_struct_site.pdbx_num_residues 
_struct_site.details 
AC1 Software A CL  169 ? 4 'BINDING SITE FOR RESIDUE CL A 169'  
AC2 Software A GOL 170 ? 8 'BINDING SITE FOR RESIDUE GOL A 170' 
AC3 Software A GOL 171 ? 8 'BINDING SITE FOR RESIDUE GOL A 171' 
# 
loop_
_struct_site_gen.id 
_struct_site_gen.site_id 
_struct_site_gen.pdbx_num_res 
_struct_site_gen.label_comp_id 
_struct_site_gen.label_asym_id 
_struct_site_gen.label_seq_id 
_struct_site_gen.pdbx_auth_ins_code 
_struct_site_gen.auth_comp_id 
_struct_site_gen.auth_asym_id 
_struct_site_gen.auth_seq_id 
_struct_site_gen.label_atom_id 
_struct_site_gen.label_alt_id 
_struct_site_gen.symmetry 
_struct_site_gen.details 
1  AC1 4 SER A 153 ? SER A 141 . ? 1_555 ? 
2  AC1 4 ARG A 159 ? ARG A 147 . ? 1_555 ? 
3  AC1 4 HOH E .   ? HOH A 179 . ? 6_556 ? 
4  AC1 4 HOH E .   ? HOH A 196 . ? 1_555 ? 
5  AC2 8 LYS A 48  ? LYS A 36  . ? 1_555 ? 
6  AC2 8 HIS A 142 ? HIS A 130 . ? 1_555 ? 
7  AC2 8 HOH E .   ? HOH A 177 . ? 1_555 ? 
8  AC2 8 HOH E .   ? HOH A 190 . ? 1_555 ? 
9  AC2 8 HOH E .   ? HOH A 193 . ? 1_555 ? 
10 AC2 8 HOH E .   ? HOH A 204 . ? 6_456 ? 
11 AC2 8 HOH E .   ? HOH A 254 . ? 1_555 ? 
12 AC2 8 HOH E .   ? HOH A 255 . ? 1_555 ? 
13 AC3 8 LYS A 123 ? LYS A 111 . ? 1_555 ? 
14 AC3 8 VAL A 125 ? VAL A 113 . ? 1_555 ? 
15 AC3 8 ARG A 126 ? ARG A 114 . ? 1_555 ? 
16 AC3 8 GLY A 165 ? GLY A 153 . ? 1_555 ? 
17 AC3 8 VAL A 166 ? VAL A 154 . ? 1_555 ? 
18 AC3 8 GLU A 167 ? GLU A 155 . ? 1_555 ? 
19 AC3 8 HOH E .   ? HOH A 211 . ? 1_555 ? 
20 AC3 8 HOH E .   ? HOH A 218 . ? 1_555 ? 
# 
_pdbx_entry_details.entry_id                   1VJF 
_pdbx_entry_details.compound_details           ? 
_pdbx_entry_details.source_details             ? 
_pdbx_entry_details.nonpolymer_details         ? 
_pdbx_entry_details.sequence_details           ? 
_pdbx_entry_details.has_ligand_of_interest     ? 
_pdbx_entry_details.has_protein_modification   Y 
# 
_pdbx_validate_rmsd_angle.id                         1 
_pdbx_validate_rmsd_angle.PDB_model_num              1 
_pdbx_validate_rmsd_angle.auth_atom_id_1             NE 
_pdbx_validate_rmsd_angle.auth_asym_id_1             A 
_pdbx_validate_rmsd_angle.auth_comp_id_1             ARG 
_pdbx_validate_rmsd_angle.auth_seq_id_1              147 
_pdbx_validate_rmsd_angle.PDB_ins_code_1             ? 
_pdbx_validate_rmsd_angle.label_alt_id_1             ? 
_pdbx_validate_rmsd_angle.auth_atom_id_2             CZ 
_pdbx_validate_rmsd_angle.auth_asym_id_2             A 
_pdbx_validate_rmsd_angle.auth_comp_id_2             ARG 
_pdbx_validate_rmsd_angle.auth_seq_id_2              147 
_pdbx_validate_rmsd_angle.PDB_ins_code_2             ? 
_pdbx_validate_rmsd_angle.label_alt_id_2             ? 
_pdbx_validate_rmsd_angle.auth_atom_id_3             NH1 
_pdbx_validate_rmsd_angle.auth_asym_id_3             A 
_pdbx_validate_rmsd_angle.auth_comp_id_3             ARG 
_pdbx_validate_rmsd_angle.auth_seq_id_3              147 
_pdbx_validate_rmsd_angle.PDB_ins_code_3             ? 
_pdbx_validate_rmsd_angle.label_alt_id_3             ? 
_pdbx_validate_rmsd_angle.angle_value                125.03 
_pdbx_validate_rmsd_angle.angle_target_value         120.30 
_pdbx_validate_rmsd_angle.angle_deviation            4.73 
_pdbx_validate_rmsd_angle.angle_standard_deviation   0.50 
_pdbx_validate_rmsd_angle.linker_flag                N 
# 
_pdbx_validate_torsion.id              1 
_pdbx_validate_torsion.PDB_model_num   1 
_pdbx_validate_torsion.auth_comp_id    LEU 
_pdbx_validate_torsion.auth_asym_id    A 
_pdbx_validate_torsion.auth_seq_id     132 
_pdbx_validate_torsion.PDB_ins_code    ? 
_pdbx_validate_torsion.label_alt_id    ? 
_pdbx_validate_torsion.phi             75.15 
_pdbx_validate_torsion.psi             -0.53 
# 
_pdbx_SG_project.id                    1 
_pdbx_SG_project.project_name          'PSI, Protein Structure Initiative' 
_pdbx_SG_project.full_name_of_center   'Joint Center for Structural Genomics' 
_pdbx_SG_project.initial_of_center     JCSG 
# 
loop_
_pdbx_struct_mod_residue.id 
_pdbx_struct_mod_residue.label_asym_id 
_pdbx_struct_mod_residue.label_comp_id 
_pdbx_struct_mod_residue.label_seq_id 
_pdbx_struct_mod_residue.auth_asym_id 
_pdbx_struct_mod_residue.auth_comp_id 
_pdbx_struct_mod_residue.auth_seq_id 
_pdbx_struct_mod_residue.PDB_ins_code 
_pdbx_struct_mod_residue.parent_comp_id 
_pdbx_struct_mod_residue.details 
1 A MSE 13  A MSE 1   ? MET SELENOMETHIONINE 
2 A MSE 51  A MSE 39  ? MET SELENOMETHIONINE 
3 A MSE 100 A MSE 88  ? MET SELENOMETHIONINE 
4 A MSE 101 A MSE 89  ? MET SELENOMETHIONINE 
5 A MSE 169 A MSE 157 ? MET SELENOMETHIONINE 
6 A MSE 176 A MSE 164 ? MET SELENOMETHIONINE 
# 
_pdbx_struct_special_symmetry.id              1 
_pdbx_struct_special_symmetry.PDB_model_num   1 
_pdbx_struct_special_symmetry.auth_asym_id    A 
_pdbx_struct_special_symmetry.auth_comp_id    HOH 
_pdbx_struct_special_symmetry.auth_seq_id     343 
_pdbx_struct_special_symmetry.PDB_ins_code    ? 
_pdbx_struct_special_symmetry.label_asym_id   E 
_pdbx_struct_special_symmetry.label_comp_id   HOH 
_pdbx_struct_special_symmetry.label_seq_id    . 
# 
_pdbx_refine_tls.id               1 
_pdbx_refine_tls.details          . 
_pdbx_refine_tls.method           refined 
_pdbx_refine_tls.origin_x         0.1112 
_pdbx_refine_tls.origin_y         0.0096 
_pdbx_refine_tls.origin_z         -0.3627 
_pdbx_refine_tls.T[1][1]          -0.0776 
_pdbx_refine_tls.T[2][2]          -0.0763 
_pdbx_refine_tls.T[3][3]          -0.0283 
_pdbx_refine_tls.T[1][2]          0.0057 
_pdbx_refine_tls.T[1][3]          -0.0003 
_pdbx_refine_tls.T[2][3]          0.0416 
_pdbx_refine_tls.L[1][1]          1.1842 
_pdbx_refine_tls.L[2][2]          1.3913 
_pdbx_refine_tls.L[3][3]          0.8553 
_pdbx_refine_tls.L[1][2]          0.5571 
_pdbx_refine_tls.L[1][3]          -0.4211 
_pdbx_refine_tls.L[2][3]          0.0252 
_pdbx_refine_tls.S[1][1]          -0.0600 
_pdbx_refine_tls.S[2][2]          0.1020 
_pdbx_refine_tls.S[3][3]          -0.0420 
_pdbx_refine_tls.S[1][2]          0.0642 
_pdbx_refine_tls.S[1][3]          0.1428 
_pdbx_refine_tls.S[2][3]          0.1602 
_pdbx_refine_tls.S[2][1]          -0.1101 
_pdbx_refine_tls.S[3][1]          0.0172 
_pdbx_refine_tls.S[3][2]          -0.0109 
_pdbx_refine_tls.pdbx_refine_id   'X-RAY DIFFRACTION' 
# 
_pdbx_refine_tls_group.id                  1 
_pdbx_refine_tls_group.refine_tls_id       1 
_pdbx_refine_tls_group.beg_label_asym_id   A 
_pdbx_refine_tls_group.beg_label_seq_id    13 
_pdbx_refine_tls_group.end_label_asym_id   B 
_pdbx_refine_tls_group.end_label_seq_id    1 
_pdbx_refine_tls_group.selection           ALL 
_pdbx_refine_tls_group.beg_auth_asym_id    A 
_pdbx_refine_tls_group.beg_auth_seq_id     1 
_pdbx_refine_tls_group.end_auth_asym_id    A 
_pdbx_refine_tls_group.end_auth_seq_id     169 
_pdbx_refine_tls_group.pdbx_refine_id      'X-RAY DIFFRACTION' 
_pdbx_refine_tls_group.selection_details   ? 
# 
loop_
_pdbx_unobs_or_zero_occ_residues.id 
_pdbx_unobs_or_zero_occ_residues.PDB_model_num 
_pdbx_unobs_or_zero_occ_residues.polymer_flag 
_pdbx_unobs_or_zero_occ_residues.occupancy_flag 
_pdbx_unobs_or_zero_occ_residues.auth_asym_id 
_pdbx_unobs_or_zero_occ_residues.auth_comp_id 
_pdbx_unobs_or_zero_occ_residues.auth_seq_id 
_pdbx_unobs_or_zero_occ_residues.PDB_ins_code 
_pdbx_unobs_or_zero_occ_residues.label_asym_id 
_pdbx_unobs_or_zero_occ_residues.label_comp_id 
_pdbx_unobs_or_zero_occ_residues.label_seq_id 
1  1 Y 1 A MET -11 ? A MET 1  
2  1 Y 1 A GLY -10 ? A GLY 2  
3  1 Y 1 A SER -9  ? A SER 3  
4  1 Y 1 A ASP -8  ? A ASP 4  
5  1 Y 1 A LYS -7  ? A LYS 5  
6  1 Y 1 A ILE -6  ? A ILE 6  
7  1 Y 1 A HIS -5  ? A HIS 7  
8  1 Y 1 A HIS -4  ? A HIS 8  
9  1 Y 1 A HIS -3  ? A HIS 9  
10 1 Y 1 A HIS -2  ? A HIS 10 
11 1 Y 1 A HIS -1  ? A HIS 11 
12 1 Y 1 A HIS 0   ? A HIS 12 
# 
loop_
_chem_comp_atom.comp_id 
_chem_comp_atom.atom_id 
_chem_comp_atom.type_symbol 
_chem_comp_atom.pdbx_aromatic_flag 
_chem_comp_atom.pdbx_stereo_config 
_chem_comp_atom.pdbx_ordinal 
ALA N    N  N N 1   
ALA CA   C  N S 2   
ALA C    C  N N 3   
ALA O    O  N N 4   
ALA CB   C  N N 5   
ALA OXT  O  N N 6   
ALA H    H  N N 7   
ALA H2   H  N N 8   
ALA HA   H  N N 9   
ALA HB1  H  N N 10  
ALA HB2  H  N N 11  
ALA HB3  H  N N 12  
ALA HXT  H  N N 13  
ARG N    N  N N 14  
ARG CA   C  N S 15  
ARG C    C  N N 16  
ARG O    O  N N 17  
ARG CB   C  N N 18  
ARG CG   C  N N 19  
ARG CD   C  N N 20  
ARG NE   N  N N 21  
ARG CZ   C  N N 22  
ARG NH1  N  N N 23  
ARG NH2  N  N N 24  
ARG OXT  O  N N 25  
ARG H    H  N N 26  
ARG H2   H  N N 27  
ARG HA   H  N N 28  
ARG HB2  H  N N 29  
ARG HB3  H  N N 30  
ARG HG2  H  N N 31  
ARG HG3  H  N N 32  
ARG HD2  H  N N 33  
ARG HD3  H  N N 34  
ARG HE   H  N N 35  
ARG HH11 H  N N 36  
ARG HH12 H  N N 37  
ARG HH21 H  N N 38  
ARG HH22 H  N N 39  
ARG HXT  H  N N 40  
ASN N    N  N N 41  
ASN CA   C  N S 42  
ASN C    C  N N 43  
ASN O    O  N N 44  
ASN CB   C  N N 45  
ASN CG   C  N N 46  
ASN OD1  O  N N 47  
ASN ND2  N  N N 48  
ASN OXT  O  N N 49  
ASN H    H  N N 50  
ASN H2   H  N N 51  
ASN HA   H  N N 52  
ASN HB2  H  N N 53  
ASN HB3  H  N N 54  
ASN HD21 H  N N 55  
ASN HD22 H  N N 56  
ASN HXT  H  N N 57  
ASP N    N  N N 58  
ASP CA   C  N S 59  
ASP C    C  N N 60  
ASP O    O  N N 61  
ASP CB   C  N N 62  
ASP CG   C  N N 63  
ASP OD1  O  N N 64  
ASP OD2  O  N N 65  
ASP OXT  O  N N 66  
ASP H    H  N N 67  
ASP H2   H  N N 68  
ASP HA   H  N N 69  
ASP HB2  H  N N 70  
ASP HB3  H  N N 71  
ASP HD2  H  N N 72  
ASP HXT  H  N N 73  
CL  CL   CL N N 74  
GLN N    N  N N 75  
GLN CA   C  N S 76  
GLN C    C  N N 77  
GLN O    O  N N 78  
GLN CB   C  N N 79  
GLN CG   C  N N 80  
GLN CD   C  N N 81  
GLN OE1  O  N N 82  
GLN NE2  N  N N 83  
GLN OXT  O  N N 84  
GLN H    H  N N 85  
GLN H2   H  N N 86  
GLN HA   H  N N 87  
GLN HB2  H  N N 88  
GLN HB3  H  N N 89  
GLN HG2  H  N N 90  
GLN HG3  H  N N 91  
GLN HE21 H  N N 92  
GLN HE22 H  N N 93  
GLN HXT  H  N N 94  
GLU N    N  N N 95  
GLU CA   C  N S 96  
GLU C    C  N N 97  
GLU O    O  N N 98  
GLU CB   C  N N 99  
GLU CG   C  N N 100 
GLU CD   C  N N 101 
GLU OE1  O  N N 102 
GLU OE2  O  N N 103 
GLU OXT  O  N N 104 
GLU H    H  N N 105 
GLU H2   H  N N 106 
GLU HA   H  N N 107 
GLU HB2  H  N N 108 
GLU HB3  H  N N 109 
GLU HG2  H  N N 110 
GLU HG3  H  N N 111 
GLU HE2  H  N N 112 
GLU HXT  H  N N 113 
GLY N    N  N N 114 
GLY CA   C  N N 115 
GLY C    C  N N 116 
GLY O    O  N N 117 
GLY OXT  O  N N 118 
GLY H    H  N N 119 
GLY H2   H  N N 120 
GLY HA2  H  N N 121 
GLY HA3  H  N N 122 
GLY HXT  H  N N 123 
GOL C1   C  N N 124 
GOL O1   O  N N 125 
GOL C2   C  N N 126 
GOL O2   O  N N 127 
GOL C3   C  N N 128 
GOL O3   O  N N 129 
GOL H11  H  N N 130 
GOL H12  H  N N 131 
GOL HO1  H  N N 132 
GOL H2   H  N N 133 
GOL HO2  H  N N 134 
GOL H31  H  N N 135 
GOL H32  H  N N 136 
GOL HO3  H  N N 137 
HIS N    N  N N 138 
HIS CA   C  N S 139 
HIS C    C  N N 140 
HIS O    O  N N 141 
HIS CB   C  N N 142 
HIS CG   C  Y N 143 
HIS ND1  N  Y N 144 
HIS CD2  C  Y N 145 
HIS CE1  C  Y N 146 
HIS NE2  N  Y N 147 
HIS OXT  O  N N 148 
HIS H    H  N N 149 
HIS H2   H  N N 150 
HIS HA   H  N N 151 
HIS HB2  H  N N 152 
HIS HB3  H  N N 153 
HIS HD1  H  N N 154 
HIS HD2  H  N N 155 
HIS HE1  H  N N 156 
HIS HE2  H  N N 157 
HIS HXT  H  N N 158 
HOH O    O  N N 159 
HOH H1   H  N N 160 
HOH H2   H  N N 161 
ILE N    N  N N 162 
ILE CA   C  N S 163 
ILE C    C  N N 164 
ILE O    O  N N 165 
ILE CB   C  N S 166 
ILE CG1  C  N N 167 
ILE CG2  C  N N 168 
ILE CD1  C  N N 169 
ILE OXT  O  N N 170 
ILE H    H  N N 171 
ILE H2   H  N N 172 
ILE HA   H  N N 173 
ILE HB   H  N N 174 
ILE HG12 H  N N 175 
ILE HG13 H  N N 176 
ILE HG21 H  N N 177 
ILE HG22 H  N N 178 
ILE HG23 H  N N 179 
ILE HD11 H  N N 180 
ILE HD12 H  N N 181 
ILE HD13 H  N N 182 
ILE HXT  H  N N 183 
LEU N    N  N N 184 
LEU CA   C  N S 185 
LEU C    C  N N 186 
LEU O    O  N N 187 
LEU CB   C  N N 188 
LEU CG   C  N N 189 
LEU CD1  C  N N 190 
LEU CD2  C  N N 191 
LEU OXT  O  N N 192 
LEU H    H  N N 193 
LEU H2   H  N N 194 
LEU HA   H  N N 195 
LEU HB2  H  N N 196 
LEU HB3  H  N N 197 
LEU HG   H  N N 198 
LEU HD11 H  N N 199 
LEU HD12 H  N N 200 
LEU HD13 H  N N 201 
LEU HD21 H  N N 202 
LEU HD22 H  N N 203 
LEU HD23 H  N N 204 
LEU HXT  H  N N 205 
LYS N    N  N N 206 
LYS CA   C  N S 207 
LYS C    C  N N 208 
LYS O    O  N N 209 
LYS CB   C  N N 210 
LYS CG   C  N N 211 
LYS CD   C  N N 212 
LYS CE   C  N N 213 
LYS NZ   N  N N 214 
LYS OXT  O  N N 215 
LYS H    H  N N 216 
LYS H2   H  N N 217 
LYS HA   H  N N 218 
LYS HB2  H  N N 219 
LYS HB3  H  N N 220 
LYS HG2  H  N N 221 
LYS HG3  H  N N 222 
LYS HD2  H  N N 223 
LYS HD3  H  N N 224 
LYS HE2  H  N N 225 
LYS HE3  H  N N 226 
LYS HZ1  H  N N 227 
LYS HZ2  H  N N 228 
LYS HZ3  H  N N 229 
LYS HXT  H  N N 230 
MET N    N  N N 231 
MET CA   C  N S 232 
MET C    C  N N 233 
MET O    O  N N 234 
MET CB   C  N N 235 
MET CG   C  N N 236 
MET SD   S  N N 237 
MET CE   C  N N 238 
MET OXT  O  N N 239 
MET H    H  N N 240 
MET H2   H  N N 241 
MET HA   H  N N 242 
MET HB2  H  N N 243 
MET HB3  H  N N 244 
MET HG2  H  N N 245 
MET HG3  H  N N 246 
MET HE1  H  N N 247 
MET HE2  H  N N 248 
MET HE3  H  N N 249 
MET HXT  H  N N 250 
MSE N    N  N N 251 
MSE CA   C  N S 252 
MSE C    C  N N 253 
MSE O    O  N N 254 
MSE OXT  O  N N 255 
MSE CB   C  N N 256 
MSE CG   C  N N 257 
MSE SE   SE N N 258 
MSE CE   C  N N 259 
MSE H    H  N N 260 
MSE H2   H  N N 261 
MSE HA   H  N N 262 
MSE HXT  H  N N 263 
MSE HB2  H  N N 264 
MSE HB3  H  N N 265 
MSE HG2  H  N N 266 
MSE HG3  H  N N 267 
MSE HE1  H  N N 268 
MSE HE2  H  N N 269 
MSE HE3  H  N N 270 
PHE N    N  N N 271 
PHE CA   C  N S 272 
PHE C    C  N N 273 
PHE O    O  N N 274 
PHE CB   C  N N 275 
PHE CG   C  Y N 276 
PHE CD1  C  Y N 277 
PHE CD2  C  Y N 278 
PHE CE1  C  Y N 279 
PHE CE2  C  Y N 280 
PHE CZ   C  Y N 281 
PHE OXT  O  N N 282 
PHE H    H  N N 283 
PHE H2   H  N N 284 
PHE HA   H  N N 285 
PHE HB2  H  N N 286 
PHE HB3  H  N N 287 
PHE HD1  H  N N 288 
PHE HD2  H  N N 289 
PHE HE1  H  N N 290 
PHE HE2  H  N N 291 
PHE HZ   H  N N 292 
PHE HXT  H  N N 293 
PRO N    N  N N 294 
PRO CA   C  N S 295 
PRO C    C  N N 296 
PRO O    O  N N 297 
PRO CB   C  N N 298 
PRO CG   C  N N 299 
PRO CD   C  N N 300 
PRO OXT  O  N N 301 
PRO H    H  N N 302 
PRO HA   H  N N 303 
PRO HB2  H  N N 304 
PRO HB3  H  N N 305 
PRO HG2  H  N N 306 
PRO HG3  H  N N 307 
PRO HD2  H  N N 308 
PRO HD3  H  N N 309 
PRO HXT  H  N N 310 
SER N    N  N N 311 
SER CA   C  N S 312 
SER C    C  N N 313 
SER O    O  N N 314 
SER CB   C  N N 315 
SER OG   O  N N 316 
SER OXT  O  N N 317 
SER H    H  N N 318 
SER H2   H  N N 319 
SER HA   H  N N 320 
SER HB2  H  N N 321 
SER HB3  H  N N 322 
SER HG   H  N N 323 
SER HXT  H  N N 324 
THR N    N  N N 325 
THR CA   C  N S 326 
THR C    C  N N 327 
THR O    O  N N 328 
THR CB   C  N R 329 
THR OG1  O  N N 330 
THR CG2  C  N N 331 
THR OXT  O  N N 332 
THR H    H  N N 333 
THR H2   H  N N 334 
THR HA   H  N N 335 
THR HB   H  N N 336 
THR HG1  H  N N 337 
THR HG21 H  N N 338 
THR HG22 H  N N 339 
THR HG23 H  N N 340 
THR HXT  H  N N 341 
TRP N    N  N N 342 
TRP CA   C  N S 343 
TRP C    C  N N 344 
TRP O    O  N N 345 
TRP CB   C  N N 346 
TRP CG   C  Y N 347 
TRP CD1  C  Y N 348 
TRP CD2  C  Y N 349 
TRP NE1  N  Y N 350 
TRP CE2  C  Y N 351 
TRP CE3  C  Y N 352 
TRP CZ2  C  Y N 353 
TRP CZ3  C  Y N 354 
TRP CH2  C  Y N 355 
TRP OXT  O  N N 356 
TRP H    H  N N 357 
TRP H2   H  N N 358 
TRP HA   H  N N 359 
TRP HB2  H  N N 360 
TRP HB3  H  N N 361 
TRP HD1  H  N N 362 
TRP HE1  H  N N 363 
TRP HE3  H  N N 364 
TRP HZ2  H  N N 365 
TRP HZ3  H  N N 366 
TRP HH2  H  N N 367 
TRP HXT  H  N N 368 
VAL N    N  N N 369 
VAL CA   C  N S 370 
VAL C    C  N N 371 
VAL O    O  N N 372 
VAL CB   C  N N 373 
VAL CG1  C  N N 374 
VAL CG2  C  N N 375 
VAL OXT  O  N N 376 
VAL H    H  N N 377 
VAL H2   H  N N 378 
VAL HA   H  N N 379 
VAL HB   H  N N 380 
VAL HG11 H  N N 381 
VAL HG12 H  N N 382 
VAL HG13 H  N N 383 
VAL HG21 H  N N 384 
VAL HG22 H  N N 385 
VAL HG23 H  N N 386 
VAL HXT  H  N N 387 
# 
loop_
_chem_comp_bond.comp_id 
_chem_comp_bond.atom_id_1 
_chem_comp_bond.atom_id_2 
_chem_comp_bond.value_order 
_chem_comp_bond.pdbx_aromatic_flag 
_chem_comp_bond.pdbx_stereo_config 
_chem_comp_bond.pdbx_ordinal 
ALA N   CA   sing N N 1   
ALA N   H    sing N N 2   
ALA N   H2   sing N N 3   
ALA CA  C    sing N N 4   
ALA CA  CB   sing N N 5   
ALA CA  HA   sing N N 6   
ALA C   O    doub N N 7   
ALA C   OXT  sing N N 8   
ALA CB  HB1  sing N N 9   
ALA CB  HB2  sing N N 10  
ALA CB  HB3  sing N N 11  
ALA OXT HXT  sing N N 12  
ARG N   CA   sing N N 13  
ARG N   H    sing N N 14  
ARG N   H2   sing N N 15  
ARG CA  C    sing N N 16  
ARG CA  CB   sing N N 17  
ARG CA  HA   sing N N 18  
ARG C   O    doub N N 19  
ARG C   OXT  sing N N 20  
ARG CB  CG   sing N N 21  
ARG CB  HB2  sing N N 22  
ARG CB  HB3  sing N N 23  
ARG CG  CD   sing N N 24  
ARG CG  HG2  sing N N 25  
ARG CG  HG3  sing N N 26  
ARG CD  NE   sing N N 27  
ARG CD  HD2  sing N N 28  
ARG CD  HD3  sing N N 29  
ARG NE  CZ   sing N N 30  
ARG NE  HE   sing N N 31  
ARG CZ  NH1  sing N N 32  
ARG CZ  NH2  doub N N 33  
ARG NH1 HH11 sing N N 34  
ARG NH1 HH12 sing N N 35  
ARG NH2 HH21 sing N N 36  
ARG NH2 HH22 sing N N 37  
ARG OXT HXT  sing N N 38  
ASN N   CA   sing N N 39  
ASN N   H    sing N N 40  
ASN N   H2   sing N N 41  
ASN CA  C    sing N N 42  
ASN CA  CB   sing N N 43  
ASN CA  HA   sing N N 44  
ASN C   O    doub N N 45  
ASN C   OXT  sing N N 46  
ASN CB  CG   sing N N 47  
ASN CB  HB2  sing N N 48  
ASN CB  HB3  sing N N 49  
ASN CG  OD1  doub N N 50  
ASN CG  ND2  sing N N 51  
ASN ND2 HD21 sing N N 52  
ASN ND2 HD22 sing N N 53  
ASN OXT HXT  sing N N 54  
ASP N   CA   sing N N 55  
ASP N   H    sing N N 56  
ASP N   H2   sing N N 57  
ASP CA  C    sing N N 58  
ASP CA  CB   sing N N 59  
ASP CA  HA   sing N N 60  
ASP C   O    doub N N 61  
ASP C   OXT  sing N N 62  
ASP CB  CG   sing N N 63  
ASP CB  HB2  sing N N 64  
ASP CB  HB3  sing N N 65  
ASP CG  OD1  doub N N 66  
ASP CG  OD2  sing N N 67  
ASP OD2 HD2  sing N N 68  
ASP OXT HXT  sing N N 69  
GLN N   CA   sing N N 70  
GLN N   H    sing N N 71  
GLN N   H2   sing N N 72  
GLN CA  C    sing N N 73  
GLN CA  CB   sing N N 74  
GLN CA  HA   sing N N 75  
GLN C   O    doub N N 76  
GLN C   OXT  sing N N 77  
GLN CB  CG   sing N N 78  
GLN CB  HB2  sing N N 79  
GLN CB  HB3  sing N N 80  
GLN CG  CD   sing N N 81  
GLN CG  HG2  sing N N 82  
GLN CG  HG3  sing N N 83  
GLN CD  OE1  doub N N 84  
GLN CD  NE2  sing N N 85  
GLN NE2 HE21 sing N N 86  
GLN NE2 HE22 sing N N 87  
GLN OXT HXT  sing N N 88  
GLU N   CA   sing N N 89  
GLU N   H    sing N N 90  
GLU N   H2   sing N N 91  
GLU CA  C    sing N N 92  
GLU CA  CB   sing N N 93  
GLU CA  HA   sing N N 94  
GLU C   O    doub N N 95  
GLU C   OXT  sing N N 96  
GLU CB  CG   sing N N 97  
GLU CB  HB2  sing N N 98  
GLU CB  HB3  sing N N 99  
GLU CG  CD   sing N N 100 
GLU CG  HG2  sing N N 101 
GLU CG  HG3  sing N N 102 
GLU CD  OE1  doub N N 103 
GLU CD  OE2  sing N N 104 
GLU OE2 HE2  sing N N 105 
GLU OXT HXT  sing N N 106 
GLY N   CA   sing N N 107 
GLY N   H    sing N N 108 
GLY N   H2   sing N N 109 
GLY CA  C    sing N N 110 
GLY CA  HA2  sing N N 111 
GLY CA  HA3  sing N N 112 
GLY C   O    doub N N 113 
GLY C   OXT  sing N N 114 
GLY OXT HXT  sing N N 115 
GOL C1  O1   sing N N 116 
GOL C1  C2   sing N N 117 
GOL C1  H11  sing N N 118 
GOL C1  H12  sing N N 119 
GOL O1  HO1  sing N N 120 
GOL C2  O2   sing N N 121 
GOL C2  C3   sing N N 122 
GOL C2  H2   sing N N 123 
GOL O2  HO2  sing N N 124 
GOL C3  O3   sing N N 125 
GOL C3  H31  sing N N 126 
GOL C3  H32  sing N N 127 
GOL O3  HO3  sing N N 128 
HIS N   CA   sing N N 129 
HIS N   H    sing N N 130 
HIS N   H2   sing N N 131 
HIS CA  C    sing N N 132 
HIS CA  CB   sing N N 133 
HIS CA  HA   sing N N 134 
HIS C   O    doub N N 135 
HIS C   OXT  sing N N 136 
HIS CB  CG   sing N N 137 
HIS CB  HB2  sing N N 138 
HIS CB  HB3  sing N N 139 
HIS CG  ND1  sing Y N 140 
HIS CG  CD2  doub Y N 141 
HIS ND1 CE1  doub Y N 142 
HIS ND1 HD1  sing N N 143 
HIS CD2 NE2  sing Y N 144 
HIS CD2 HD2  sing N N 145 
HIS CE1 NE2  sing Y N 146 
HIS CE1 HE1  sing N N 147 
HIS NE2 HE2  sing N N 148 
HIS OXT HXT  sing N N 149 
HOH O   H1   sing N N 150 
HOH O   H2   sing N N 151 
ILE N   CA   sing N N 152 
ILE N   H    sing N N 153 
ILE N   H2   sing N N 154 
ILE CA  C    sing N N 155 
ILE CA  CB   sing N N 156 
ILE CA  HA   sing N N 157 
ILE C   O    doub N N 158 
ILE C   OXT  sing N N 159 
ILE CB  CG1  sing N N 160 
ILE CB  CG2  sing N N 161 
ILE CB  HB   sing N N 162 
ILE CG1 CD1  sing N N 163 
ILE CG1 HG12 sing N N 164 
ILE CG1 HG13 sing N N 165 
ILE CG2 HG21 sing N N 166 
ILE CG2 HG22 sing N N 167 
ILE CG2 HG23 sing N N 168 
ILE CD1 HD11 sing N N 169 
ILE CD1 HD12 sing N N 170 
ILE CD1 HD13 sing N N 171 
ILE OXT HXT  sing N N 172 
LEU N   CA   sing N N 173 
LEU N   H    sing N N 174 
LEU N   H2   sing N N 175 
LEU CA  C    sing N N 176 
LEU CA  CB   sing N N 177 
LEU CA  HA   sing N N 178 
LEU C   O    doub N N 179 
LEU C   OXT  sing N N 180 
LEU CB  CG   sing N N 181 
LEU CB  HB2  sing N N 182 
LEU CB  HB3  sing N N 183 
LEU CG  CD1  sing N N 184 
LEU CG  CD2  sing N N 185 
LEU CG  HG   sing N N 186 
LEU CD1 HD11 sing N N 187 
LEU CD1 HD12 sing N N 188 
LEU CD1 HD13 sing N N 189 
LEU CD2 HD21 sing N N 190 
LEU CD2 HD22 sing N N 191 
LEU CD2 HD23 sing N N 192 
LEU OXT HXT  sing N N 193 
LYS N   CA   sing N N 194 
LYS N   H    sing N N 195 
LYS N   H2   sing N N 196 
LYS CA  C    sing N N 197 
LYS CA  CB   sing N N 198 
LYS CA  HA   sing N N 199 
LYS C   O    doub N N 200 
LYS C   OXT  sing N N 201 
LYS CB  CG   sing N N 202 
LYS CB  HB2  sing N N 203 
LYS CB  HB3  sing N N 204 
LYS CG  CD   sing N N 205 
LYS CG  HG2  sing N N 206 
LYS CG  HG3  sing N N 207 
LYS CD  CE   sing N N 208 
LYS CD  HD2  sing N N 209 
LYS CD  HD3  sing N N 210 
LYS CE  NZ   sing N N 211 
LYS CE  HE2  sing N N 212 
LYS CE  HE3  sing N N 213 
LYS NZ  HZ1  sing N N 214 
LYS NZ  HZ2  sing N N 215 
LYS NZ  HZ3  sing N N 216 
LYS OXT HXT  sing N N 217 
MET N   CA   sing N N 218 
MET N   H    sing N N 219 
MET N   H2   sing N N 220 
MET CA  C    sing N N 221 
MET CA  CB   sing N N 222 
MET CA  HA   sing N N 223 
MET C   O    doub N N 224 
MET C   OXT  sing N N 225 
MET CB  CG   sing N N 226 
MET CB  HB2  sing N N 227 
MET CB  HB3  sing N N 228 
MET CG  SD   sing N N 229 
MET CG  HG2  sing N N 230 
MET CG  HG3  sing N N 231 
MET SD  CE   sing N N 232 
MET CE  HE1  sing N N 233 
MET CE  HE2  sing N N 234 
MET CE  HE3  sing N N 235 
MET OXT HXT  sing N N 236 
MSE N   CA   sing N N 237 
MSE N   H    sing N N 238 
MSE N   H2   sing N N 239 
MSE CA  C    sing N N 240 
MSE CA  CB   sing N N 241 
MSE CA  HA   sing N N 242 
MSE C   O    doub N N 243 
MSE C   OXT  sing N N 244 
MSE OXT HXT  sing N N 245 
MSE CB  CG   sing N N 246 
MSE CB  HB2  sing N N 247 
MSE CB  HB3  sing N N 248 
MSE CG  SE   sing N N 249 
MSE CG  HG2  sing N N 250 
MSE CG  HG3  sing N N 251 
MSE SE  CE   sing N N 252 
MSE CE  HE1  sing N N 253 
MSE CE  HE2  sing N N 254 
MSE CE  HE3  sing N N 255 
PHE N   CA   sing N N 256 
PHE N   H    sing N N 257 
PHE N   H2   sing N N 258 
PHE CA  C    sing N N 259 
PHE CA  CB   sing N N 260 
PHE CA  HA   sing N N 261 
PHE C   O    doub N N 262 
PHE C   OXT  sing N N 263 
PHE CB  CG   sing N N 264 
PHE CB  HB2  sing N N 265 
PHE CB  HB3  sing N N 266 
PHE CG  CD1  doub Y N 267 
PHE CG  CD2  sing Y N 268 
PHE CD1 CE1  sing Y N 269 
PHE CD1 HD1  sing N N 270 
PHE CD2 CE2  doub Y N 271 
PHE CD2 HD2  sing N N 272 
PHE CE1 CZ   doub Y N 273 
PHE CE1 HE1  sing N N 274 
PHE CE2 CZ   sing Y N 275 
PHE CE2 HE2  sing N N 276 
PHE CZ  HZ   sing N N 277 
PHE OXT HXT  sing N N 278 
PRO N   CA   sing N N 279 
PRO N   CD   sing N N 280 
PRO N   H    sing N N 281 
PRO CA  C    sing N N 282 
PRO CA  CB   sing N N 283 
PRO CA  HA   sing N N 284 
PRO C   O    doub N N 285 
PRO C   OXT  sing N N 286 
PRO CB  CG   sing N N 287 
PRO CB  HB2  sing N N 288 
PRO CB  HB3  sing N N 289 
PRO CG  CD   sing N N 290 
PRO CG  HG2  sing N N 291 
PRO CG  HG3  sing N N 292 
PRO CD  HD2  sing N N 293 
PRO CD  HD3  sing N N 294 
PRO OXT HXT  sing N N 295 
SER N   CA   sing N N 296 
SER N   H    sing N N 297 
SER N   H2   sing N N 298 
SER CA  C    sing N N 299 
SER CA  CB   sing N N 300 
SER CA  HA   sing N N 301 
SER C   O    doub N N 302 
SER C   OXT  sing N N 303 
SER CB  OG   sing N N 304 
SER CB  HB2  sing N N 305 
SER CB  HB3  sing N N 306 
SER OG  HG   sing N N 307 
SER OXT HXT  sing N N 308 
THR N   CA   sing N N 309 
THR N   H    sing N N 310 
THR N   H2   sing N N 311 
THR CA  C    sing N N 312 
THR CA  CB   sing N N 313 
THR CA  HA   sing N N 314 
THR C   O    doub N N 315 
THR C   OXT  sing N N 316 
THR CB  OG1  sing N N 317 
THR CB  CG2  sing N N 318 
THR CB  HB   sing N N 319 
THR OG1 HG1  sing N N 320 
THR CG2 HG21 sing N N 321 
THR CG2 HG22 sing N N 322 
THR CG2 HG23 sing N N 323 
THR OXT HXT  sing N N 324 
TRP N   CA   sing N N 325 
TRP N   H    sing N N 326 
TRP N   H2   sing N N 327 
TRP CA  C    sing N N 328 
TRP CA  CB   sing N N 329 
TRP CA  HA   sing N N 330 
TRP C   O    doub N N 331 
TRP C   OXT  sing N N 332 
TRP CB  CG   sing N N 333 
TRP CB  HB2  sing N N 334 
TRP CB  HB3  sing N N 335 
TRP CG  CD1  doub Y N 336 
TRP CG  CD2  sing Y N 337 
TRP CD1 NE1  sing Y N 338 
TRP CD1 HD1  sing N N 339 
TRP CD2 CE2  doub Y N 340 
TRP CD2 CE3  sing Y N 341 
TRP NE1 CE2  sing Y N 342 
TRP NE1 HE1  sing N N 343 
TRP CE2 CZ2  sing Y N 344 
TRP CE3 CZ3  doub Y N 345 
TRP CE3 HE3  sing N N 346 
TRP CZ2 CH2  doub Y N 347 
TRP CZ2 HZ2  sing N N 348 
TRP CZ3 CH2  sing Y N 349 
TRP CZ3 HZ3  sing N N 350 
TRP CH2 HH2  sing N N 351 
TRP OXT HXT  sing N N 352 
VAL N   CA   sing N N 353 
VAL N   H    sing N N 354 
VAL N   H2   sing N N 355 
VAL CA  C    sing N N 356 
VAL CA  CB   sing N N 357 
VAL CA  HA   sing N N 358 
VAL C   O    doub N N 359 
VAL C   OXT  sing N N 360 
VAL CB  CG1  sing N N 361 
VAL CB  CG2  sing N N 362 
VAL CB  HB   sing N N 363 
VAL CG1 HG11 sing N N 364 
VAL CG1 HG12 sing N N 365 
VAL CG1 HG13 sing N N 366 
VAL CG2 HG21 sing N N 367 
VAL CG2 HG22 sing N N 368 
VAL CG2 HG23 sing N N 369 
VAL OXT HXT  sing N N 370 
# 
_atom_sites.entry_id                    1VJF 
_atom_sites.fract_transf_matrix[1][1]   -0.01707210 
_atom_sites.fract_transf_matrix[1][2]   -0.00234483 
_atom_sites.fract_transf_matrix[1][3]   0.00944286 
_atom_sites.fract_transf_matrix[2][1]   0.00800280 
_atom_sites.fract_transf_matrix[2][2]   0.00746219 
_atom_sites.fract_transf_matrix[2][3]   0.01632156 
_atom_sites.fract_transf_matrix[3][1]   -0.00231905 
_atom_sites.fract_transf_matrix[3][2]   0.00755445 
_atom_sites.fract_transf_matrix[3][3]   -0.00231680 
_atom_sites.fract_transf_vector[1]      0.239496 
_atom_sites.fract_transf_vector[2]      0.200908 
_atom_sites.fract_transf_vector[3]      0.651960 
# 
loop_
_atom_type.symbol 
C  
CL 
N  
O  
SE 
# 
loop_
_atom_site.group_PDB 
_atom_site.id 
_atom_site.type_symbol 
_atom_site.label_atom_id 
_atom_site.label_alt_id 
_atom_site.label_comp_id 
_atom_site.label_asym_id 
_atom_site.label_entity_id 
_atom_site.label_seq_id 
_atom_site.pdbx_PDB_ins_code 
_atom_site.Cartn_x 
_atom_site.Cartn_y 
_atom_site.Cartn_z 
_atom_site.occupancy 
_atom_site.B_iso_or_equiv 
_atom_site.pdbx_formal_charge 
_atom_site.auth_seq_id 
_atom_site.auth_comp_id 
_atom_site.auth_asym_id 
_atom_site.auth_atom_id 
_atom_site.pdbx_PDB_model_num 
HETATM 1    N  N   . MSE A 1 13  ? -0.992  18.320  -1.538  1.00 50.97 ? 1   MSE A N   1 
HETATM 2    C  CA  . MSE A 1 13  ? -0.372  17.070  -1.007  1.00 53.16 ? 1   MSE A CA  1 
HETATM 3    C  C   . MSE A 1 13  ? -0.597  16.908  0.494   1.00 45.12 ? 1   MSE A C   1 
HETATM 4    O  O   . MSE A 1 13  ? -0.281  17.797  1.283   1.00 40.23 ? 1   MSE A O   1 
HETATM 5    C  CB  . MSE A 1 13  ? 1.122   17.070  -1.262  1.00 51.38 ? 1   MSE A CB  1 
HETATM 6    C  CG  . MSE A 1 13  ? 1.839   15.933  -0.563  1.00 54.77 ? 1   MSE A CG  1 
HETATM 7    SE SE  . MSE A 1 13  ? 3.646   15.805  -1.237  1.00 75.98 ? 1   MSE A SE  1 
HETATM 8    C  CE  . MSE A 1 13  ? 4.691   15.180  0.387   1.00 58.01 ? 1   MSE A CE  1 
ATOM   9    N  N   . LYS A 1 14  ? -1.087  15.742  0.899   1.00 35.96 ? 2   LYS A N   1 
ATOM   10   C  CA  . LYS A 1 14  ? -1.579  15.589  2.254   1.00 31.09 ? 2   LYS A CA  1 
ATOM   11   C  C   . LYS A 1 14  ? -0.467  15.291  3.253   1.00 27.46 ? 2   LYS A C   1 
ATOM   12   O  O   . LYS A 1 14  ? 0.535   14.638  2.936   1.00 29.93 ? 2   LYS A O   1 
ATOM   13   C  CB  . LYS A 1 14  ? -2.661  14.511  2.301   1.00 31.72 ? 2   LYS A CB  1 
ATOM   14   C  CG  . LYS A 1 14  ? -4.083  15.031  2.041   1.00 35.46 ? 2   LYS A CG  1 
ATOM   15   C  CD  . LYS A 1 14  ? -4.539  14.845  0.622   1.00 38.73 ? 2   LYS A CD  1 
ATOM   16   C  CE  . LYS A 1 14  ? -6.035  15.101  0.467   1.00 36.68 ? 2   LYS A CE  1 
ATOM   17   N  NZ  . LYS A 1 14  ? -6.424  16.518  0.742   1.00 39.40 ? 2   LYS A NZ  1 
ATOM   18   N  N   . THR A 1 15  ? -0.641  15.776  4.469   1.00 23.68 ? 3   THR A N   1 
ATOM   19   C  CA  . THR A 1 15  ? 0.218   15.449  5.592   1.00 25.34 ? 3   THR A CA  1 
ATOM   20   C  C   . THR A 1 15  ? -0.281  14.232  6.344   1.00 25.40 ? 3   THR A C   1 
ATOM   21   O  O   . THR A 1 15  ? -1.425  13.799  6.193   1.00 19.89 ? 3   THR A O   1 
ATOM   22   C  CB  . THR A 1 15  ? 0.287   16.604  6.604   1.00 25.87 ? 3   THR A CB  1 
ATOM   23   O  OG1 . THR A 1 15  ? -1.012  16.886  7.183   1.00 27.21 ? 3   THR A OG1 1 
ATOM   24   C  CG2 . THR A 1 15  ? 0.707   17.896  5.933   1.00 31.66 ? 3   THR A CG2 1 
ATOM   25   N  N   . ARG A 1 16  ? 0.567   13.723  7.221   1.00 23.74 ? 4   ARG A N   1 
ATOM   26   C  CA  . ARG A 1 16  ? 0.134   12.714  8.182   1.00 23.20 ? 4   ARG A CA  1 
ATOM   27   C  C   . ARG A 1 16  ? -1.087  13.157  8.997   1.00 21.52 ? 4   ARG A C   1 
ATOM   28   O  O   . ARG A 1 16  ? -2.005  12.385  9.199   1.00 21.05 ? 4   ARG A O   1 
ATOM   29   C  CB  . ARG A 1 16  ? 1.283   12.414  9.115   1.00 23.72 ? 4   ARG A CB  1 
ATOM   30   C  CG  . ARG A 1 16  ? 1.078   11.330  10.099  1.00 26.16 ? 4   ARG A CG  1 
ATOM   31   C  CD  . ARG A 1 16  ? 2.432   10.881  10.638  1.00 33.83 ? 4   ARG A CD  1 
ATOM   32   N  NE  . ARG A 1 16  ? 2.384   10.566  12.052  1.00 36.25 ? 4   ARG A NE  1 
ATOM   33   C  CZ  . ARG A 1 16  ? 3.416   10.060  12.738  1.00 26.96 ? 4   ARG A CZ  1 
ATOM   34   N  NH1 . ARG A 1 16  ? 4.573   9.833   12.130  1.00 31.72 ? 4   ARG A NH1 1 
ATOM   35   N  NH2 . ARG A 1 16  ? 3.259   9.794   14.021  1.00 34.95 ? 4   ARG A NH2 1 
ATOM   36   N  N   . ALA A 1 17  ? -1.114  14.405  9.465   1.00 19.86 ? 5   ALA A N   1 
ATOM   37   C  CA  . ALA A 1 17  ? -2.282  14.853  10.181  1.00 20.88 ? 5   ALA A CA  1 
ATOM   38   C  C   . ALA A 1 17  ? -3.533  14.820  9.304   1.00 18.87 ? 5   ALA A C   1 
ATOM   39   O  O   . ALA A 1 17  ? -4.615  14.542  9.801   1.00 19.18 ? 5   ALA A O   1 
ATOM   40   C  CB  . ALA A 1 17  ? -2.066  16.243  10.726  1.00 23.04 ? 5   ALA A CB  1 
ATOM   41   N  N   . ASP A 1 18  ? -3.386  15.144  8.026   1.00 18.28 ? 6   ASP A N   1 
ATOM   42   C  CA  . ASP A 1 18  ? -4.518  15.106  7.099   1.00 14.37 ? 6   ASP A CA  1 
ATOM   43   C  C   . ASP A 1 18  ? -5.023  13.655  6.944   1.00 15.89 ? 6   ASP A C   1 
ATOM   44   O  O   . ASP A 1 18  ? -6.226  13.401  6.953   1.00 16.63 ? 6   ASP A O   1 
ATOM   45   C  CB  . ASP A 1 18  ? -4.119  15.593  5.733   1.00 16.09 ? 6   ASP A CB  1 
ATOM   46   C  CG  . ASP A 1 18  ? -3.698  17.037  5.714   1.00 20.83 ? 6   ASP A CG  1 
ATOM   47   O  OD1 . ASP A 1 18  ? -4.219  17.839  6.528   1.00 22.35 ? 6   ASP A OD1 1 
ATOM   48   O  OD2 . ASP A 1 18  ? -2.856  17.432  4.876   1.00 21.67 ? 6   ASP A OD2 1 
ATOM   49   N  N   . LEU A 1 19  ? -4.093  12.717  6.832   1.00 15.14 ? 7   LEU A N   1 
ATOM   50   C  CA  . LEU A 1 19  ? -4.456  11.298  6.724   1.00 16.15 ? 7   LEU A CA  1 
ATOM   51   C  C   . LEU A 1 19  ? -5.255  10.869  7.967   1.00 16.09 ? 7   LEU A C   1 
ATOM   52   O  O   . LEU A 1 19  ? -6.298  10.233  7.873   1.00 15.38 ? 7   LEU A O   1 
ATOM   53   C  CB  . LEU A 1 19  ? -3.206  10.444  6.580   1.00 14.64 ? 7   LEU A CB  1 
ATOM   54   C  CG  . LEU A 1 19  ? -3.443  8.935   6.634   1.00 15.08 ? 7   LEU A CG  1 
ATOM   55   C  CD1 . LEU A 1 19  ? -4.263  8.484   5.427   1.00 15.94 ? 7   LEU A CD1 1 
ATOM   56   C  CD2 . LEU A 1 19  ? -2.104  8.195   6.691   1.00 19.25 ? 7   LEU A CD2 1 
ATOM   57   N  N   . PHE A 1 20  ? -4.751  11.188  9.157   1.00 14.36 ? 8   PHE A N   1 
ATOM   58   C  CA  . PHE A 1 20  ? -5.430  10.782  10.370  1.00 16.42 ? 8   PHE A CA  1 
ATOM   59   C  C   . PHE A 1 20  ? -6.781  11.485  10.532  1.00 16.39 ? 8   PHE A C   1 
ATOM   60   O  O   . PHE A 1 20  ? -7.718  10.926  11.093  1.00 15.57 ? 8   PHE A O   1 
ATOM   61   C  CB  . PHE A 1 20  ? -4.531  11.044  11.582  1.00 16.90 ? 8   PHE A CB  1 
ATOM   62   C  CG  . PHE A 1 20  ? -3.294  10.169  11.652  1.00 19.59 ? 8   PHE A CG  1 
ATOM   63   C  CD1 . PHE A 1 20  ? -3.121  9.060   10.859  1.00 21.95 ? 8   PHE A CD1 1 
ATOM   64   C  CD2 . PHE A 1 20  ? -2.329  10.451  12.596  1.00 25.59 ? 8   PHE A CD2 1 
ATOM   65   C  CE1 . PHE A 1 20  ? -1.965  8.273   10.954  1.00 25.45 ? 8   PHE A CE1 1 
ATOM   66   C  CE2 . PHE A 1 20  ? -1.184  9.670   12.694  1.00 32.12 ? 8   PHE A CE2 1 
ATOM   67   C  CZ  . PHE A 1 20  ? -1.020  8.591   11.880  1.00 21.14 ? 8   PHE A CZ  1 
ATOM   68   N  N   . ALA A 1 21  ? -6.906  12.722  10.051  1.00 15.73 ? 9   ALA A N   1 
ATOM   69   C  CA  . ALA A 1 21  ? -8.203  13.368  10.072  1.00 17.15 ? 9   ALA A CA  1 
ATOM   70   C  C   . ALA A 1 21  ? -9.222  12.639  9.200   1.00 14.96 ? 9   ALA A C   1 
ATOM   71   O  O   . ALA A 1 21  ? -10.398 12.547  9.579   1.00 15.30 ? 9   ALA A O   1 
ATOM   72   C  CB  . ALA A 1 21  ? -8.086  14.825  9.653   1.00 17.18 ? 9   ALA A CB  1 
ATOM   73   N  N   . PHE A 1 22  ? -8.759  12.157  8.039   1.00 14.16 ? 10  PHE A N   1 
ATOM   74   C  CA  . PHE A 1 22  ? -9.542  11.337  7.133   1.00 13.68 ? 10  PHE A CA  1 
ATOM   75   C  C   . PHE A 1 22  ? -9.938  10.030  7.827   1.00 14.20 ? 10  PHE A C   1 
ATOM   76   O  O   . PHE A 1 22  ? -11.112 9.648   7.821   1.00 14.52 ? 10  PHE A O   1 
ATOM   77   C  CB  . PHE A 1 22  ? -8.777  11.040  5.840   1.00 14.80 ? 10  PHE A CB  1 
ATOM   78   C  CG  . PHE A 1 22  ? -9.605  10.340  4.798   1.00 14.69 ? 10  PHE A CG  1 
ATOM   79   C  CD1 . PHE A 1 22  ? -10.437 11.045  3.980   1.00 14.51 ? 10  PHE A CD1 1 
ATOM   80   C  CD2 . PHE A 1 22  ? -9.509  8.965   4.628   1.00 15.38 ? 10  PHE A CD2 1 
ATOM   81   C  CE1 . PHE A 1 22  ? -11.210 10.403  3.009   1.00 19.16 ? 10  PHE A CE1 1 
ATOM   82   C  CE2 . PHE A 1 22  ? -10.260 8.318   3.672   1.00 17.53 ? 10  PHE A CE2 1 
ATOM   83   C  CZ  . PHE A 1 22  ? -11.073 9.011   2.854   1.00 16.90 ? 10  PHE A CZ  1 
ATOM   84   N  N   . PHE A 1 23  ? -8.975  9.367   8.460   1.00 14.25 ? 11  PHE A N   1 
ATOM   85   C  CA  . PHE A 1 23  ? -9.286  8.129   9.196   1.00 14.31 ? 11  PHE A CA  1 
ATOM   86   C  C   . PHE A 1 23  ? -10.376 8.416   10.232  1.00 13.60 ? 11  PHE A C   1 
ATOM   87   O  O   . PHE A 1 23  ? -11.371 7.688   10.376  1.00 15.85 ? 11  PHE A O   1 
ATOM   88   C  CB  . PHE A 1 23  ? -8.076  7.626   9.974   1.00 13.38 ? 11  PHE A CB  1 
ATOM   89   C  CG  . PHE A 1 23  ? -6.952  6.965   9.161   1.00 14.93 ? 11  PHE A CG  1 
ATOM   90   C  CD1 . PHE A 1 23  ? -7.133  6.433   7.892   1.00 16.52 ? 11  PHE A CD1 1 
ATOM   91   C  CD2 . PHE A 1 23  ? -5.748  6.718   9.791   1.00 19.52 ? 11  PHE A CD2 1 
ATOM   92   C  CE1 . PHE A 1 23  ? -6.087  5.787   7.227   1.00 18.53 ? 11  PHE A CE1 1 
ATOM   93   C  CE2 . PHE A 1 23  ? -4.702  6.051   9.118   1.00 17.41 ? 11  PHE A CE2 1 
ATOM   94   C  CZ  . PHE A 1 23  ? -4.908  5.565   7.849   1.00 16.20 ? 11  PHE A CZ  1 
ATOM   95   N  N   . ASP A 1 24  ? -10.197 9.501   10.995  1.00 14.84 ? 12  ASP A N   1 
ATOM   96   C  CA  . ASP A 1 24  ? -11.133 9.801   12.068  1.00 16.37 ? 12  ASP A CA  1 
ATOM   97   C  C   . ASP A 1 24  ? -12.548 10.026  11.531  1.00 16.61 ? 12  ASP A C   1 
ATOM   98   O  O   . ASP A 1 24  ? -13.532 9.567   12.117  1.00 18.24 ? 12  ASP A O   1 
ATOM   99   C  CB  . ASP A 1 24  ? -10.683 11.037  12.857  1.00 17.54 ? 12  ASP A CB  1 
ATOM   100  C  CG  . ASP A 1 24  ? -9.399  10.819  13.645  1.00 23.20 ? 12  ASP A CG  1 
ATOM   101  O  OD1 . ASP A 1 24  ? -8.897  9.662   13.808  1.00 23.26 ? 12  ASP A OD1 1 
ATOM   102  O  OD2 . ASP A 1 24  ? -8.828  11.799  14.169  1.00 32.54 ? 12  ASP A OD2 1 
ATOM   103  N  N   . ALA A 1 25  ? -12.657 10.774  10.445  1.00 15.22 ? 13  ALA A N   1 
ATOM   104  C  CA  . ALA A 1 25  ? -13.960 11.059  9.840   1.00 15.09 ? 13  ALA A CA  1 
ATOM   105  C  C   . ALA A 1 25  ? -14.697 9.809   9.453   1.00 17.03 ? 13  ALA A C   1 
ATOM   106  O  O   . ALA A 1 25  ? -15.904 9.752   9.531   1.00 16.40 ? 13  ALA A O   1 
ATOM   107  C  CB  . ALA A 1 25  ? -13.771 11.917  8.610   1.00 14.66 ? 13  ALA A CB  1 
ATOM   108  N  N   . HIS A 1 26  ? -13.946 8.797   9.048   1.00 13.93 ? 14  HIS A N   1 
ATOM   109  C  CA  . HIS A 1 26  ? -14.516 7.581   8.488   1.00 16.19 ? 14  HIS A CA  1 
ATOM   110  C  C   . HIS A 1 26  ? -14.441 6.385   9.426   1.00 18.57 ? 14  HIS A C   1 
ATOM   111  O  O   . HIS A 1 26  ? -14.719 5.286   9.009   1.00 18.39 ? 14  HIS A O   1 
ATOM   112  C  CB  . HIS A 1 26  ? -13.820 7.286   7.156   1.00 15.93 ? 14  HIS A CB  1 
ATOM   113  C  CG  . HIS A 1 26  ? -14.228 8.218   6.066   1.00 17.17 ? 14  HIS A CG  1 
ATOM   114  N  ND1 . HIS A 1 26  ? -15.524 8.291   5.594   1.00 17.95 ? 14  HIS A ND1 1 
ATOM   115  C  CD2 . HIS A 1 26  ? -13.524 9.141   5.379   1.00 18.99 ? 14  HIS A CD2 1 
ATOM   116  C  CE1 . HIS A 1 26  ? -15.593 9.220   4.657   1.00 18.26 ? 14  HIS A CE1 1 
ATOM   117  N  NE2 . HIS A 1 26  ? -14.387 9.740   4.493   1.00 17.57 ? 14  HIS A NE2 1 
ATOM   118  N  N   . GLY A 1 27  ? -14.019 6.603   10.663  1.00 15.70 ? 15  GLY A N   1 
ATOM   119  C  CA  . GLY A 1 27  ? -13.985 5.569   11.668  1.00 16.13 ? 15  GLY A CA  1 
ATOM   120  C  C   . GLY A 1 27  ? -12.916 4.531   11.529  1.00 16.00 ? 15  GLY A C   1 
ATOM   121  O  O   . GLY A 1 27  ? -13.082 3.401   11.996  1.00 15.91 ? 15  GLY A O   1 
ATOM   122  N  N   . VAL A 1 28  ? -11.823 4.866   10.851  1.00 12.90 ? 16  VAL A N   1 
ATOM   123  C  CA  . VAL A 1 28  ? -10.690 3.978   10.728  1.00 13.79 ? 16  VAL A CA  1 
ATOM   124  C  C   . VAL A 1 28  ? -9.761  4.239   11.911  1.00 16.87 ? 16  VAL A C   1 
ATOM   125  O  O   . VAL A 1 28  ? -9.148  5.308   12.024  1.00 18.66 ? 16  VAL A O   1 
ATOM   126  C  CB  . VAL A 1 28  ? -9.912  4.236   9.419   1.00 15.59 ? 16  VAL A CB  1 
ATOM   127  C  CG1 . VAL A 1 28  ? -8.707  3.342   9.325   1.00 15.52 ? 16  VAL A CG1 1 
ATOM   128  C  CG2 . VAL A 1 28  ? -10.822 4.054   8.197   1.00 16.21 ? 16  VAL A CG2 1 
ATOM   129  N  N   . ASP A 1 29  ? -9.712  3.316   12.848  1.00 14.00 ? 17  ASP A N   1 
ATOM   130  C  CA  . ASP A 1 29  ? -8.854  3.507   14.012  1.00 16.88 ? 17  ASP A CA  1 
ATOM   131  C  C   . ASP A 1 29  ? -7.443  3.057   13.721  1.00 14.27 ? 17  ASP A C   1 
ATOM   132  O  O   . ASP A 1 29  ? -7.216  2.188   12.914  1.00 16.86 ? 17  ASP A O   1 
ATOM   133  C  CB  . ASP A 1 29  ? -9.442  2.780   15.197  1.00 17.43 ? 17  ASP A CB  1 
ATOM   134  C  CG  . ASP A 1 29  ? -10.944 3.106   15.375  1.00 15.88 ? 17  ASP A CG  1 
ATOM   135  O  OD1 . ASP A 1 29  ? -11.302 4.312   15.555  1.00 21.07 ? 17  ASP A OD1 1 
ATOM   136  O  OD2 . ASP A 1 29  ? -11.758 2.195   15.203  1.00 18.29 ? 17  ASP A OD2 1 
ATOM   137  N  N   . HIS A 1 30  ? -6.498  3.695   14.380  1.00 15.27 ? 18  HIS A N   1 
ATOM   138  C  CA  . HIS A 1 30  ? -5.087  3.512   14.045  1.00 15.96 ? 18  HIS A CA  1 
ATOM   139  C  C   . HIS A 1 30  ? -4.194  3.523   15.265  1.00 17.55 ? 18  HIS A C   1 
ATOM   140  O  O   . HIS A 1 30  ? -4.530  4.131   16.259  1.00 16.90 ? 18  HIS A O   1 
ATOM   141  C  CB  . HIS A 1 30  ? -4.620  4.591   13.052  1.00 17.81 ? 18  HIS A CB  1 
ATOM   142  C  CG  . HIS A 1 30  ? -5.069  5.982   13.415  1.00 19.31 ? 18  HIS A CG  1 
ATOM   143  N  ND1 . HIS A 1 30  ? -4.249  6.928   13.997  1.00 25.12 ? 18  HIS A ND1 1 
ATOM   144  C  CD2 . HIS A 1 30  ? -6.291  6.558   13.311  1.00 20.63 ? 18  HIS A CD2 1 
ATOM   145  C  CE1 . HIS A 1 30  ? -4.942  8.031   14.219  1.00 28.72 ? 18  HIS A CE1 1 
ATOM   146  N  NE2 . HIS A 1 30  ? -6.193  7.832   13.829  1.00 24.88 ? 18  HIS A NE2 1 
ATOM   147  N  N   . LYS A 1 31  ? -3.043  2.846   15.160  1.00 15.42 ? 19  LYS A N   1 
ATOM   148  C  CA  . LYS A 1 31  ? -2.027  2.898   16.171  1.00 15.43 ? 19  LYS A CA  1 
ATOM   149  C  C   . LYS A 1 31  ? -0.724  3.082   15.414  1.00 14.75 ? 19  LYS A C   1 
ATOM   150  O  O   . LYS A 1 31  ? -0.436  2.290   14.518  1.00 16.65 ? 19  LYS A O   1 
ATOM   151  C  CB  . LYS A 1 31  ? -1.960  1.594   16.947  1.00 16.97 ? 19  LYS A CB  1 
ATOM   152  C  CG  . LYS A 1 31  ? -1.029  1.632   18.182  1.00 22.63 ? 19  LYS A CG  1 
ATOM   153  N  N   . THR A 1 32  ? 0.051   4.107   15.767  1.00 14.83 ? 20  THR A N   1 
ATOM   154  C  CA  . THR A 1 32  ? 1.287   4.411   15.066  1.00 15.31 ? 20  THR A CA  1 
ATOM   155  C  C   . THR A 1 32  ? 2.491   4.290   15.986  1.00 17.51 ? 20  THR A C   1 
ATOM   156  O  O   . THR A 1 32  ? 2.488   4.788   17.115  1.00 18.86 ? 20  THR A O   1 
ATOM   157  C  CB  . THR A 1 32  ? 1.206   5.818   14.500  1.00 17.58 ? 20  THR A CB  1 
ATOM   158  O  OG1 . THR A 1 32  ? 0.126   5.856   13.560  1.00 17.69 ? 20  THR A OG1 1 
ATOM   159  C  CG2 . THR A 1 32  ? 2.470   6.213   13.728  1.00 19.50 ? 20  THR A CG2 1 
ATOM   160  N  N   . LEU A 1 33  ? 3.571   3.744   15.447  1.00 18.88 ? 21  LEU A N   1 
ATOM   161  C  CA  . LEU A 1 33  ? 4.859   3.674   16.119  1.00 18.00 ? 21  LEU A CA  1 
ATOM   162  C  C   . LEU A 1 33  ? 5.820   4.545   15.290  1.00 17.28 ? 21  LEU A C   1 
ATOM   163  O  O   . LEU A 1 33  ? 5.949   4.327   14.096  1.00 15.80 ? 21  LEU A O   1 
ATOM   164  C  CB  . LEU A 1 33  ? 5.361   2.232   16.162  1.00 19.39 ? 21  LEU A CB  1 
ATOM   165  C  CG  . LEU A 1 33  ? 6.762   1.986   16.692  1.00 23.46 ? 21  LEU A CG  1 
ATOM   166  C  CD1 . LEU A 1 33  ? 6.900   2.493   18.108  1.00 28.85 ? 21  LEU A CD1 1 
ATOM   167  C  CD2 . LEU A 1 33  ? 7.071   0.500   16.602  1.00 26.20 ? 21  LEU A CD2 1 
ATOM   168  N  N   . ASP A 1 34  ? 6.460   5.548   15.904  1.00 15.10 ? 22  ASP A N   1 
ATOM   169  C  CA  . ASP A 1 34  ? 7.454   6.352   15.201  1.00 15.67 ? 22  ASP A CA  1 
ATOM   170  C  C   . ASP A 1 34  ? 8.805   5.683   15.365  1.00 16.86 ? 22  ASP A C   1 
ATOM   171  O  O   . ASP A 1 34  ? 9.124   5.141   16.427  1.00 18.66 ? 22  ASP A O   1 
ATOM   172  C  CB  . ASP A 1 34  ? 7.519   7.746   15.790  1.00 18.55 ? 22  ASP A CB  1 
ATOM   173  C  CG  . ASP A 1 34  ? 6.210   8.462   15.701  1.00 25.58 ? 22  ASP A CG  1 
ATOM   174  O  OD1 . ASP A 1 34  ? 5.683   8.592   14.592  1.00 27.47 ? 22  ASP A OD1 1 
ATOM   175  O  OD2 . ASP A 1 34  ? 5.616   8.889   16.693  1.00 38.25 ? 22  ASP A OD2 1 
ATOM   176  N  N   . HIS A 1 35  ? 9.638   5.807   14.352  1.00 17.62 ? 23  HIS A N   1 
ATOM   177  C  CA  . HIS A 1 35  ? 10.938  5.150   14.344  1.00 16.69 ? 23  HIS A CA  1 
ATOM   178  C  C   . HIS A 1 35  ? 11.813  5.737   13.251  1.00 16.44 ? 23  HIS A C   1 
ATOM   179  O  O   . HIS A 1 35  ? 11.326  6.235   12.242  1.00 15.90 ? 23  HIS A O   1 
ATOM   180  C  CB  . HIS A 1 35  ? 10.807  3.640   14.181  1.00 16.30 ? 23  HIS A CB  1 
ATOM   181  C  CG  . HIS A 1 35  ? 10.022  3.216   12.979  1.00 15.88 ? 23  HIS A CG  1 
ATOM   182  N  ND1 . HIS A 1 35  ? 10.547  3.213   11.703  1.00 17.01 ? 23  HIS A ND1 1 
ATOM   183  C  CD2 . HIS A 1 35  ? 8.758   2.758   12.884  1.00 16.45 ? 23  HIS A CD2 1 
ATOM   184  C  CE1 . HIS A 1 35  ? 9.620   2.786   10.865  1.00 17.03 ? 23  HIS A CE1 1 
ATOM   185  N  NE2 . HIS A 1 35  ? 8.521   2.504   11.555  1.00 15.78 ? 23  HIS A NE2 1 
ATOM   186  N  N   . PRO A 1 36  ? 13.124  5.701   13.384  1.00 17.27 ? 24  PRO A N   1 
ATOM   187  C  CA  . PRO A 1 36  ? 13.934  6.082   12.252  1.00 18.37 ? 24  PRO A CA  1 
ATOM   188  C  C   . PRO A 1 36  ? 13.659  5.173   11.051  1.00 18.64 ? 24  PRO A C   1 
ATOM   189  O  O   . PRO A 1 36  ? 13.307  4.010   11.228  1.00 17.55 ? 24  PRO A O   1 
ATOM   190  C  CB  . PRO A 1 36  ? 15.370  5.822   12.731  1.00 21.01 ? 24  PRO A CB  1 
ATOM   191  C  CG  . PRO A 1 36  ? 15.266  5.862   14.186  1.00 22.25 ? 24  PRO A CG  1 
ATOM   192  C  CD  . PRO A 1 36  ? 13.927  5.368   14.578  1.00 18.57 ? 24  PRO A CD  1 
ATOM   193  N  N   . PRO A 1 37  ? 13.856  5.671   9.851   1.00 18.40 ? 25  PRO A N   1 
ATOM   194  C  CA  . PRO A 1 37  ? 13.724  4.801   8.673   1.00 17.21 ? 25  PRO A CA  1 
ATOM   195  C  C   . PRO A 1 37  ? 14.630  3.582   8.859   1.00 18.13 ? 25  PRO A C   1 
ATOM   196  O  O   . PRO A 1 37  ? 15.747  3.714   9.339   1.00 19.06 ? 25  PRO A O   1 
ATOM   197  C  CB  . PRO A 1 37  ? 14.214  5.698   7.557   1.00 18.75 ? 25  PRO A CB  1 
ATOM   198  C  CG  . PRO A 1 37  ? 13.847  7.076   8.041   1.00 21.20 ? 25  PRO A CG  1 
ATOM   199  C  CD  . PRO A 1 37  ? 14.206  7.046   9.475   1.00 20.01 ? 25  PRO A CD  1 
ATOM   200  N  N   . VAL A 1 38  ? 14.115  2.421   8.507   1.00 16.48 ? 26  VAL A N   1 
ATOM   201  C  CA  . VAL A 1 38  ? 14.764  1.152   8.871   1.00 16.61 ? 26  VAL A CA  1 
ATOM   202  C  C   . VAL A 1 38  ? 15.786  0.789   7.817   1.00 17.41 ? 26  VAL A C   1 
ATOM   203  O  O   . VAL A 1 38  ? 15.423  0.601   6.625   1.00 16.31 ? 26  VAL A O   1 
ATOM   204  C  CB  . VAL A 1 38  ? 13.763  0.038   8.987   1.00 16.74 ? 26  VAL A CB  1 
ATOM   205  C  CG1 . VAL A 1 38  ? 14.443  -1.271  9.359   1.00 18.67 ? 26  VAL A CG1 1 
ATOM   206  C  CG2 . VAL A 1 38  ? 12.697  0.381   10.040  1.00 22.38 ? 26  VAL A CG2 1 
ATOM   207  N  N   . PHE A 1 39  ? 17.039  0.677   8.276   1.00 19.78 ? 27  PHE A N   1 
ATOM   208  C  CA  . PHE A 1 39  ? 18.176  0.203   7.439   1.00 19.66 ? 27  PHE A CA  1 
ATOM   209  C  C   . PHE A 1 39  ? 18.913  -0.961  8.068   1.00 25.03 ? 27  PHE A C   1 
ATOM   210  O  O   . PHE A 1 39  ? 19.993  -1.313  7.629   1.00 22.55 ? 27  PHE A O   1 
ATOM   211  C  CB  . PHE A 1 39  ? 19.151  1.325   7.204   1.00 21.44 ? 27  PHE A CB  1 
ATOM   212  C  CG  . PHE A 1 39  ? 18.668  2.351   6.257   1.00 21.92 ? 27  PHE A CG  1 
ATOM   213  C  CD1 . PHE A 1 39  ? 18.705  2.109   4.901   1.00 21.38 ? 27  PHE A CD1 1 
ATOM   214  C  CD2 . PHE A 1 39  ? 18.205  3.576   6.710   1.00 22.46 ? 27  PHE A CD2 1 
ATOM   215  C  CE1 . PHE A 1 39  ? 18.280  3.065   4.009   1.00 20.18 ? 27  PHE A CE1 1 
ATOM   216  C  CE2 . PHE A 1 39  ? 17.768  4.517   5.819   1.00 25.41 ? 27  PHE A CE2 1 
ATOM   217  C  CZ  . PHE A 1 39  ? 17.798  4.251   4.463   1.00 23.04 ? 27  PHE A CZ  1 
ATOM   218  N  N   . ARG A 1 40  ? 18.333  -1.569  9.097   1.00 22.85 ? 28  ARG A N   1 
ATOM   219  C  CA  . ARG A 1 40  ? 19.018  -2.624  9.832   1.00 28.80 ? 28  ARG A CA  1 
ATOM   220  C  C   . ARG A 1 40  ? 17.992  -3.675  10.140  1.00 29.42 ? 28  ARG A C   1 
ATOM   221  O  O   . ARG A 1 40  ? 16.867  -3.358  10.598  1.00 25.05 ? 28  ARG A O   1 
ATOM   222  C  CB  . ARG A 1 40  ? 19.612  -2.081  11.128  1.00 27.71 ? 28  ARG A CB  1 
ATOM   223  C  CG  . ARG A 1 40  ? 20.877  -1.313  10.972  1.00 34.60 ? 28  ARG A CG  1 
ATOM   224  C  CD  . ARG A 1 40  ? 21.319  -0.581  12.250  1.00 38.49 ? 28  ARG A CD  1 
ATOM   225  N  NE  . ARG A 1 40  ? 21.089  -1.353  13.468  1.00 52.15 ? 28  ARG A NE  1 
ATOM   226  C  CZ  . ARG A 1 40  ? 21.751  -2.458  13.814  1.00 55.56 ? 28  ARG A CZ  1 
ATOM   227  N  NH1 . ARG A 1 40  ? 22.728  -2.958  13.054  1.00 63.28 ? 28  ARG A NH1 1 
ATOM   228  N  NH2 . ARG A 1 40  ? 21.439  -3.062  14.954  1.00 52.38 ? 28  ARG A NH2 1 
ATOM   229  N  N   . VAL A 1 41  ? 18.343  -4.919  9.865   1.00 25.57 ? 29  VAL A N   1 
ATOM   230  C  CA  . VAL A 1 41  ? 17.398  -6.015  10.021  1.00 24.89 ? 29  VAL A CA  1 
ATOM   231  C  C   . VAL A 1 41  ? 16.923  -6.152  11.506  1.00 23.10 ? 29  VAL A C   1 
ATOM   232  O  O   . VAL A 1 41  ? 15.755  -6.440  11.769  1.00 24.65 ? 29  VAL A O   1 
ATOM   233  C  CB  . VAL A 1 41  ? 17.979  -7.338  9.452   1.00 30.42 ? 29  VAL A CB  1 
ATOM   234  C  CG1 . VAL A 1 41  ? 19.134  -7.822  10.270  1.00 28.82 ? 29  VAL A CG1 1 
ATOM   235  C  CG2 . VAL A 1 41  ? 16.875  -8.424  9.295   1.00 28.39 ? 29  VAL A CG2 1 
ATOM   236  N  N   . GLU A 1 42  ? 17.796  -5.856  12.461  1.00 23.32 ? 30  GLU A N   1 
ATOM   237  C  CA  . GLU A 1 42  ? 17.420  -5.960  13.879  1.00 24.24 ? 30  GLU A CA  1 
ATOM   238  C  C   . GLU A 1 42  ? 16.288  -5.009  14.238  1.00 23.44 ? 30  GLU A C   1 
ATOM   239  O  O   . GLU A 1 42  ? 15.347  -5.373  14.978  1.00 21.09 ? 30  GLU A O   1 
ATOM   240  C  CB  . GLU A 1 42  ? 18.612  -5.674  14.771  1.00 23.78 ? 30  GLU A CB  1 
ATOM   241  C  CG  . GLU A 1 42  ? 19.741  -6.708  14.619  1.00 26.29 ? 30  GLU A CG  1 
ATOM   242  C  CD  . GLU A 1 42  ? 20.792  -6.362  13.564  1.00 33.61 ? 30  GLU A CD  1 
ATOM   243  O  OE1 . GLU A 1 42  ? 20.569  -5.485  12.700  1.00 29.41 ? 30  GLU A OE1 1 
ATOM   244  O  OE2 . GLU A 1 42  ? 21.883  -6.993  13.617  1.00 38.70 ? 30  GLU A OE2 1 
ATOM   245  N  N   . GLU A 1 43  ? 16.361  -3.793  13.687  1.00 23.15 ? 31  GLU A N   1 
ATOM   246  C  CA  . GLU A 1 43  ? 15.308  -2.782  13.911  1.00 22.62 ? 31  GLU A CA  1 
ATOM   247  C  C   . GLU A 1 43  ? 13.981  -3.202  13.307  1.00 20.86 ? 31  GLU A C   1 
ATOM   248  O  O   . GLU A 1 43  ? 12.913  -3.014  13.916  1.00 21.87 ? 31  GLU A O   1 
ATOM   249  C  CB  A GLU A 1 43  ? 15.777  -1.393  13.447  0.50 22.75 ? 31  GLU A CB  1 
ATOM   250  C  CB  B GLU A 1 43  ? 15.705  -1.446  13.281  0.50 23.09 ? 31  GLU A CB  1 
ATOM   251  C  CG  A GLU A 1 43  ? 16.680  -0.675  14.455  0.50 27.03 ? 31  GLU A CG  1 
ATOM   252  C  CG  B GLU A 1 43  ? 16.724  -0.666  14.066  0.50 25.00 ? 31  GLU A CG  1 
ATOM   253  C  CD  A GLU A 1 43  ? 18.100  -1.232  14.526  0.50 28.03 ? 31  GLU A CD  1 
ATOM   254  C  CD  B GLU A 1 43  ? 17.428  0.399   13.239  0.50 25.43 ? 31  GLU A CD  1 
ATOM   255  O  OE1 A GLU A 1 43  ? 18.454  -2.057  13.667  0.50 35.03 ? 31  GLU A OE1 1 
ATOM   256  O  OE1 B GLU A 1 43  ? 16.941  0.762   12.144  0.50 29.58 ? 31  GLU A OE1 1 
ATOM   257  O  OE2 A GLU A 1 43  ? 18.878  -0.835  15.427  0.50 38.10 ? 31  GLU A OE2 1 
ATOM   258  O  OE2 B GLU A 1 43  ? 18.488  0.870   13.702  0.50 36.39 ? 31  GLU A OE2 1 
ATOM   259  N  N   . GLY A 1 44  ? 14.021  -3.814  12.126  1.00 18.27 ? 32  GLY A N   1 
ATOM   260  C  CA  . GLY A 1 44  ? 12.839  -4.290  11.479  1.00 19.72 ? 32  GLY A CA  1 
ATOM   261  C  C   . GLY A 1 44  ? 12.153  -5.356  12.315  1.00 19.59 ? 32  GLY A C   1 
ATOM   262  O  O   . GLY A 1 44  ? 10.944  -5.337  12.465  1.00 20.02 ? 32  GLY A O   1 
ATOM   263  N  N   . LEU A 1 45  ? 12.945  -6.276  12.881  1.00 21.01 ? 33  LEU A N   1 
ATOM   264  C  CA  . LEU A 1 45  ? 12.406  -7.304  13.747  1.00 20.93 ? 33  LEU A CA  1 
ATOM   265  C  C   . LEU A 1 45  ? 11.767  -6.738  15.022  1.00 19.23 ? 33  LEU A C   1 
ATOM   266  O  O   . LEU A 1 45  ? 10.747  -7.220  15.531  1.00 17.19 ? 33  LEU A O   1 
ATOM   267  C  CB  . LEU A 1 45  ? 13.525  -8.269  14.117  1.00 23.27 ? 33  LEU A CB  1 
ATOM   268  C  CG  . LEU A 1 45  ? 13.757  -9.298  13.032  1.00 30.21 ? 33  LEU A CG  1 
ATOM   269  C  CD1 . LEU A 1 45  ? 15.122  -9.976  13.226  1.00 38.17 ? 33  LEU A CD1 1 
ATOM   270  C  CD2 . LEU A 1 45  ? 12.643  -10.329 13.064  1.00 35.73 ? 33  LEU A CD2 1 
ATOM   271  N  N   . GLU A 1 46  ? 12.406  -5.720  15.572  1.00 16.94 ? 34  GLU A N   1 
ATOM   272  C  CA  . GLU A 1 46  ? 11.853  -5.072  16.759  1.00 16.96 ? 34  GLU A CA  1 
ATOM   273  C  C   . GLU A 1 46  ? 10.492  -4.455  16.477  1.00 16.29 ? 34  GLU A C   1 
ATOM   274  O  O   . GLU A 1 46  ? 9.574   -4.583  17.293  1.00 16.90 ? 34  GLU A O   1 
ATOM   275  C  CB  . GLU A 1 46  ? 12.804  -3.991  17.288  1.00 20.36 ? 34  GLU A CB  1 
ATOM   276  C  CG  . GLU A 1 46  ? 14.024  -4.545  17.996  1.00 24.46 ? 34  GLU A CG  1 
ATOM   277  C  CD  . GLU A 1 46  ? 15.027  -3.444  18.342  1.00 29.32 ? 34  GLU A CD  1 
ATOM   278  O  OE1 . GLU A 1 46  ? 14.885  -2.296  17.836  1.00 38.15 ? 34  GLU A OE1 1 
ATOM   279  O  OE2 . GLU A 1 46  ? 15.960  -3.731  19.121  1.00 43.91 ? 34  GLU A OE2 1 
ATOM   280  N  N   . ILE A 1 47  ? 10.357  -3.817  15.314  1.00 16.72 ? 35  ILE A N   1 
ATOM   281  C  CA  . ILE A 1 47  ? 9.073   -3.241  14.900  1.00 16.73 ? 35  ILE A CA  1 
ATOM   282  C  C   . ILE A 1 47  ? 8.001   -4.292  14.701  1.00 17.32 ? 35  ILE A C   1 
ATOM   283  O  O   . ILE A 1 47  ? 6.884   -4.142  15.196  1.00 18.91 ? 35  ILE A O   1 
ATOM   284  C  CB  . ILE A 1 47  ? 9.251   -2.360  13.634  1.00 18.68 ? 35  ILE A CB  1 
ATOM   285  C  CG1 . ILE A 1 47  ? 10.106  -1.173  14.028  1.00 18.56 ? 35  ILE A CG1 1 
ATOM   286  C  CG2 . ILE A 1 47  ? 7.904   -1.900  13.104  1.00 23.33 ? 35  ILE A CG2 1 
ATOM   287  C  CD1 . ILE A 1 47  ? 10.633  -0.387  12.865  1.00 23.11 ? 35  ILE A CD1 1 
ATOM   288  N  N   . LYS A 1 48  ? 8.364   -5.386  14.055  1.00 19.11 ? 36  LYS A N   1 
ATOM   289  C  CA  . LYS A 1 48  ? 7.435   -6.451  13.815  1.00 21.77 ? 36  LYS A CA  1 
ATOM   290  C  C   . LYS A 1 48  ? 7.023   -7.097  15.112  1.00 19.76 ? 36  LYS A C   1 
ATOM   291  O  O   . LYS A 1 48  ? 5.878   -7.508  15.259  1.00 22.87 ? 36  LYS A O   1 
ATOM   292  C  CB  . LYS A 1 48  ? 8.022   -7.447  12.844  1.00 24.06 ? 36  LYS A CB  1 
ATOM   293  C  CG  . LYS A 1 48  ? 8.177   -6.869  11.434  1.00 23.68 ? 36  LYS A CG  1 
ATOM   294  C  CD  . LYS A 1 48  ? 8.748   -7.911  10.502  1.00 31.84 ? 36  LYS A CD  1 
ATOM   295  C  CE  . LYS A 1 48  ? 8.685   -7.483  9.038   1.00 37.74 ? 36  LYS A CE  1 
ATOM   296  N  NZ  . LYS A 1 48  ? 9.644   -6.409  8.712   1.00 44.29 ? 36  LYS A NZ  1 
ATOM   297  N  N   . ALA A 1 49  ? 7.925   -7.140  16.089  1.00 18.77 ? 37  ALA A N   1 
ATOM   298  C  CA  . ALA A 1 49  ? 7.589   -7.731  17.377  1.00 19.15 ? 37  ALA A CA  1 
ATOM   299  C  C   . ALA A 1 49  ? 6.576   -6.874  18.130  1.00 20.44 ? 37  ALA A C   1 
ATOM   300  O  O   . ALA A 1 49  ? 5.699   -7.390  18.808  1.00 23.79 ? 37  ALA A O   1 
ATOM   301  C  CB  . ALA A 1 49  ? 8.842   -7.938  18.212  1.00 18.77 ? 37  ALA A CB  1 
ATOM   302  N  N   . ALA A 1 50  ? 6.678   -5.559  18.000  1.00 16.46 ? 38  ALA A N   1 
ATOM   303  C  CA  . ALA A 1 50  ? 5.745   -4.631  18.626  1.00 19.54 ? 38  ALA A CA  1 
ATOM   304  C  C   . ALA A 1 50  ? 4.428   -4.443  17.904  1.00 20.27 ? 38  ALA A C   1 
ATOM   305  O  O   . ALA A 1 50  ? 3.472   -3.953  18.503  1.00 22.75 ? 38  ALA A O   1 
ATOM   306  C  CB  . ALA A 1 50  ? 6.396   -3.257  18.786  1.00 21.87 ? 38  ALA A CB  1 
HETATM 307  N  N   . MSE A 1 51  ? 4.388   -4.796  16.625  1.00 18.05 ? 39  MSE A N   1 
HETATM 308  C  CA  . MSE A 1 51  ? 3.269   -4.523  15.743  1.00 16.84 ? 39  MSE A CA  1 
HETATM 309  C  C   . MSE A 1 51  ? 2.836   -5.784  15.036  1.00 17.46 ? 39  MSE A C   1 
HETATM 310  O  O   . MSE A 1 51  ? 3.410   -6.174  14.043  1.00 16.90 ? 39  MSE A O   1 
HETATM 311  C  CB  A MSE A 1 51  ? 3.675   -3.440  14.719  0.60 17.13 ? 39  MSE A CB  1 
HETATM 312  C  CB  B MSE A 1 51  ? 3.670   -3.459  14.737  0.40 17.31 ? 39  MSE A CB  1 
HETATM 313  C  CG  A MSE A 1 51  ? 4.102   -2.104  15.359  0.60 19.59 ? 39  MSE A CG  1 
HETATM 314  C  CG  B MSE A 1 51  ? 4.012   -2.176  15.422  0.40 18.93 ? 39  MSE A CG  1 
HETATM 315  SE SE  A MSE A 1 51  ? 2.669   -0.988  16.123  0.60 24.34 ? 39  MSE A SE  1 
HETATM 316  SE SE  B MSE A 1 51  ? 4.312   -0.830  14.127  0.40 22.45 ? 39  MSE A SE  1 
HETATM 317  C  CE  A MSE A 1 51  ? 1.987   -0.168  14.513  0.60 15.48 ? 39  MSE A CE  1 
HETATM 318  C  CE  B MSE A 1 51  ? 2.475   -0.217  13.866  0.40 16.09 ? 39  MSE A CE  1 
ATOM   319  N  N   . PRO A 1 52  ? 1.847   -6.470  15.590  1.00 14.85 ? 40  PRO A N   1 
ATOM   320  C  CA  . PRO A 1 52  ? 1.359   -7.707  14.984  1.00 15.96 ? 40  PRO A CA  1 
ATOM   321  C  C   . PRO A 1 52  ? 0.748   -7.527  13.628  1.00 17.63 ? 40  PRO A C   1 
ATOM   322  O  O   . PRO A 1 52  ? 0.451   -6.408  13.205  1.00 17.58 ? 40  PRO A O   1 
ATOM   323  C  CB  . PRO A 1 52  ? 0.255   -8.162  15.950  1.00 17.67 ? 40  PRO A CB  1 
ATOM   324  C  CG  . PRO A 1 52  ? 0.447   -7.387  17.178  1.00 20.73 ? 40  PRO A CG  1 
ATOM   325  C  CD  . PRO A 1 52  ? 1.120   -6.113  16.817  1.00 19.33 ? 40  PRO A CD  1 
ATOM   326  N  N   . GLY A 1 53  ? 0.497   -8.644  12.961  1.00 18.23 ? 41  GLY A N   1 
ATOM   327  C  CA  . GLY A 1 53  ? -0.245  -8.612  11.716  1.00 18.43 ? 41  GLY A CA  1 
ATOM   328  C  C   . GLY A 1 53  ? 0.645   -8.521  10.513  1.00 16.85 ? 41  GLY A C   1 
ATOM   329  O  O   . GLY A 1 53  ? 1.825   -8.858  10.572  1.00 19.27 ? 41  GLY A O   1 
ATOM   330  N  N   . GLY A 1 54  ? 0.043   -8.162  9.387   1.00 16.73 ? 42  GLY A N   1 
ATOM   331  C  CA  . GLY A 1 54  ? 0.701   -8.159  8.104   1.00 17.32 ? 42  GLY A CA  1 
ATOM   332  C  C   . GLY A 1 54  ? 1.549   -6.937  7.946   1.00 17.25 ? 42  GLY A C   1 
ATOM   333  O  O   . GLY A 1 54  ? 1.070   -5.831  8.041   1.00 18.17 ? 42  GLY A O   1 
ATOM   334  N  N   . HIS A 1 55  ? 2.817   -7.165  7.635   1.00 15.96 ? 43  HIS A N   1 
ATOM   335  C  CA  . HIS A 1 55  ? 3.756   -6.093  7.303   1.00 16.46 ? 43  HIS A CA  1 
ATOM   336  C  C   . HIS A 1 55  ? 3.938   -6.085  5.804   1.00 18.31 ? 43  HIS A C   1 
ATOM   337  O  O   . HIS A 1 55  ? 4.011   -7.145  5.148   1.00 17.16 ? 43  HIS A O   1 
ATOM   338  C  CB  . HIS A 1 55  ? 5.065   -6.218  8.069   1.00 18.95 ? 43  HIS A CB  1 
ATOM   339  C  CG  . HIS A 1 55  ? 4.930   -5.810  9.488   1.00 17.47 ? 43  HIS A CG  1 
ATOM   340  N  ND1 . HIS A 1 55  ? 5.139   -4.512  9.895   1.00 19.13 ? 43  HIS A ND1 1 
ATOM   341  C  CD2 . HIS A 1 55  ? 4.418   -6.473  10.561  1.00 17.61 ? 43  HIS A CD2 1 
ATOM   342  C  CE1 . HIS A 1 55  ? 4.860   -4.421  11.189  1.00 19.35 ? 43  HIS A CE1 1 
ATOM   343  N  NE2 . HIS A 1 55  ? 4.399   -5.585  11.608  1.00 18.30 ? 43  HIS A NE2 1 
ATOM   344  N  N   . THR A 1 56  ? 3.958   -4.882  5.250   1.00 16.25 ? 44  THR A N   1 
ATOM   345  C  CA  . THR A 1 56  ? 3.595   -4.724  3.835   1.00 14.48 ? 44  THR A CA  1 
ATOM   346  C  C   . THR A 1 56  ? 4.753   -4.200  3.000   1.00 16.62 ? 44  THR A C   1 
ATOM   347  O  O   . THR A 1 56  ? 5.679   -3.547  3.491   1.00 18.69 ? 44  THR A O   1 
ATOM   348  C  CB  . THR A 1 56  ? 2.458   -3.765  3.624   1.00 15.00 ? 44  THR A CB  1 
ATOM   349  O  OG1 . THR A 1 56  ? 2.799   -2.471  4.160   1.00 15.69 ? 44  THR A OG1 1 
ATOM   350  C  CG2 . THR A 1 56  ? 1.188   -4.259  4.362   1.00 16.76 ? 44  THR A CG2 1 
ATOM   351  N  N   . LYS A 1 57  ? 4.630   -4.457  1.705   1.00 15.13 ? 45  LYS A N   1 
ATOM   352  C  CA  . LYS A 1 57  ? 5.370   -3.752  0.693   1.00 15.94 ? 45  LYS A CA  1 
ATOM   353  C  C   . LYS A 1 57  ? 4.329   -3.221  -0.281  1.00 17.45 ? 45  LYS A C   1 
ATOM   354  O  O   . LYS A 1 57  ? 3.224   -3.731  -0.394  1.00 15.50 ? 45  LYS A O   1 
ATOM   355  C  CB  . LYS A 1 57  ? 6.351   -4.688  0.023   1.00 15.63 ? 45  LYS A CB  1 
ATOM   356  C  CG  . LYS A 1 57  ? 5.718   -5.785  -0.779  1.00 16.34 ? 45  LYS A CG  1 
ATOM   357  C  CD  . LYS A 1 57  ? 6.796   -6.661  -1.368  1.00 16.32 ? 45  LYS A CD  1 
ATOM   358  C  CE  . LYS A 1 57  ? 6.264   -7.926  -1.980  1.00 17.68 ? 45  LYS A CE  1 
ATOM   359  N  NZ  . LYS A 1 57  ? 7.348   -8.844  -2.527  1.00 18.14 ? 45  LYS A NZ  1 
ATOM   360  N  N   . ASN A 1 58  ? 4.680   -2.155  -0.967  1.00 14.35 ? 46  ASN A N   1 
ATOM   361  C  CA  . ASN A 1 58  ? 3.725   -1.417  -1.779  1.00 14.43 ? 46  ASN A CA  1 
ATOM   362  C  C   . ASN A 1 58  ? 4.411   -0.953  -3.063  1.00 13.41 ? 46  ASN A C   1 
ATOM   363  O  O   . ASN A 1 58  ? 5.261   -0.075  -3.024  1.00 16.41 ? 46  ASN A O   1 
ATOM   364  C  CB  . ASN A 1 58  ? 3.216   -0.179  -0.992  1.00 16.41 ? 46  ASN A CB  1 
ATOM   365  C  CG  . ASN A 1 58  ? 2.551   -0.577  0.323   1.00 16.54 ? 46  ASN A CG  1 
ATOM   366  O  OD1 . ASN A 1 58  ? 1.314   -0.690  0.389   1.00 17.87 ? 46  ASN A OD1 1 
ATOM   367  N  ND2 . ASN A 1 58  ? 3.377   -0.817  1.391   1.00 16.80 ? 46  ASN A ND2 1 
ATOM   368  N  N   . LEU A 1 59  ? 4.079   -1.619  -4.171  1.00 14.49 ? 47  LEU A N   1 
ATOM   369  C  CA  . LEU A 1 59  ? 4.761   -1.432  -5.430  1.00 14.39 ? 47  LEU A CA  1 
ATOM   370  C  C   . LEU A 1 59  ? 4.016   -0.450  -6.294  1.00 14.42 ? 47  LEU A C   1 
ATOM   371  O  O   . LEU A 1 59  ? 2.792   -0.601  -6.508  1.00 15.16 ? 47  LEU A O   1 
ATOM   372  C  CB  . LEU A 1 59  ? 4.901   -2.721  -6.219  1.00 15.03 ? 47  LEU A CB  1 
ATOM   373  C  CG  . LEU A 1 59  ? 5.829   -3.803  -5.725  1.00 17.24 ? 47  LEU A CG  1 
ATOM   374  C  CD1 . LEU A 1 59  ? 5.304   -4.457  -4.457  1.00 19.59 ? 47  LEU A CD1 1 
ATOM   375  C  CD2 . LEU A 1 59  ? 5.890   -4.813  -6.871  1.00 17.63 ? 47  LEU A CD2 1 
ATOM   376  N  N   . PHE A 1 60  ? 4.730   0.580   -6.743  1.00 14.97 ? 48  PHE A N   1 
ATOM   377  C  CA  . PHE A 1 60  ? 4.140   1.623   -7.600  1.00 13.93 ? 48  PHE A CA  1 
ATOM   378  C  C   . PHE A 1 60  ? 4.602   1.338   -8.998  1.00 13.89 ? 48  PHE A C   1 
ATOM   379  O  O   . PHE A 1 60  ? 5.820   1.466   -9.334  1.00 13.27 ? 48  PHE A O   1 
ATOM   380  C  CB  . PHE A 1 60  ? 4.590   3.001   -7.153  1.00 14.35 ? 48  PHE A CB  1 
ATOM   381  C  CG  . PHE A 1 60  ? 4.044   4.126   -8.004  1.00 14.08 ? 48  PHE A CG  1 
ATOM   382  C  CD1 . PHE A 1 60  ? 2.697   4.443   -7.941  1.00 14.88 ? 48  PHE A CD1 1 
ATOM   383  C  CD2 . PHE A 1 60  ? 4.866   4.859   -8.847  1.00 13.93 ? 48  PHE A CD2 1 
ATOM   384  C  CE1 . PHE A 1 60  ? 2.187   5.466   -8.685  1.00 15.54 ? 48  PHE A CE1 1 
ATOM   385  C  CE2 . PHE A 1 60  ? 4.372   5.888   -9.616  1.00 14.33 ? 48  PHE A CE2 1 
ATOM   386  C  CZ  . PHE A 1 60  ? 3.010   6.195   -9.529  1.00 14.11 ? 48  PHE A CZ  1 
ATOM   387  N  N   . LEU A 1 61  ? 3.640   0.950   -9.842  1.00 15.12 ? 49  LEU A N   1 
ATOM   388  C  CA  . LEU A 1 61  ? 3.891   0.490   -11.187 1.00 13.66 ? 49  LEU A CA  1 
ATOM   389  C  C   . LEU A 1 61  ? 3.205   1.329   -12.256 1.00 14.63 ? 49  LEU A C   1 
ATOM   390  O  O   . LEU A 1 61  ? 2.208   1.990   -11.994 1.00 15.26 ? 49  LEU A O   1 
ATOM   391  C  CB  . LEU A 1 61  ? 3.447   -0.964  -11.356 1.00 15.48 ? 49  LEU A CB  1 
ATOM   392  C  CG  . LEU A 1 61  ? 3.906   -1.958  -10.303 1.00 17.10 ? 49  LEU A CG  1 
ATOM   393  C  CD1 . LEU A 1 61  ? 3.270   -3.324  -10.558 1.00 16.84 ? 49  LEU A CD1 1 
ATOM   394  C  CD2 . LEU A 1 61  ? 5.409   -2.082  -10.290 1.00 16.83 ? 49  LEU A CD2 1 
ATOM   395  N  N   . LYS A 1 62  ? 3.781   1.297   -13.449 1.00 17.77 ? 50  LYS A N   1 
ATOM   396  C  CA  . LYS A 1 62  ? 3.194   1.916   -14.634 1.00 18.42 ? 50  LYS A CA  1 
ATOM   397  C  C   . LYS A 1 62  ? 3.268   0.866   -15.737 1.00 17.69 ? 50  LYS A C   1 
ATOM   398  O  O   . LYS A 1 62  ? 4.354   0.288   -15.987 1.00 20.45 ? 50  LYS A O   1 
ATOM   399  C  CB  . LYS A 1 62  ? 3.960   3.166   -15.058 1.00 21.09 ? 50  LYS A CB  1 
ATOM   400  C  CG  . LYS A 1 62  ? 3.389   3.874   -16.254 1.00 23.05 ? 50  LYS A CG  1 
ATOM   401  C  CD  . LYS A 1 62  ? 4.128   5.198   -16.464 1.00 25.71 ? 50  LYS A CD  1 
ATOM   402  C  CE  . LYS A 1 62  ? 4.451   5.500   -17.881 1.00 37.10 ? 50  LYS A CE  1 
ATOM   403  N  NZ  . LYS A 1 62  ? 5.273   6.750   -17.948 1.00 45.93 ? 50  LYS A NZ  1 
ATOM   404  N  N   . ASP A 1 63  ? 2.152   0.619   -16.416 1.00 18.22 ? 51  ASP A N   1 
ATOM   405  C  CA  . ASP A 1 63  ? 2.169   -0.356  -17.505 1.00 17.96 ? 51  ASP A CA  1 
ATOM   406  C  C   . ASP A 1 63  ? 2.447   0.295   -18.884 1.00 17.65 ? 51  ASP A C   1 
ATOM   407  O  O   . ASP A 1 63  ? 2.509   1.544   -19.013 1.00 17.98 ? 51  ASP A O   1 
ATOM   408  C  CB  . ASP A 1 63  ? 0.933   -1.266  -17.518 1.00 17.98 ? 51  ASP A CB  1 
ATOM   409  C  CG  . ASP A 1 63  ? -0.303  -0.598  -18.024 1.00 22.90 ? 51  ASP A CG  1 
ATOM   410  O  OD1 . ASP A 1 63  ? -0.239  0.433   -18.752 1.00 16.82 ? 51  ASP A OD1 1 
ATOM   411  O  OD2 . ASP A 1 63  ? -1.407  -1.088  -17.756 1.00 20.57 ? 51  ASP A OD2 1 
ATOM   412  N  N   . ALA A 1 64  ? 2.647   -0.566  -19.885 1.00 18.40 ? 52  ALA A N   1 
ATOM   413  C  CA  . ALA A 1 64  ? 3.061   -0.143  -21.243 1.00 19.53 ? 52  ALA A CA  1 
ATOM   414  C  C   . ALA A 1 64  ? 2.028   0.741   -21.928 1.00 20.02 ? 52  ALA A C   1 
ATOM   415  O  O   . ALA A 1 64  ? 2.333   1.353   -22.960 1.00 19.51 ? 52  ALA A O   1 
ATOM   416  C  CB  . ALA A 1 64  ? 3.343   -1.349  -22.142 1.00 21.46 ? 52  ALA A CB  1 
ATOM   417  N  N   . LYS A 1 65  ? 0.819   0.775   -21.365 1.00 17.82 ? 53  LYS A N   1 
ATOM   418  C  CA  . LYS A 1 65  ? -0.259  1.633   -21.840 1.00 19.74 ? 53  LYS A CA  1 
ATOM   419  C  C   . LYS A 1 65  ? -0.430  2.923   -21.046 1.00 20.13 ? 53  LYS A C   1 
ATOM   420  O  O   . LYS A 1 65  ? -1.298  3.730   -21.359 1.00 21.15 ? 53  LYS A O   1 
ATOM   421  C  CB  . LYS A 1 65  ? -1.583  0.861   -21.846 1.00 19.47 ? 53  LYS A CB  1 
ATOM   422  C  CG  . LYS A 1 65  ? -1.539  -0.477  -22.598 1.00 23.51 ? 53  LYS A CG  1 
ATOM   423  C  CD  . LYS A 1 65  ? -1.293  -0.305  -24.094 1.00 37.89 ? 53  LYS A CD  1 
ATOM   424  N  N   . GLY A 1 66  ? 0.432   3.152   -20.060 1.00 18.17 ? 54  GLY A N   1 
ATOM   425  C  CA  . GLY A 1 66  ? 0.369   4.359   -19.245 1.00 18.64 ? 54  GLY A CA  1 
ATOM   426  C  C   . GLY A 1 66  ? -0.482  4.338   -17.984 1.00 19.02 ? 54  GLY A C   1 
ATOM   427  O  O   . GLY A 1 66  ? -0.555  5.356   -17.264 1.00 19.03 ? 54  GLY A O   1 
ATOM   428  N  N   . GLN A 1 67  ? -1.107  3.193   -17.698 1.00 16.75 ? 55  GLN A N   1 
ATOM   429  C  CA  . GLN A 1 67  ? -1.929  3.055   -16.509 1.00 17.65 ? 55  GLN A CA  1 
ATOM   430  C  C   . GLN A 1 67  ? -1.026  2.845   -15.281 1.00 15.62 ? 55  GLN A C   1 
ATOM   431  O  O   . GLN A 1 67  ? -0.145  1.955   -15.303 1.00 16.49 ? 55  GLN A O   1 
ATOM   432  C  CB  . GLN A 1 67  ? -2.871  1.858   -16.633 1.00 16.45 ? 55  GLN A CB  1 
ATOM   433  C  CG  . GLN A 1 67  ? -3.642  1.565   -15.350 1.00 18.82 ? 55  GLN A CG  1 
ATOM   434  C  CD  . GLN A 1 67  ? -4.729  2.564   -15.050 1.00 20.64 ? 55  GLN A CD  1 
ATOM   435  O  OE1 . GLN A 1 67  ? -5.622  2.726   -15.859 1.00 25.47 ? 55  GLN A OE1 1 
ATOM   436  N  NE2 . GLN A 1 67  ? -4.685  3.208   -13.879 1.00 16.85 ? 55  GLN A NE2 1 
ATOM   437  N  N   . LEU A 1 68  ? -1.272  3.625   -14.216 1.00 17.41 ? 56  LEU A N   1 
ATOM   438  C  CA  . LEU A 1 68  ? -0.586  3.435   -12.939 1.00 14.71 ? 56  LEU A CA  1 
ATOM   439  C  C   . LEU A 1 68  ? -1.299  2.410   -12.092 1.00 16.40 ? 56  LEU A C   1 
ATOM   440  O  O   . LEU A 1 68  ? -2.529  2.374   -12.076 1.00 15.83 ? 56  LEU A O   1 
ATOM   441  C  CB  . LEU A 1 68  ? -0.468  4.746   -12.143 1.00 14.87 ? 56  LEU A CB  1 
ATOM   442  C  CG  . LEU A 1 68  ? 0.279   5.898   -12.838 1.00 15.24 ? 56  LEU A CG  1 
ATOM   443  C  CD1 . LEU A 1 68  ? 0.169   7.192   -12.048 1.00 15.95 ? 56  LEU A CD1 1 
ATOM   444  C  CD2 . LEU A 1 68  ? 1.731   5.506   -13.064 1.00 19.23 ? 56  LEU A CD2 1 
ATOM   445  N  N   . TRP A 1 69  ? -0.517  1.647   -11.340 1.00 14.98 ? 57  TRP A N   1 
ATOM   446  C  CA  . TRP A 1 69  ? -1.019  0.560   -10.500 1.00 14.77 ? 57  TRP A CA  1 
ATOM   447  C  C   . TRP A 1 69  ? -0.276  0.635   -9.168  1.00 16.40 ? 57  TRP A C   1 
ATOM   448  O  O   . TRP A 1 69  ? 0.904   0.962   -9.137  1.00 18.36 ? 57  TRP A O   1 
ATOM   449  C  CB  . TRP A 1 69  ? -0.738  -0.802  -11.121 1.00 14.44 ? 57  TRP A CB  1 
ATOM   450  C  CG  . TRP A 1 69  ? -1.456  -1.096  -12.425 1.00 16.59 ? 57  TRP A CG  1 
ATOM   451  C  CD1 . TRP A 1 69  ? -1.038  -0.776  -13.694 1.00 20.45 ? 57  TRP A CD1 1 
ATOM   452  C  CD2 . TRP A 1 69  ? -2.664  -1.813  -12.564 1.00 18.65 ? 57  TRP A CD2 1 
ATOM   453  N  NE1 . TRP A 1 69  ? -1.943  -1.255  -14.619 1.00 17.08 ? 57  TRP A NE1 1 
ATOM   454  C  CE2 . TRP A 1 69  ? -2.951  -1.903  -13.938 1.00 18.96 ? 57  TRP A CE2 1 
ATOM   455  C  CE3 . TRP A 1 69  ? -3.534  -2.421  -11.655 1.00 20.00 ? 57  TRP A CE3 1 
ATOM   456  C  CZ2 . TRP A 1 69  ? -4.089  -2.557  -14.420 1.00 19.46 ? 57  TRP A CZ2 1 
ATOM   457  C  CZ3 . TRP A 1 69  ? -4.647  -3.058  -12.128 1.00 17.98 ? 57  TRP A CZ3 1 
ATOM   458  C  CH2 . TRP A 1 69  ? -4.920  -3.116  -13.489 1.00 17.04 ? 57  TRP A CH2 1 
ATOM   459  N  N   . LEU A 1 70  ? -0.987  0.359   -8.084  1.00 14.67 ? 58  LEU A N   1 
ATOM   460  C  CA  . LEU A 1 70  ? -0.329  0.216   -6.781  1.00 15.07 ? 58  LEU A CA  1 
ATOM   461  C  C   . LEU A 1 70  ? -0.688  -1.163  -6.273  1.00 16.78 ? 58  LEU A C   1 
ATOM   462  O  O   . LEU A 1 70  ? -1.846  -1.482  -6.178  1.00 15.24 ? 58  LEU A O   1 
ATOM   463  C  CB  . LEU A 1 70  ? -0.859  1.261   -5.802  1.00 16.19 ? 58  LEU A CB  1 
ATOM   464  C  CG  . LEU A 1 70  ? -0.387  1.202   -4.344  1.00 15.43 ? 58  LEU A CG  1 
ATOM   465  C  CD1 . LEU A 1 70  ? 1.134   1.372   -4.280  1.00 18.35 ? 58  LEU A CD1 1 
ATOM   466  C  CD2 . LEU A 1 70  ? -1.098  2.223   -3.466  1.00 18.11 ? 58  LEU A CD2 1 
ATOM   467  N  N   . ILE A 1 71  ? 0.320   -1.970  -5.987  1.00 15.14 ? 59  ILE A N   1 
ATOM   468  C  CA  . ILE A 1 71  ? 0.135   -3.301  -5.383  1.00 14.83 ? 59  ILE A CA  1 
ATOM   469  C  C   . ILE A 1 71  ? 0.572   -3.246  -3.946  1.00 16.31 ? 59  ILE A C   1 
ATOM   470  O  O   . ILE A 1 71  ? 1.723   -2.978  -3.666  1.00 15.67 ? 59  ILE A O   1 
ATOM   471  C  CB  . ILE A 1 71  ? 0.982   -4.342  -6.049  1.00 14.43 ? 59  ILE A CB  1 
ATOM   472  C  CG1 . ILE A 1 71  ? 0.707   -4.424  -7.557  1.00 20.41 ? 59  ILE A CG1 1 
ATOM   473  C  CG2 . ILE A 1 71  ? 0.750   -5.677  -5.361  1.00 19.27 ? 59  ILE A CG2 1 
ATOM   474  C  CD1 . ILE A 1 71  ? 1.523   -5.511  -8.223  1.00 23.63 ? 59  ILE A CD1 1 
ATOM   475  N  N   . SER A 1 72  ? -0.321  -3.592  -3.039  1.00 14.93 ? 60  SER A N   1 
ATOM   476  C  CA  . SER A 1 72  ? 0.035   -3.755  -1.612  1.00 15.00 ? 60  SER A CA  1 
ATOM   477  C  C   . SER A 1 72  ? -0.006  -5.257  -1.324  1.00 16.54 ? 60  SER A C   1 
ATOM   478  O  O   . SER A 1 72  ? -0.986  -5.963  -1.642  1.00 16.31 ? 60  SER A O   1 
ATOM   479  C  CB  . SER A 1 72  ? -0.987  -3.053  -0.716  1.00 15.52 ? 60  SER A CB  1 
ATOM   480  O  OG  . SER A 1 72  ? -0.880  -1.643  -0.888  1.00 17.09 ? 60  SER A OG  1 
ATOM   481  N  N   . ALA A 1 73  ? 1.079   -5.741  -0.729  1.00 15.46 ? 61  ALA A N   1 
ATOM   482  C  CA  . ALA A 1 73  ? 1.248   -7.170  -0.479  1.00 15.38 ? 61  ALA A CA  1 
ATOM   483  C  C   . ALA A 1 73  ? 1.986   -7.367  0.827   1.00 14.49 ? 61  ALA A C   1 
ATOM   484  O  O   . ALA A 1 73  ? 2.636   -6.466  1.332   1.00 15.03 ? 61  ALA A O   1 
ATOM   485  C  CB  . ALA A 1 73  ? 2.032   -7.781  -1.619  1.00 15.17 ? 61  ALA A CB  1 
ATOM   486  N  N   . LEU A 1 74  ? 1.929   -8.588  1.372   1.00 14.61 ? 62  LEU A N   1 
ATOM   487  C  CA  . LEU A 1 74  ? 2.866   -8.936  2.404   1.00 13.72 ? 62  LEU A CA  1 
ATOM   488  C  C   . LEU A 1 74  ? 4.264   -8.872  1.845   1.00 13.89 ? 62  LEU A C   1 
ATOM   489  O  O   . LEU A 1 74  ? 4.494   -9.217  0.705   1.00 14.83 ? 62  LEU A O   1 
ATOM   490  C  CB  . LEU A 1 74  ? 2.635   -10.377 2.885   1.00 14.21 ? 62  LEU A CB  1 
ATOM   491  C  CG  . LEU A 1 74  ? 1.312   -10.610 3.618   1.00 13.80 ? 62  LEU A CG  1 
ATOM   492  C  CD1 . LEU A 1 74  ? 1.204   -12.028 4.045   1.00 14.09 ? 62  LEU A CD1 1 
ATOM   493  C  CD2 . LEU A 1 74  ? 1.177   -9.656  4.832   1.00 18.01 ? 62  LEU A CD2 1 
ATOM   494  N  N   . GLY A 1 75  ? 5.218   -8.489  2.677   1.00 16.41 ? 63  GLY A N   1 
ATOM   495  C  CA  . GLY A 1 75  ? 6.606   -8.329  2.192   1.00 16.91 ? 63  GLY A CA  1 
ATOM   496  C  C   . GLY A 1 75  ? 7.178   -9.548  1.518   1.00 18.86 ? 63  GLY A C   1 
ATOM   497  O  O   . GLY A 1 75  ? 7.928   -9.417  0.542   1.00 20.76 ? 63  GLY A O   1 
ATOM   498  N  N   . GLU A 1 76  ? 6.790   -10.704 2.011   1.00 19.32 ? 64  GLU A N   1 
ATOM   499  C  CA  . GLU A 1 76  ? 7.341   -11.987 1.568   1.00 23.44 ? 64  GLU A CA  1 
ATOM   500  C  C   . GLU A 1 76  ? 6.647   -12.530 0.338   1.00 23.86 ? 64  GLU A C   1 
ATOM   501  O  O   . GLU A 1 76  ? 7.143   -13.484 -0.255  1.00 25.38 ? 64  GLU A O   1 
ATOM   502  C  CB  A GLU A 1 76  ? 7.355   -12.998 2.708   0.34 25.30 ? 64  GLU A CB  1 
ATOM   503  C  CB  B GLU A 1 76  ? 7.226   -13.030 2.688   0.33 25.17 ? 64  GLU A CB  1 
ATOM   504  C  CB  C GLU A 1 76  ? 7.242   -13.012 2.696   0.33 23.34 ? 64  GLU A CB  1 
ATOM   505  C  CG  A GLU A 1 76  ? 8.458   -12.712 3.723   0.34 28.99 ? 64  GLU A CG  1 
ATOM   506  C  CG  B GLU A 1 76  ? 8.047   -12.754 3.948   0.33 30.64 ? 64  GLU A CG  1 
ATOM   507  C  CG  C GLU A 1 76  ? 5.817   -13.392 3.096   0.33 14.09 ? 64  GLU A CG  1 
ATOM   508  C  CD  A GLU A 1 76  ? 9.851   -12.821 3.130   0.34 31.63 ? 64  GLU A CD  1 
ATOM   509  C  CD  B GLU A 1 76  ? 7.469   -11.663 4.826   0.33 31.43 ? 64  GLU A CD  1 
ATOM   510  C  CD  C GLU A 1 76  ? 5.330   -12.742 4.371   0.33 21.26 ? 64  GLU A CD  1 
ATOM   511  O  OE1 A GLU A 1 76  ? 10.298  -13.960 2.863   0.34 29.55 ? 64  GLU A OE1 1 
ATOM   512  O  OE1 B GLU A 1 76  ? 6.235   -11.466 4.817   0.33 33.64 ? 64  GLU A OE1 1 
ATOM   513  O  OE1 C GLU A 1 76  ? 5.673   -11.562 4.626   0.33 23.81 ? 64  GLU A OE1 1 
ATOM   514  O  OE2 A GLU A 1 76  ? 10.500  -11.771 2.933   0.34 31.42 ? 64  GLU A OE2 1 
ATOM   515  O  OE2 B GLU A 1 76  ? 8.258   -10.988 5.525   0.33 40.79 ? 64  GLU A OE2 1 
ATOM   516  O  OE2 C GLU A 1 76  ? 4.574   -13.412 5.122   0.33 26.02 ? 64  GLU A OE2 1 
ATOM   517  N  N   . THR A 1 77  ? 5.511   -11.969 -0.046  1.00 18.14 ? 65  THR A N   1 
ATOM   518  C  CA  . THR A 1 77  ? 4.809   -12.489 -1.229  1.00 14.73 ? 65  THR A CA  1 
ATOM   519  C  C   . THR A 1 77  ? 5.587   -12.244 -2.495  1.00 15.55 ? 65  THR A C   1 
ATOM   520  O  O   . THR A 1 77  ? 5.879   -11.098 -2.834  1.00 19.08 ? 65  THR A O   1 
ATOM   521  C  CB  . THR A 1 77  ? 3.443   -11.824 -1.350  1.00 16.53 ? 65  THR A CB  1 
ATOM   522  O  OG1 . THR A 1 77  ? 2.627   -12.233 -0.233  1.00 16.35 ? 65  THR A OG1 1 
ATOM   523  C  CG2 . THR A 1 77  ? 2.759   -12.247 -2.661  1.00 16.15 ? 65  THR A CG2 1 
ATOM   524  N  N   . THR A 1 78  ? 5.907   -13.303 -3.248  1.00 16.13 ? 66  THR A N   1 
ATOM   525  C  CA  . THR A 1 78  ? 6.643   -13.133 -4.514  1.00 18.68 ? 66  THR A CA  1 
ATOM   526  C  C   . THR A 1 78  ? 5.697   -12.661 -5.613  1.00 17.95 ? 66  THR A C   1 
ATOM   527  O  O   . THR A 1 78  ? 4.652   -13.265 -5.856  1.00 20.83 ? 66  THR A O   1 
ATOM   528  C  CB  . THR A 1 78  ? 7.261   -14.478 -4.933  1.00 19.80 ? 66  THR A CB  1 
ATOM   529  O  OG1 . THR A 1 78  ? 8.111   -14.972 -3.880  1.00 24.92 ? 66  THR A OG1 1 
ATOM   530  C  CG2 . THR A 1 78  ? 8.117   -14.327 -6.172  1.00 23.19 ? 66  THR A CG2 1 
ATOM   531  N  N   . ILE A 1 79  ? 6.059   -11.554 -6.259  1.00 18.05 ? 67  ILE A N   1 
ATOM   532  C  CA  . ILE A 1 79  ? 5.281   -10.997 -7.346  1.00 17.65 ? 67  ILE A CA  1 
ATOM   533  C  C   . ILE A 1 79  ? 6.079   -11.069 -8.662  1.00 18.82 ? 67  ILE A C   1 
ATOM   534  O  O   . ILE A 1 79  ? 7.071   -10.327 -8.861  1.00 22.68 ? 67  ILE A O   1 
ATOM   535  C  CB  . ILE A 1 79  ? 4.905   -9.540  -7.043  1.00 18.91 ? 67  ILE A CB  1 
ATOM   536  C  CG1 . ILE A 1 79  ? 4.076   -9.444  -5.740  1.00 19.20 ? 67  ILE A CG1 1 
ATOM   537  C  CG2 . ILE A 1 79  ? 4.137   -8.977  -8.252  1.00 20.35 ? 67  ILE A CG2 1 
ATOM   538  C  CD1 . ILE A 1 79  ? 3.827   -8.083  -5.297  1.00 20.76 ? 67  ILE A CD1 1 
ATOM   539  N  N   . ASP A 1 80  ? 5.641   -11.941 -9.559  1.00 19.87 ? 68  ASP A N   1 
ATOM   540  C  CA  . ASP A 1 80  ? 6.277   -12.082 -10.853 1.00 19.74 ? 68  ASP A CA  1 
ATOM   541  C  C   . ASP A 1 80  ? 5.808   -10.993 -11.803 1.00 19.21 ? 68  ASP A C   1 
ATOM   542  O  O   . ASP A 1 80  ? 4.793   -11.123 -12.514 1.00 19.63 ? 68  ASP A O   1 
ATOM   543  C  CB  . ASP A 1 80  ? 5.953   -13.467 -11.384 1.00 19.49 ? 68  ASP A CB  1 
ATOM   544  C  CG  . ASP A 1 80  ? 6.553   -13.756 -12.705 1.00 27.39 ? 68  ASP A CG  1 
ATOM   545  O  OD1 . ASP A 1 80  ? 7.285   -12.923 -13.264 1.00 24.92 ? 68  ASP A OD1 1 
ATOM   546  O  OD2 . ASP A 1 80  ? 6.303   -14.839 -13.280 1.00 28.75 ? 68  ASP A OD2 1 
ATOM   547  N  N   . LEU A 1 81  ? 6.568   -9.907  -11.837 1.00 19.96 ? 69  LEU A N   1 
ATOM   548  C  CA  . LEU A 1 81  ? 6.227   -8.785  -12.679 1.00 21.41 ? 69  LEU A CA  1 
ATOM   549  C  C   . LEU A 1 81  ? 6.288   -9.083  -14.159 1.00 22.94 ? 69  LEU A C   1 
ATOM   550  O  O   . LEU A 1 81  ? 5.585   -8.424  -14.920 1.00 26.94 ? 69  LEU A O   1 
ATOM   551  C  CB  . LEU A 1 81  ? 7.100   -7.559  -12.361 1.00 20.86 ? 69  LEU A CB  1 
ATOM   552  C  CG  . LEU A 1 81  ? 6.856   -7.010  -10.962 1.00 20.09 ? 69  LEU A CG  1 
ATOM   553  C  CD1 . LEU A 1 81  ? 7.926   -6.022  -10.595 1.00 19.85 ? 69  LEU A CD1 1 
ATOM   554  C  CD2 . LEU A 1 81  ? 5.476   -6.400  -10.786 1.00 25.14 ? 69  LEU A CD2 1 
ATOM   555  N  N   . LYS A 1 82  ? 7.076   -10.083 -14.572 1.00 21.50 ? 70  LYS A N   1 
ATOM   556  C  CA  . LYS A 1 82  ? 7.167   -10.447 -15.981 1.00 25.47 ? 70  LYS A CA  1 
ATOM   557  C  C   . LYS A 1 82  ? 5.836   -11.011 -16.514 1.00 23.44 ? 70  LYS A C   1 
ATOM   558  O  O   . LYS A 1 82  ? 5.514   -10.821 -17.681 1.00 24.37 ? 70  LYS A O   1 
ATOM   559  C  CB  . LYS A 1 82  ? 8.300   -11.474 -16.147 1.00 24.79 ? 70  LYS A CB  1 
ATOM   560  C  CG  . LYS A 1 82  ? 8.773   -11.685 -17.551 1.00 33.42 ? 70  LYS A CG  1 
ATOM   561  C  CD  . LYS A 1 82  ? 9.824   -12.766 -17.556 1.00 32.33 ? 70  LYS A CD  1 
ATOM   562  N  N   . LYS A 1 83  ? 5.065   -11.685 -15.657 1.00 18.85 ? 71  LYS A N   1 
ATOM   563  C  CA  . LYS A 1 83  ? 3.820   -12.349 -16.072 1.00 22.11 ? 71  LYS A CA  1 
ATOM   564  C  C   . LYS A 1 83  ? 2.548   -11.729 -15.499 1.00 19.48 ? 71  LYS A C   1 
ATOM   565  O  O   . LYS A 1 83  ? 1.450   -12.109 -15.890 1.00 19.95 ? 71  LYS A O   1 
ATOM   566  C  CB  . LYS A 1 83  ? 3.853   -13.820 -15.669 1.00 21.79 ? 71  LYS A CB  1 
ATOM   567  C  CG  . LYS A 1 83  ? 4.967   -14.613 -16.295 1.00 28.14 ? 71  LYS A CG  1 
ATOM   568  C  CD  . LYS A 1 83  ? 4.767   -16.114 -16.015 1.00 29.97 ? 71  LYS A CD  1 
ATOM   569  C  CE  . LYS A 1 83  ? 5.544   -16.998 -16.996 1.00 38.26 ? 71  LYS A CE  1 
ATOM   570  N  N   . LEU A 1 84  ? 2.679   -10.755 -14.589 1.00 15.97 ? 72  LEU A N   1 
ATOM   571  C  CA  . LEU A 1 84  ? 1.498   -10.315 -13.841 1.00 15.90 ? 72  LEU A CA  1 
ATOM   572  C  C   . LEU A 1 84  ? 0.453   -9.634  -14.716 1.00 15.77 ? 72  LEU A C   1 
ATOM   573  O  O   . LEU A 1 84  ? -0.744  -9.684  -14.431 1.00 17.13 ? 72  LEU A O   1 
ATOM   574  C  CB  . LEU A 1 84  ? 1.897   -9.411  -12.681 1.00 17.37 ? 72  LEU A CB  1 
ATOM   575  C  CG  . LEU A 1 84  ? 0.769   -8.875  -11.807 1.00 15.36 ? 72  LEU A CG  1 
ATOM   576  C  CD1 . LEU A 1 84  ? 0.053   -10.047 -11.145 1.00 19.02 ? 72  LEU A CD1 1 
ATOM   577  C  CD2 . LEU A 1 84  ? 1.335   -7.909  -10.795 1.00 17.86 ? 72  LEU A CD2 1 
ATOM   578  N  N   . HIS A 1 85  ? 0.891   -9.034  -15.808 1.00 16.63 ? 73  HIS A N   1 
ATOM   579  C  CA  . HIS A 1 85  ? -0.017  -8.289  -16.681 1.00 18.29 ? 73  HIS A CA  1 
ATOM   580  C  C   . HIS A 1 85  ? -1.125  -9.177  -17.266 1.00 19.85 ? 73  HIS A C   1 
ATOM   581  O  O   . HIS A 1 85  ? -2.242  -8.710  -17.465 1.00 21.32 ? 73  HIS A O   1 
ATOM   582  C  CB  . HIS A 1 85  ? 0.770   -7.548  -17.775 1.00 17.28 ? 73  HIS A CB  1 
ATOM   583  C  CG  . HIS A 1 85  ? 1.500   -8.436  -18.731 1.00 20.54 ? 73  HIS A CG  1 
ATOM   584  N  ND1 . HIS A 1 85  ? 2.665   -9.094  -18.406 1.00 20.11 ? 73  HIS A ND1 1 
ATOM   585  C  CD2 . HIS A 1 85  ? 1.251   -8.731  -20.030 1.00 24.08 ? 73  HIS A CD2 1 
ATOM   586  C  CE1 . HIS A 1 85  ? 3.088   -9.779  -19.450 1.00 25.36 ? 73  HIS A CE1 1 
ATOM   587  N  NE2 . HIS A 1 85  ? 2.251   -9.569  -20.452 1.00 23.88 ? 73  HIS A NE2 1 
ATOM   588  N  N   . HIS A 1 86  ? -0.825  -10.459 -17.480 1.00 20.99 ? 74  HIS A N   1 
ATOM   589  C  CA  . HIS A 1 86  ? -1.813  -11.423 -17.961 1.00 21.90 ? 74  HIS A CA  1 
ATOM   590  C  C   . HIS A 1 86  ? -2.902  -11.657 -16.904 1.00 21.92 ? 74  HIS A C   1 
ATOM   591  O  O   . HIS A 1 86  ? -4.060  -11.878 -17.234 1.00 22.03 ? 74  HIS A O   1 
ATOM   592  C  CB  . HIS A 1 86  ? -1.141  -12.760 -18.296 1.00 22.50 ? 74  HIS A CB  1 
ATOM   593  C  CG  . HIS A 1 86  ? -0.119  -12.669 -19.383 1.00 28.06 ? 74  HIS A CG  1 
ATOM   594  N  ND1 . HIS A 1 86  ? -0.441  -12.297 -20.671 1.00 30.92 ? 74  HIS A ND1 1 
ATOM   595  C  CD2 . HIS A 1 86  ? 1.207   -12.934 -19.388 1.00 28.14 ? 74  HIS A CD2 1 
ATOM   596  C  CE1 . HIS A 1 86  ? 0.651   -12.304 -21.417 1.00 30.27 ? 74  HIS A CE1 1 
ATOM   597  N  NE2 . HIS A 1 86  ? 1.662   -12.701 -20.665 1.00 30.77 ? 74  HIS A NE2 1 
ATOM   598  N  N   . VAL A 1 87  ? -2.534  -11.570 -15.626 1.00 16.90 ? 75  VAL A N   1 
ATOM   599  C  CA  . VAL A 1 87  ? -3.481  -11.812 -14.540 1.00 18.85 ? 75  VAL A CA  1 
ATOM   600  C  C   . VAL A 1 87  ? -4.421  -10.623 -14.351 1.00 19.86 ? 75  VAL A C   1 
ATOM   601  O  O   . VAL A 1 87  ? -5.617  -10.811 -14.221 1.00 20.31 ? 75  VAL A O   1 
ATOM   602  C  CB  . VAL A 1 87  ? -2.759  -12.097 -13.219 1.00 18.62 ? 75  VAL A CB  1 
ATOM   603  C  CG1 . VAL A 1 87  ? -3.733  -12.314 -12.089 1.00 20.56 ? 75  VAL A CG1 1 
ATOM   604  C  CG2 . VAL A 1 87  ? -1.802  -13.301 -13.349 1.00 21.81 ? 75  VAL A CG2 1 
ATOM   605  N  N   . ILE A 1 88  ? -3.866  -9.410  -14.333 1.00 20.31 ? 76  ILE A N   1 
ATOM   606  C  CA  . ILE A 1 88  ? -4.626  -8.222  -13.961 1.00 18.32 ? 76  ILE A CA  1 
ATOM   607  C  C   . ILE A 1 88  ? -5.190  -7.475  -15.160 1.00 19.12 ? 76  ILE A C   1 
ATOM   608  O  O   . ILE A 1 88  ? -5.933  -6.519  -14.981 1.00 21.30 ? 76  ILE A O   1 
ATOM   609  C  CB  . ILE A 1 88  ? -3.781  -7.263  -13.063 1.00 16.51 ? 76  ILE A CB  1 
ATOM   610  C  CG1 . ILE A 1 88  ? -2.554  -6.705  -13.795 1.00 16.96 ? 76  ILE A CG1 1 
ATOM   611  C  CG2 . ILE A 1 88  ? -3.344  -7.992  -11.766 1.00 17.34 ? 76  ILE A CG2 1 
ATOM   612  C  CD1 . ILE A 1 88  ? -1.866  -5.587  -13.015 1.00 20.21 ? 76  ILE A CD1 1 
ATOM   613  N  N   . GLY A 1 89  ? -4.857  -7.927  -16.371 1.00 17.89 ? 77  GLY A N   1 
ATOM   614  C  CA  . GLY A 1 89  ? -5.369  -7.311  -17.576 1.00 17.54 ? 77  GLY A CA  1 
ATOM   615  C  C   . GLY A 1 89  ? -4.726  -5.978  -17.916 1.00 18.29 ? 77  GLY A C   1 
ATOM   616  O  O   . GLY A 1 89  ? -5.342  -5.130  -18.546 1.00 23.59 ? 77  GLY A O   1 
ATOM   617  N  N   . SER A 1 90  ? -3.463  -5.801  -17.527 1.00 18.23 ? 78  SER A N   1 
ATOM   618  C  CA  . SER A 1 90  ? -2.727  -4.567  -17.798 1.00 17.37 ? 78  SER A CA  1 
ATOM   619  C  C   . SER A 1 90  ? -1.819  -4.747  -19.022 1.00 16.17 ? 78  SER A C   1 
ATOM   620  O  O   . SER A 1 90  ? -1.696  -5.848  -19.559 1.00 20.69 ? 78  SER A O   1 
ATOM   621  C  CB  . SER A 1 90  ? -1.886  -4.233  -16.560 1.00 16.74 ? 78  SER A CB  1 
ATOM   622  O  OG  . SER A 1 90  ? -0.849  -5.173  -16.400 1.00 18.55 ? 78  SER A OG  1 
ATOM   623  N  N   . GLY A 1 91  ? -1.171  -3.671  -19.460 1.00 17.61 ? 79  GLY A N   1 
ATOM   624  C  CA  . GLY A 1 91  ? -0.004  -3.796  -20.321 1.00 17.12 ? 79  GLY A CA  1 
ATOM   625  C  C   . GLY A 1 91  ? 1.187   -4.288  -19.540 1.00 16.67 ? 79  GLY A C   1 
ATOM   626  O  O   . GLY A 1 91  ? 1.094   -4.476  -18.340 1.00 16.64 ? 79  GLY A O   1 
ATOM   627  N  N   . ARG A 1 92  ? 2.286   -4.572  -20.223 1.00 19.70 ? 80  ARG A N   1 
ATOM   628  C  CA  . ARG A 1 92  ? 3.470   -5.053  -19.528 1.00 19.90 ? 80  ARG A CA  1 
ATOM   629  C  C   . ARG A 1 92  ? 3.853   -4.014  -18.474 1.00 17.58 ? 80  ARG A C   1 
ATOM   630  O  O   . ARG A 1 92  ? 3.743   -2.809  -18.710 1.00 15.85 ? 80  ARG A O   1 
ATOM   631  C  CB  . ARG A 1 92  ? 4.619   -5.267  -20.511 1.00 19.73 ? 80  ARG A CB  1 
ATOM   632  C  CG  . ARG A 1 92  ? 4.429   -6.494  -21.382 1.00 23.75 ? 80  ARG A CG  1 
ATOM   633  C  CD  . ARG A 1 92  ? 5.521   -6.685  -22.425 1.00 24.90 ? 80  ARG A CD  1 
ATOM   634  N  N   . LEU A 1 93  ? 4.296   -4.495  -17.333 1.00 16.95 ? 81  LEU A N   1 
ATOM   635  C  CA  . LEU A 1 93  ? 4.513   -3.645  -16.142 1.00 18.29 ? 81  LEU A CA  1 
ATOM   636  C  C   . LEU A 1 93  ? 5.982   -3.272  -15.963 1.00 21.87 ? 81  LEU A C   1 
ATOM   637  O  O   . LEU A 1 93  ? 6.880   -4.097  -16.161 1.00 23.50 ? 81  LEU A O   1 
ATOM   638  C  CB  . LEU A 1 93  ? 4.021   -4.378  -14.883 1.00 16.94 ? 81  LEU A CB  1 
ATOM   639  C  CG  . LEU A 1 93  ? 2.519   -4.614  -14.875 1.00 16.38 ? 81  LEU A CG  1 
ATOM   640  C  CD1 . LEU A 1 93  ? 2.188   -5.756  -13.963 1.00 20.09 ? 81  LEU A CD1 1 
ATOM   641  C  CD2 . LEU A 1 93  ? 1.781   -3.360  -14.497 1.00 15.90 ? 81  LEU A CD2 1 
ATOM   642  N  N   . SER A 1 94  ? 6.197   -2.018  -15.585 1.00 20.35 ? 82  SER A N   1 
ATOM   643  C  CA  . SER A 1 94  ? 7.474   -1.507  -15.105 1.00 22.00 ? 82  SER A CA  1 
ATOM   644  C  C   . SER A 1 94  ? 7.212   -0.808  -13.774 1.00 18.37 ? 82  SER A C   1 
ATOM   645  O  O   . SER A 1 94  ? 6.071   -0.491  -13.442 1.00 16.96 ? 82  SER A O   1 
ATOM   646  C  CB  . SER A 1 94  ? 7.997   -0.424  -16.057 1.00 25.13 ? 82  SER A CB  1 
ATOM   647  O  OG  . SER A 1 94  ? 8.018   -0.860  -17.408 1.00 28.66 ? 82  SER A OG  1 
ATOM   648  N  N   . PHE A 1 95  ? 8.268   -0.462  -13.065 1.00 19.73 ? 83  PHE A N   1 
ATOM   649  C  CA  . PHE A 1 95  ? 8.118   0.454   -11.934 1.00 17.57 ? 83  PHE A CA  1 
ATOM   650  C  C   . PHE A 1 95  ? 7.763   1.842   -12.469 1.00 16.41 ? 83  PHE A C   1 
ATOM   651  O  O   . PHE A 1 95  ? 8.196   2.232   -13.535 1.00 18.97 ? 83  PHE A O   1 
ATOM   652  C  CB  . PHE A 1 95  ? 9.357   0.512   -11.048 1.00 17.05 ? 83  PHE A CB  1 
ATOM   653  C  CG  . PHE A 1 95  ? 9.571   -0.735  -10.218 1.00 16.68 ? 83  PHE A CG  1 
ATOM   654  C  CD1 . PHE A 1 95  ? 8.892   -0.962  -9.007  1.00 17.29 ? 83  PHE A CD1 1 
ATOM   655  C  CD2 . PHE A 1 95  ? 10.432  -1.729  -10.689 1.00 17.37 ? 83  PHE A CD2 1 
ATOM   656  C  CE1 . PHE A 1 95  ? 9.061   -2.160  -8.288  1.00 19.73 ? 83  PHE A CE1 1 
ATOM   657  C  CE2 . PHE A 1 95  ? 10.601  -2.895  -9.975  1.00 17.31 ? 83  PHE A CE2 1 
ATOM   658  C  CZ  . PHE A 1 95  ? 9.949   -3.125  -8.790  1.00 15.83 ? 83  PHE A CZ  1 
ATOM   659  N  N   . GLY A 1 96  ? 6.882   2.545   -11.768 1.00 15.66 ? 84  GLY A N   1 
ATOM   660  C  CA  . GLY A 1 96  ? 6.490   3.879   -12.204 1.00 15.68 ? 84  GLY A CA  1 
ATOM   661  C  C   . GLY A 1 96  ? 7.531   4.927   -11.847 1.00 15.91 ? 84  GLY A C   1 
ATOM   662  O  O   . GLY A 1 96  ? 8.353   4.735   -10.943 1.00 17.88 ? 84  GLY A O   1 
ATOM   663  N  N   . PRO A 1 97  ? 7.453   6.074   -12.478 1.00 16.88 ? 85  PRO A N   1 
ATOM   664  C  CA  . PRO A 1 97  ? 8.403   7.132   -12.215 1.00 16.73 ? 85  PRO A CA  1 
ATOM   665  C  C   . PRO A 1 97  ? 8.141   7.829   -10.889 1.00 16.05 ? 85  PRO A C   1 
ATOM   666  O  O   . PRO A 1 97  ? 6.985   7.975   -10.421 1.00 16.36 ? 85  PRO A O   1 
ATOM   667  C  CB  . PRO A 1 97  ? 8.214   8.076   -13.369 1.00 17.55 ? 85  PRO A CB  1 
ATOM   668  C  CG  . PRO A 1 97  ? 6.915   7.787   -13.899 1.00 19.70 ? 85  PRO A CG  1 
ATOM   669  C  CD  . PRO A 1 97  ? 6.470   6.414   -13.495 1.00 16.62 ? 85  PRO A CD  1 
ATOM   670  N  N   . GLN A 1 98  ? 9.236   8.250   -10.290 1.00 17.17 ? 86  GLN A N   1 
ATOM   671  C  CA  . GLN A 1 98  ? 9.237   8.855   -8.982  1.00 15.85 ? 86  GLN A CA  1 
ATOM   672  C  C   . GLN A 1 98  ? 8.336   10.093  -8.936  1.00 14.41 ? 86  GLN A C   1 
ATOM   673  O  O   . GLN A 1 98  ? 7.677   10.365  -7.917  1.00 15.40 ? 86  GLN A O   1 
ATOM   674  C  CB  . GLN A 1 98  ? 10.675  9.244   -8.645  1.00 19.50 ? 86  GLN A CB  1 
ATOM   675  C  CG  . GLN A 1 98  ? 10.875  9.672   -7.316  1.00 19.65 ? 86  GLN A CG  1 
ATOM   676  C  CD  . GLN A 1 98  ? 12.345  9.884   -7.015  1.00 23.08 ? 86  GLN A CD  1 
ATOM   677  O  OE1 . GLN A 1 98  ? 13.205  9.086   -7.459  1.00 23.78 ? 86  GLN A OE1 1 
ATOM   678  N  NE2 . GLN A 1 98  ? 12.632  10.897  -6.198  1.00 24.56 ? 86  GLN A NE2 1 
ATOM   679  N  N   . GLU A 1 99  ? 8.327   10.843  -10.033 1.00 15.66 ? 87  GLU A N   1 
ATOM   680  C  CA  . GLU A 1 99  ? 7.530   12.083  -10.108 1.00 13.28 ? 87  GLU A CA  1 
ATOM   681  C  C   . GLU A 1 99  ? 6.035   11.752  -9.978  1.00 14.01 ? 87  GLU A C   1 
ATOM   682  O  O   . GLU A 1 99  ? 5.280   12.492  -9.369  1.00 14.13 ? 87  GLU A O   1 
ATOM   683  C  CB  . GLU A 1 99  ? 7.772   12.827  -11.407 1.00 13.49 ? 87  GLU A CB  1 
ATOM   684  C  CG  . GLU A 1 99  ? 9.147   13.407  -11.544 1.00 17.75 ? 87  GLU A CG  1 
ATOM   685  C  CD  . GLU A 1 99  ? 10.244  12.426  -11.923 1.00 30.11 ? 87  GLU A CD  1 
ATOM   686  O  OE1 . GLU A 1 99  ? 9.980   11.251  -12.294 1.00 23.17 ? 87  GLU A OE1 1 
ATOM   687  O  OE2 . GLU A 1 99  ? 11.410  12.876  -11.864 1.00 34.50 ? 87  GLU A OE2 1 
HETATM 688  N  N   . MSE A 1 100 ? 5.600   10.642  -10.559 1.00 12.73 ? 88  MSE A N   1 
HETATM 689  C  CA  . MSE A 1 100 ? 4.181   10.277  -10.480 1.00 14.48 ? 88  MSE A CA  1 
HETATM 690  C  C   . MSE A 1 100 ? 3.849   9.699   -9.139  1.00 15.18 ? 88  MSE A C   1 
HETATM 691  O  O   . MSE A 1 100 ? 2.726   9.797   -8.691  1.00 17.51 ? 88  MSE A O   1 
HETATM 692  C  CB  A MSE A 1 100 ? 3.807   9.309   -11.594 0.70 15.57 ? 88  MSE A CB  1 
HETATM 693  C  CB  B MSE A 1 100 ? 3.806   9.338   -11.643 0.30 16.43 ? 88  MSE A CB  1 
HETATM 694  C  CG  A MSE A 1 100 ? 3.881   9.941   -12.927 0.70 17.25 ? 88  MSE A CG  1 
HETATM 695  C  CG  B MSE A 1 100 ? 4.080   9.960   -13.020 0.30 20.21 ? 88  MSE A CG  1 
HETATM 696  SE SE  A MSE A 1 100 ? 2.638   11.471  -13.148 0.70 21.36 ? 88  MSE A SE  1 
HETATM 697  SE SE  B MSE A 1 100 ? 3.752   8.803   -14.599 0.30 31.58 ? 88  MSE A SE  1 
HETATM 698  C  CE  A MSE A 1 100 ? 3.854   12.995  -12.704 0.70 16.87 ? 88  MSE A CE  1 
HETATM 699  C  CE  B MSE A 1 100 ? 1.809   9.231   -14.981 0.30 28.04 ? 88  MSE A CE  1 
HETATM 700  N  N   . MSE A 1 101 ? 4.821   9.044   -8.508  1.00 14.57 ? 89  MSE A N   1 
HETATM 701  C  CA  . MSE A 1 101 ? 4.654   8.570   -7.136  1.00 16.38 ? 89  MSE A CA  1 
HETATM 702  C  C   . MSE A 1 101 ? 4.348   9.792   -6.258  1.00 17.31 ? 89  MSE A C   1 
HETATM 703  O  O   . MSE A 1 101 ? 3.425   9.769   -5.454  1.00 16.07 ? 89  MSE A O   1 
HETATM 704  C  CB  . MSE A 1 101 ? 5.913   7.856   -6.672  1.00 17.00 ? 89  MSE A CB  1 
HETATM 705  C  CG  . MSE A 1 101 ? 5.929   7.534   -5.195  1.00 18.43 ? 89  MSE A CG  1 
HETATM 706  SE SE  . MSE A 1 101 ? 7.699   6.756   -4.675  1.00 22.11 ? 89  MSE A SE  1 
HETATM 707  C  CE  . MSE A 1 101 ? 7.601   5.218   -5.859  1.00 20.85 ? 89  MSE A CE  1 
ATOM   708  N  N   . LEU A 1 102 ? 5.054   10.895  -6.489  1.00 15.40 ? 90  LEU A N   1 
ATOM   709  C  CA  . LEU A 1 102 ? 4.826   12.105  -5.683  1.00 16.45 ? 90  LEU A CA  1 
ATOM   710  C  C   . LEU A 1 102 ? 3.494   12.711  -6.018  1.00 14.51 ? 90  LEU A C   1 
ATOM   711  O  O   . LEU A 1 102 ? 2.693   13.053  -5.126  1.00 17.83 ? 90  LEU A O   1 
ATOM   712  C  CB  . LEU A 1 102 ? 5.937   13.137  -5.910  1.00 15.15 ? 90  LEU A CB  1 
ATOM   713  C  CG  . LEU A 1 102 ? 5.882   14.345  -4.963  1.00 17.53 ? 90  LEU A CG  1 
ATOM   714  C  CD1 . LEU A 1 102 ? 6.035   13.892  -3.508  1.00 25.89 ? 90  LEU A CD1 1 
ATOM   715  C  CD2 . LEU A 1 102 ? 7.010   15.290  -5.291  1.00 18.43 ? 90  LEU A CD2 1 
ATOM   716  N  N   . GLU A 1 103 ? 3.232   12.865  -7.313  1.00 16.10 ? 91  GLU A N   1 
ATOM   717  C  CA  . GLU A 1 103 ? 1.996   13.498  -7.744  1.00 18.79 ? 91  GLU A CA  1 
ATOM   718  C  C   . GLU A 1 103 ? 0.731   12.763  -7.345  1.00 17.83 ? 91  GLU A C   1 
ATOM   719  O  O   . GLU A 1 103 ? -0.236  13.393  -6.940  1.00 22.00 ? 91  GLU A O   1 
ATOM   720  C  CB  . GLU A 1 103 ? 2.017   13.702  -9.253  1.00 20.62 ? 91  GLU A CB  1 
ATOM   721  C  CG  . GLU A 1 103 ? 0.785   14.429  -9.731  1.00 31.26 ? 91  GLU A CG  1 
ATOM   722  C  CD  . GLU A 1 103 ? 1.049   15.207  -10.982 1.00 40.00 ? 91  GLU A CD  1 
ATOM   723  O  OE1 . GLU A 1 103 ? 0.910   14.619  -12.076 1.00 49.17 ? 91  GLU A OE1 1 
ATOM   724  O  OE2 . GLU A 1 103 ? 1.392   16.399  -10.851 1.00 49.27 ? 91  GLU A OE2 1 
ATOM   725  N  N   . THR A 1 104 ? 0.705   11.439  -7.483  1.00 16.21 ? 92  THR A N   1 
ATOM   726  C  CA  . THR A 1 104 ? -0.526  10.658  -7.230  1.00 17.02 ? 92  THR A CA  1 
ATOM   727  C  C   . THR A 1 104 ? -0.658  10.048  -5.863  1.00 18.66 ? 92  THR A C   1 
ATOM   728  O  O   . THR A 1 104 ? -1.799  9.785   -5.420  1.00 22.70 ? 92  THR A O   1 
ATOM   729  C  CB  . THR A 1 104 ? -0.705  9.533   -8.282  1.00 18.50 ? 92  THR A CB  1 
ATOM   730  O  OG1 . THR A 1 104 ? 0.304   8.538   -8.115  1.00 19.94 ? 92  THR A OG1 1 
ATOM   731  C  CG2 . THR A 1 104 ? -0.512  10.072  -9.695  1.00 20.29 ? 92  THR A CG2 1 
ATOM   732  N  N   . LEU A 1 105 ? 0.457   9.771   -5.200  1.00 16.63 ? 93  LEU A N   1 
ATOM   733  C  CA  . LEU A 1 105 ? 0.395   9.205   -3.863  1.00 17.20 ? 93  LEU A CA  1 
ATOM   734  C  C   . LEU A 1 105 ? 0.939   10.126  -2.782  1.00 17.77 ? 93  LEU A C   1 
ATOM   735  O  O   . LEU A 1 105 ? 0.782   9.870   -1.605  1.00 18.01 ? 93  LEU A O   1 
ATOM   736  C  CB  . LEU A 1 105 ? 1.112   7.846   -3.793  1.00 17.30 ? 93  LEU A CB  1 
ATOM   737  C  CG  . LEU A 1 105 ? 0.621   6.757   -4.737  1.00 19.47 ? 93  LEU A CG  1 
ATOM   738  C  CD1 . LEU A 1 105 ? 1.426   5.507   -4.622  1.00 20.87 ? 93  LEU A CD1 1 
ATOM   739  C  CD2 . LEU A 1 105 ? -0.840  6.404   -4.474  1.00 20.13 ? 93  LEU A CD2 1 
ATOM   740  N  N   . GLY A 1 106 ? 1.588   11.212  -3.175  1.00 16.02 ? 94  GLY A N   1 
ATOM   741  C  CA  . GLY A 1 106 ? 2.139   12.161  -2.205  1.00 15.09 ? 94  GLY A CA  1 
ATOM   742  C  C   . GLY A 1 106 ? 3.179   11.635  -1.279  1.00 17.38 ? 94  GLY A C   1 
ATOM   743  O  O   . GLY A 1 106 ? 3.316   12.136  -0.167  1.00 19.49 ? 94  GLY A O   1 
ATOM   744  N  N   . VAL A 1 107 ? 3.979   10.680  -1.764  1.00 16.50 ? 95  VAL A N   1 
ATOM   745  C  CA  . VAL A 1 107 ? 5.023   10.088  -0.944  1.00 17.45 ? 95  VAL A CA  1 
ATOM   746  C  C   . VAL A 1 107 ? 6.340   10.148  -1.699  1.00 17.89 ? 95  VAL A C   1 
ATOM   747  O  O   . VAL A 1 107 ? 6.372   10.298  -2.936  1.00 15.71 ? 95  VAL A O   1 
ATOM   748  C  CB  . VAL A 1 107 ? 4.734   8.658   -0.560  1.00 18.26 ? 95  VAL A CB  1 
ATOM   749  C  CG1 . VAL A 1 107 ? 3.426   8.590   0.275   1.00 20.68 ? 95  VAL A CG1 1 
ATOM   750  C  CG2 . VAL A 1 107 ? 4.701   7.725   -1.774  1.00 17.81 ? 95  VAL A CG2 1 
ATOM   751  N  N   . THR A 1 108 ? 7.397   10.119  -0.924  1.00 18.14 ? 96  THR A N   1 
ATOM   752  C  CA  . THR A 1 108 ? 8.743   10.167  -1.470  1.00 18.56 ? 96  THR A CA  1 
ATOM   753  C  C   . THR A 1 108 ? 9.343   8.808   -1.442  1.00 17.15 ? 96  THR A C   1 
ATOM   754  O  O   . THR A 1 108 ? 8.806   7.873   -0.880  1.00 17.91 ? 96  THR A O   1 
ATOM   755  C  CB  . THR A 1 108 ? 9.570   11.153  -0.669  1.00 21.48 ? 96  THR A CB  1 
ATOM   756  O  OG1 . THR A 1 108 ? 9.469   10.832  0.704   1.00 24.27 ? 96  THR A OG1 1 
ATOM   757  C  CG2 . THR A 1 108 ? 8.961   12.529  -0.763  1.00 27.31 ? 96  THR A CG2 1 
ATOM   758  N  N   . PRO A 1 109 ? 10.467  8.640   -2.141  1.00 17.96 ? 97  PRO A N   1 
ATOM   759  C  CA  . PRO A 1 109 ? 11.052  7.347   -2.265  1.00 17.03 ? 97  PRO A CA  1 
ATOM   760  C  C   . PRO A 1 109 ? 11.252  6.554   -1.008  1.00 15.95 ? 97  PRO A C   1 
ATOM   761  O  O   . PRO A 1 109 ? 11.766  7.085   -0.026  1.00 18.54 ? 97  PRO A O   1 
ATOM   762  C  CB  . PRO A 1 109 ? 12.430  7.671   -2.879  1.00 20.10 ? 97  PRO A CB  1 
ATOM   763  C  CG  . PRO A 1 109 ? 12.114  8.693   -3.827  1.00 22.02 ? 97  PRO A CG  1 
ATOM   764  C  CD  . PRO A 1 109 ? 11.166  9.607   -3.013  1.00 22.70 ? 97  PRO A CD  1 
ATOM   765  N  N   . GLY A 1 110 ? 10.899  5.282   -1.060  1.00 18.44 ? 98  GLY A N   1 
ATOM   766  C  CA  . GLY A 1 110 ? 11.014  4.414   0.085   1.00 17.83 ? 98  GLY A CA  1 
ATOM   767  C  C   . GLY A 1 110 ? 9.889   4.538   1.112   1.00 19.47 ? 98  GLY A C   1 
ATOM   768  O  O   . GLY A 1 110 ? 9.981   3.897   2.173   1.00 19.70 ? 98  GLY A O   1 
ATOM   769  N  N   . SER A 1 111 ? 8.881   5.346   0.784   1.00 16.62 ? 99  SER A N   1 
ATOM   770  C  CA  A SER A 1 111 ? 7.705   5.579   1.636   0.70 15.01 ? 99  SER A CA  1 
ATOM   771  C  CA  B SER A 1 111 ? 7.698   5.495   1.659   0.30 16.81 ? 99  SER A CA  1 
ATOM   772  C  C   . SER A 1 111 ? 6.363   5.213   0.954   1.00 16.77 ? 99  SER A C   1 
ATOM   773  O  O   . SER A 1 111 ? 5.290   5.815   1.275   1.00 17.22 ? 99  SER A O   1 
ATOM   774  C  CB  A SER A 1 111 ? 7.698   7.037   2.147   0.70 15.81 ? 99  SER A CB  1 
ATOM   775  C  CB  B SER A 1 111 ? 7.658   6.869   2.332   0.30 16.82 ? 99  SER A CB  1 
ATOM   776  O  OG  A SER A 1 111 ? 8.800   7.303   3.000   0.70 15.73 ? 99  SER A OG  1 
ATOM   777  O  OG  B SER A 1 111 ? 6.560   6.911   3.239   0.30 19.64 ? 99  SER A OG  1 
ATOM   778  N  N   . VAL A 1 112 ? 6.365   4.244   0.033   1.00 18.45 ? 100 VAL A N   1 
ATOM   779  C  CA  . VAL A 1 112 ? 5.139   3.917   -0.684  1.00 15.27 ? 100 VAL A CA  1 
ATOM   780  C  C   . VAL A 1 112 ? 4.205   3.213   0.307   1.00 14.70 ? 100 VAL A C   1 
ATOM   781  O  O   . VAL A 1 112 ? 4.667   2.480   1.202   1.00 16.46 ? 100 VAL A O   1 
ATOM   782  C  CB  . VAL A 1 112 ? 5.405   3.026   -1.958  1.00 17.08 ? 100 VAL A CB  1 
ATOM   783  C  CG1 . VAL A 1 112 ? 4.167   2.928   -2.823  1.00 17.87 ? 100 VAL A CG1 1 
ATOM   784  C  CG2 . VAL A 1 112 ? 6.593   3.596   -2.748  1.00 16.48 ? 100 VAL A CG2 1 
ATOM   785  N  N   . THR A 1 113 ? 2.910   3.487   0.186   1.00 16.02 ? 101 THR A N   1 
ATOM   786  C  CA  . THR A 1 113 ? 1.923   3.010   1.120   1.00 16.58 ? 101 THR A CA  1 
ATOM   787  C  C   . THR A 1 113 ? 0.528   3.144   0.526   1.00 15.47 ? 101 THR A C   1 
ATOM   788  O  O   . THR A 1 113 ? 0.277   4.090   -0.221  1.00 15.42 ? 101 THR A O   1 
ATOM   789  C  CB  . THR A 1 113 ? 1.997   3.840   2.438   1.00 15.57 ? 101 THR A CB  1 
ATOM   790  O  OG1 . THR A 1 113 ? 0.827   3.584   3.237   1.00 14.22 ? 101 THR A OG1 1 
ATOM   791  C  CG2 . THR A 1 113 ? 2.008   5.340   2.155   1.00 15.55 ? 101 THR A CG2 1 
ATOM   792  N  N   . ALA A 1 114 ? -0.351  2.172   0.828   1.00 16.83 ? 102 ALA A N   1 
ATOM   793  C  CA  . ALA A 1 114 ? -1.734  2.236   0.417   1.00 15.09 ? 102 ALA A CA  1 
ATOM   794  C  C   . ALA A 1 114 ? -2.401  3.522   0.926   1.00 15.25 ? 102 ALA A C   1 
ATOM   795  O  O   . ALA A 1 114 ? -3.307  4.062   0.272   1.00 16.18 ? 102 ALA A O   1 
ATOM   796  C  CB  . ALA A 1 114 ? -2.522  1.038   0.924   1.00 18.36 ? 102 ALA A CB  1 
ATOM   797  N  N   . PHE A 1 115 ? -1.936  4.052   2.056   1.00 14.22 ? 103 PHE A N   1 
ATOM   798  C  CA  . PHE A 1 115 ? -2.549  5.274   2.574   1.00 14.20 ? 103 PHE A CA  1 
ATOM   799  C  C   . PHE A 1 115 ? -2.335  6.479   1.663   1.00 13.62 ? 103 PHE A C   1 
ATOM   800  O  O   . PHE A 1 115 ? -3.050  7.497   1.776   1.00 15.92 ? 103 PHE A O   1 
ATOM   801  C  CB  . PHE A 1 115 ? -2.050  5.562   3.984   1.00 15.82 ? 103 PHE A CB  1 
ATOM   802  C  CG  . PHE A 1 115 ? -2.391  4.452   5.003   1.00 14.55 ? 103 PHE A CG  1 
ATOM   803  C  CD1 . PHE A 1 115 ? -3.549  3.697   4.892   1.00 19.20 ? 103 PHE A CD1 1 
ATOM   804  C  CD2 . PHE A 1 115 ? -1.540  4.214   6.091   1.00 15.42 ? 103 PHE A CD2 1 
ATOM   805  C  CE1 . PHE A 1 115 ? -3.856  2.735   5.824   1.00 17.29 ? 103 PHE A CE1 1 
ATOM   806  C  CE2 . PHE A 1 115 ? -1.862  3.266   7.010   1.00 15.35 ? 103 PHE A CE2 1 
ATOM   807  C  CZ  . PHE A 1 115 ? -2.981  2.509   6.876   1.00 14.87 ? 103 PHE A CZ  1 
ATOM   808  N  N   . GLY A 1 116 ? -1.319  6.412   0.810   1.00 16.11 ? 104 GLY A N   1 
ATOM   809  C  CA  . GLY A 1 116 ? -1.116  7.444   -0.188  1.00 16.74 ? 104 GLY A CA  1 
ATOM   810  C  C   . GLY A 1 116 ? -2.235  7.628   -1.189  1.00 16.93 ? 104 GLY A C   1 
ATOM   811  O  O   . GLY A 1 116 ? -2.256  8.666   -1.842  1.00 16.67 ? 104 GLY A O   1 
ATOM   812  N  N   . LEU A 1 117 ? -3.157  6.657   -1.315  1.00 15.63 ? 105 LEU A N   1 
ATOM   813  C  CA  . LEU A 1 117 ? -4.330  6.782   -2.191  1.00 16.14 ? 105 LEU A CA  1 
ATOM   814  C  C   . LEU A 1 117 ? -5.186  8.012   -1.843  1.00 16.56 ? 105 LEU A C   1 
ATOM   815  O  O   . LEU A 1 117 ? -5.929  8.495   -2.687  1.00 17.28 ? 105 LEU A O   1 
ATOM   816  C  CB  . LEU A 1 117 ? -5.186  5.515   -2.190  1.00 16.88 ? 105 LEU A CB  1 
ATOM   817  C  CG  . LEU A 1 117 ? -4.452  4.321   -2.839  1.00 18.84 ? 105 LEU A CG  1 
ATOM   818  C  CD1 . LEU A 1 117 ? -5.203  3.060   -2.523  1.00 19.08 ? 105 LEU A CD1 1 
ATOM   819  C  CD2 . LEU A 1 117 ? -4.324  4.510   -4.335  1.00 20.66 ? 105 LEU A CD2 1 
ATOM   820  N  N   . ILE A 1 118 ? -5.054  8.545   -0.629  1.00 15.96 ? 106 ILE A N   1 
ATOM   821  C  CA  . ILE A 1 118 ? -5.754  9.821   -0.276  1.00 17.30 ? 106 ILE A CA  1 
ATOM   822  C  C   . ILE A 1 118 ? -5.368  10.985  -1.171  1.00 17.86 ? 106 ILE A C   1 
ATOM   823  O  O   . ILE A 1 118 ? -6.128  11.949  -1.321  1.00 18.69 ? 106 ILE A O   1 
ATOM   824  C  CB  A ILE A 1 118 ? -5.538  10.132  1.224   0.50 18.11 ? 106 ILE A CB  1 
ATOM   825  C  CB  B ILE A 1 118 ? -5.565  10.262  1.217   0.50 18.54 ? 106 ILE A CB  1 
ATOM   826  C  CG1 A ILE A 1 118 ? -6.579  11.118  1.748   0.50 15.93 ? 106 ILE A CG1 1 
ATOM   827  C  CG1 B ILE A 1 118 ? -4.103  10.609  1.549   0.50 19.09 ? 106 ILE A CG1 1 
ATOM   828  C  CG2 A ILE A 1 118 ? -4.101  10.593  1.490   0.50 16.42 ? 106 ILE A CG2 1 
ATOM   829  C  CG2 B ILE A 1 118 ? -6.075  9.206   2.162   0.50 20.66 ? 106 ILE A CG2 1 
ATOM   830  C  CD1 A ILE A 1 118 ? -6.518  11.265  3.247   0.50 15.32 ? 106 ILE A CD1 1 
ATOM   831  C  CD1 B ILE A 1 118 ? -3.954  11.466  2.822   0.50 22.22 ? 106 ILE A CD1 1 
ATOM   832  N  N   . ASN A 1 119 ? -4.187  10.898  -1.774  1.00 18.26 ? 107 ASN A N   1 
ATOM   833  C  CA  . ASN A 1 119 ? -3.671  11.908  -2.702  1.00 17.21 ? 107 ASN A CA  1 
ATOM   834  C  C   . ASN A 1 119 ? -4.036  11.761  -4.188  1.00 19.38 ? 107 ASN A C   1 
ATOM   835  O  O   . ASN A 1 119 ? -3.718  12.644  -4.993  1.00 18.79 ? 107 ASN A O   1 
ATOM   836  C  CB  . ASN A 1 119 ? -2.139  11.937  -2.579  1.00 18.39 ? 107 ASN A CB  1 
ATOM   837  C  CG  . ASN A 1 119 ? -1.658  12.579  -1.278  1.00 19.72 ? 107 ASN A CG  1 
ATOM   838  O  OD1 . ASN A 1 119 ? -1.928  13.765  -1.009  1.00 26.20 ? 107 ASN A OD1 1 
ATOM   839  N  ND2 . ASN A 1 119 ? -0.953  11.819  -0.475  1.00 20.74 ? 107 ASN A ND2 1 
ATOM   840  N  N   . ASP A 1 120 ? -4.695  10.669  -4.552  1.00 15.98 ? 108 ASP A N   1 
ATOM   841  C  CA  . ASP A 1 120 ? -4.933  10.343  -5.938  1.00 17.32 ? 108 ASP A CA  1 
ATOM   842  C  C   . ASP A 1 120 ? -6.252  10.947  -6.345  1.00 19.92 ? 108 ASP A C   1 
ATOM   843  O  O   . ASP A 1 120 ? -7.237  10.253  -6.610  1.00 19.91 ? 108 ASP A O   1 
ATOM   844  C  CB  . ASP A 1 120 ? -4.888  8.841   -6.133  1.00 17.40 ? 108 ASP A CB  1 
ATOM   845  C  CG  . ASP A 1 120 ? -5.123  8.429   -7.563  1.00 17.71 ? 108 ASP A CG  1 
ATOM   846  O  OD1 . ASP A 1 120 ? -4.830  9.240   -8.506  1.00 19.24 ? 108 ASP A OD1 1 
ATOM   847  O  OD2 . ASP A 1 120 ? -5.574  7.283   -7.799  1.00 19.85 ? 108 ASP A OD2 1 
ATOM   848  N  N   . THR A 1 121 ? -6.266  12.270  -6.409  1.00 21.79 ? 109 THR A N   1 
ATOM   849  C  CA  . THR A 1 121 ? -7.509  12.982  -6.757  1.00 24.41 ? 109 THR A CA  1 
ATOM   850  C  C   . THR A 1 121 ? -8.058  12.739  -8.177  1.00 22.45 ? 109 THR A C   1 
ATOM   851  O  O   . THR A 1 121 ? -9.254  12.782  -8.355  1.00 26.31 ? 109 THR A O   1 
ATOM   852  C  CB  . THR A 1 121 ? -7.324  14.468  -6.486  1.00 25.05 ? 109 THR A CB  1 
ATOM   853  O  OG1 . THR A 1 121 ? -6.112  14.899  -7.089  1.00 31.06 ? 109 THR A OG1 1 
ATOM   854  C  CG2 . THR A 1 121 ? -7.084  14.694  -4.979  1.00 30.70 ? 109 THR A CG2 1 
ATOM   855  N  N   . GLU A 1 122 ? -7.211  12.443  -9.164  1.00 22.81 ? 110 GLU A N   1 
ATOM   856  C  CA  . GLU A 1 122 ? -7.679  12.121  -10.516 1.00 23.44 ? 110 GLU A CA  1 
ATOM   857  C  C   . GLU A 1 122 ? -8.081  10.652  -10.660 1.00 23.90 ? 110 GLU A C   1 
ATOM   858  O  O   . GLU A 1 122 ? -8.454  10.220  -11.746 1.00 25.49 ? 110 GLU A O   1 
ATOM   859  C  CB  . GLU A 1 122 ? -6.613  12.465  -11.579 1.00 23.95 ? 110 GLU A CB  1 
ATOM   860  C  CG  . GLU A 1 122 ? -6.167  13.918  -11.625 1.00 30.35 ? 110 GLU A CG  1 
ATOM   861  C  CD  . GLU A 1 122 ? -7.320  14.874  -11.827 1.00 36.60 ? 110 GLU A CD  1 
ATOM   862  O  OE1 . GLU A 1 122 ? -8.228  14.574  -12.648 1.00 39.64 ? 110 GLU A OE1 1 
ATOM   863  O  OE2 . GLU A 1 122 ? -7.317  15.920  -11.147 1.00 49.72 ? 110 GLU A OE2 1 
ATOM   864  N  N   . LYS A 1 123 ? -7.944  9.875   -9.582  1.00 23.05 ? 111 LYS A N   1 
ATOM   865  C  CA  . LYS A 1 123 ? -8.202  8.437   -9.589  1.00 21.02 ? 111 LYS A CA  1 
ATOM   866  C  C   . LYS A 1 123 ? -7.461  7.727   -10.742 1.00 21.30 ? 111 LYS A C   1 
ATOM   867  O  O   . LYS A 1 123 ? -8.047  6.932   -11.469 1.00 27.12 ? 111 LYS A O   1 
ATOM   868  C  CB  . LYS A 1 123 ? -9.717  8.197   -9.561  1.00 25.51 ? 111 LYS A CB  1 
ATOM   869  C  CG  . LYS A 1 123 ? -10.424 8.918   -8.372  1.00 25.13 ? 111 LYS A CG  1 
ATOM   870  C  CD  . LYS A 1 123 ? -10.057 8.384   -6.957  1.00 30.45 ? 111 LYS A CD  1 
ATOM   871  C  CE  . LYS A 1 123 ? -10.647 9.283   -5.832  1.00 31.64 ? 111 LYS A CE  1 
ATOM   872  N  NZ  . LYS A 1 123 ? -10.463 8.794   -4.411  1.00 29.08 ? 111 LYS A NZ  1 
ATOM   873  N  N   . ARG A 1 124 ? -6.164  8.018   -10.847 1.00 19.22 ? 112 ARG A N   1 
ATOM   874  C  CA  . ARG A 1 124 ? -5.243  7.520   -11.848 0.50 23.23 ? 112 ARG A CA  1 
ATOM   875  C  C   . ARG A 1 124 ? -4.708  6.153   -11.464 1.00 19.14 ? 112 ARG A C   1 
ATOM   876  O  O   . ARG A 1 124 ? -4.139  5.471   -12.308 1.00 20.01 ? 112 ARG A O   1 
ATOM   877  C  CB  A ARG A 1 124 ? -4.027  8.456   -11.958 0.50 24.30 ? 112 ARG A CB  1 
ATOM   878  C  CB  B ARG A 1 124 ? -4.048  8.484   -12.000 0.50 24.56 ? 112 ARG A CB  1 
ATOM   879  C  CG  A ARG A 1 124 ? -4.142  9.583   -12.950 0.50 28.17 ? 112 ARG A CG  1 
ATOM   880  C  CG  B ARG A 1 124 ? -4.026  9.286   -13.283 0.50 30.15 ? 112 ARG A CG  1 
ATOM   881  C  CD  A ARG A 1 124 ? -2.803  9.956   -13.574 0.50 24.89 ? 112 ARG A CD  1 
ATOM   882  C  CD  B ARG A 1 124 ? -2.829  10.224  -13.402 0.50 29.36 ? 112 ARG A CD  1 
ATOM   883  N  NE  A ARG A 1 124 ? -2.268  8.879   -14.395 0.50 17.59 ? 112 ARG A NE  1 
ATOM   884  N  NE  B ARG A 1 124 ? -2.927  11.375  -12.496 0.50 30.64 ? 112 ARG A NE  1 
ATOM   885  C  CZ  A ARG A 1 124 ? -1.032  8.841   -14.893 0.50 14.04 ? 112 ARG A CZ  1 
ATOM   886  C  CZ  B ARG A 1 124 ? -2.086  12.407  -12.481 0.50 30.03 ? 112 ARG A CZ  1 
ATOM   887  N  NH1 A ARG A 1 124 ? -0.164  9.833   -14.697 0.50 13.68 ? 112 ARG A NH1 1 
ATOM   888  N  NH1 B ARG A 1 124 ? -1.061  12.467  -13.334 0.50 23.28 ? 112 ARG A NH1 1 
ATOM   889  N  NH2 A ARG A 1 124 ? -0.668  7.793   -15.611 0.50 13.09 ? 112 ARG A NH2 1 
ATOM   890  N  NH2 B ARG A 1 124 ? -2.266  13.384  -11.597 0.50 29.99 ? 112 ARG A NH2 1 
ATOM   891  N  N   . VAL A 1 125 ? -4.815  5.791   -10.183 1.00 17.86 ? 113 VAL A N   1 
ATOM   892  C  CA  . VAL A 1 125 ? -4.073  4.616   -9.672  1.00 17.55 ? 113 VAL A CA  1 
ATOM   893  C  C   . VAL A 1 125 ? -5.040  3.476   -9.362  1.00 18.86 ? 113 VAL A C   1 
ATOM   894  O  O   . VAL A 1 125 ? -5.860  3.614   -8.460  1.00 21.91 ? 113 VAL A O   1 
ATOM   895  C  CB  . VAL A 1 125 ? -3.268  4.928   -8.393  1.00 17.61 ? 113 VAL A CB  1 
ATOM   896  C  CG1 . VAL A 1 125 ? -2.439  3.714   -7.931  1.00 21.11 ? 113 VAL A CG1 1 
ATOM   897  C  CG2 . VAL A 1 125 ? -2.339  6.105   -8.635  1.00 17.65 ? 113 VAL A CG2 1 
ATOM   898  N  N   . ARG A 1 126 ? -4.937  2.379   -10.106 1.00 17.65 ? 114 ARG A N   1 
ATOM   899  C  CA  . ARG A 1 126 ? -5.690  1.161   -9.828  1.00 16.93 ? 114 ARG A CA  1 
ATOM   900  C  C   . ARG A 1 126 ? -4.971  0.394   -8.723  1.00 17.95 ? 114 ARG A C   1 
ATOM   901  O  O   . ARG A 1 126 ? -3.758  0.330   -8.726  1.00 18.58 ? 114 ARG A O   1 
ATOM   902  C  CB  . ARG A 1 126 ? -5.838  0.308   -11.086 1.00 17.81 ? 114 ARG A CB  1 
ATOM   903  C  CG  . ARG A 1 126 ? -6.727  0.995   -12.099 1.00 18.15 ? 114 ARG A CG  1 
ATOM   904  C  CD  . ARG A 1 126 ? -7.039  0.165   -13.314 1.00 21.76 ? 114 ARG A CD  1 
ATOM   905  N  NE  . ARG A 1 126 ? -7.855  -0.994  -12.968 1.00 25.38 ? 114 ARG A NE  1 
ATOM   906  C  CZ  . ARG A 1 126 ? -8.259  -1.905  -13.838 1.00 25.29 ? 114 ARG A CZ  1 
ATOM   907  N  NH1 . ARG A 1 126 ? -7.925  -1.805  -15.123 1.00 29.04 ? 114 ARG A NH1 1 
ATOM   908  N  NH2 . ARG A 1 126 ? -8.987  -2.935  -13.419 1.00 30.59 ? 114 ARG A NH2 1 
ATOM   909  N  N   . PHE A 1 127 ? -5.736  -0.198  -7.811  1.00 15.58 ? 115 PHE A N   1 
ATOM   910  C  CA  . PHE A 1 127 ? -5.201  -0.782  -6.600  1.00 16.39 ? 115 PHE A CA  1 
ATOM   911  C  C   . PHE A 1 127 ? -5.403  -2.299  -6.616  1.00 17.45 ? 115 PHE A C   1 
ATOM   912  O  O   . PHE A 1 127 ? -6.497  -2.786  -6.803  1.00 17.54 ? 115 PHE A O   1 
ATOM   913  C  CB  . PHE A 1 127 ? -5.875  -0.151  -5.378  1.00 16.77 ? 115 PHE A CB  1 
ATOM   914  C  CG  . PHE A 1 127 ? -5.338  -0.634  -4.061  1.00 14.98 ? 115 PHE A CG  1 
ATOM   915  C  CD1 . PHE A 1 127 ? -4.018  -0.498  -3.766  1.00 16.41 ? 115 PHE A CD1 1 
ATOM   916  C  CD2 . PHE A 1 127 ? -6.153  -1.282  -3.135  1.00 17.09 ? 115 PHE A CD2 1 
ATOM   917  C  CE1 . PHE A 1 127 ? -3.495  -0.904  -2.581  1.00 16.57 ? 115 PHE A CE1 1 
ATOM   918  C  CE2 . PHE A 1 127 ? -5.615  -1.725  -1.927  1.00 17.87 ? 115 PHE A CE2 1 
ATOM   919  C  CZ  . PHE A 1 127 ? -4.294  -1.541  -1.639  1.00 17.63 ? 115 PHE A CZ  1 
ATOM   920  N  N   . VAL A 1 128 ? -4.298  -3.016  -6.393  1.00 15.12 ? 116 VAL A N   1 
ATOM   921  C  CA  . VAL A 1 128 ? -4.255  -4.482  -6.307  1.00 15.34 ? 116 VAL A CA  1 
ATOM   922  C  C   . VAL A 1 128 ? -3.829  -4.840  -4.901  1.00 16.48 ? 116 VAL A C   1 
ATOM   923  O  O   . VAL A 1 128 ? -2.873  -4.297  -4.348  1.00 16.39 ? 116 VAL A O   1 
ATOM   924  C  CB  . VAL A 1 128 ? -3.230  -5.047  -7.306  1.00 14.74 ? 116 VAL A CB  1 
ATOM   925  C  CG1 . VAL A 1 128 ? -3.034  -6.548  -7.101  1.00 17.85 ? 116 VAL A CG1 1 
ATOM   926  C  CG2 . VAL A 1 128 ? -3.702  -4.778  -8.711  1.00 16.36 ? 116 VAL A CG2 1 
ATOM   927  N  N   . LEU A 1 129 ? -4.586  -5.754  -4.301  1.00 16.52 ? 117 LEU A N   1 
ATOM   928  C  CA  . LEU A 1 129 ? -4.346  -6.207  -2.958  1.00 16.18 ? 117 LEU A CA  1 
ATOM   929  C  C   . LEU A 1 129 ? -4.032  -7.705  -2.961  1.00 16.26 ? 117 LEU A C   1 
ATOM   930  O  O   . LEU A 1 129 ? -4.819  -8.523  -3.456  1.00 15.56 ? 117 LEU A O   1 
ATOM   931  C  CB  . LEU A 1 129 ? -5.610  -5.935  -2.125  1.00 18.14 ? 117 LEU A CB  1 
ATOM   932  C  CG  . LEU A 1 129 ? -5.544  -6.237  -0.627  1.00 16.31 ? 117 LEU A CG  1 
ATOM   933  C  CD1 . LEU A 1 129 ? -4.489  -5.474  0.128   1.00 20.22 ? 117 LEU A CD1 1 
ATOM   934  C  CD2 . LEU A 1 129 ? -6.953  -5.927  -0.024  1.00 18.44 ? 117 LEU A CD2 1 
ATOM   935  N  N   . ASP A 1 130 ? -2.893  -8.062  -2.397  1.00 14.75 ? 118 ASP A N   1 
ATOM   936  C  CA  . ASP A 1 130 ? -2.477  -9.466  -2.246  1.00 14.54 ? 118 ASP A CA  1 
ATOM   937  C  C   . ASP A 1 130 ? -3.550  -10.167 -1.421  1.00 15.61 ? 118 ASP A C   1 
ATOM   938  O  O   . ASP A 1 130 ? -3.898  -9.691  -0.346  1.00 15.28 ? 118 ASP A O   1 
ATOM   939  C  CB  . ASP A 1 130 ? -1.179  -9.386  -1.467  1.00 15.51 ? 118 ASP A CB  1 
ATOM   940  C  CG  . ASP A 1 130 ? -0.541  -10.676 -1.106  1.00 17.08 ? 118 ASP A CG  1 
ATOM   941  O  OD1 . ASP A 1 130 ? -0.974  -11.786 -1.498  1.00 16.11 ? 118 ASP A OD1 1 
ATOM   942  O  OD2 . ASP A 1 130 ? 0.456   -10.617 -0.325  1.00 16.76 ? 118 ASP A OD2 1 
ATOM   943  N  N   . LYS A 1 131 ? -4.045  -11.314 -1.886  1.00 14.65 ? 119 LYS A N   1 
ATOM   944  C  CA  . LYS A 1 131 ? -4.978  -12.113 -1.085  1.00 14.31 ? 119 LYS A CA  1 
ATOM   945  C  C   . LYS A 1 131 ? -4.414  -12.383 0.330   1.00 15.71 ? 119 LYS A C   1 
ATOM   946  O  O   . LYS A 1 131 ? -5.153  -12.391 1.316   1.00 16.43 ? 119 LYS A O   1 
ATOM   947  C  CB  . LYS A 1 131 ? -5.255  -13.444 -1.783  1.00 15.87 ? 119 LYS A CB  1 
ATOM   948  C  CG  . LYS A 1 131 ? -6.318  -14.334 -1.084  1.00 19.79 ? 119 LYS A CG  1 
ATOM   949  C  CD  . LYS A 1 131 ? -6.340  -15.686 -1.720  1.00 26.13 ? 119 LYS A CD  1 
ATOM   950  C  CE  . LYS A 1 131 ? -7.069  -16.707 -0.864  1.00 37.91 ? 119 LYS A CE  1 
ATOM   951  N  NZ  . LYS A 1 131 ? -6.720  -18.105 -1.328  1.00 51.72 ? 119 LYS A NZ  1 
ATOM   952  N  N   . ALA A 1 132 ? -3.121  -12.634 0.426   1.00 13.96 ? 120 ALA A N   1 
ATOM   953  C  CA  . ALA A 1 132 ? -2.525  -12.939 1.723   1.00 14.71 ? 120 ALA A CA  1 
ATOM   954  C  C   . ALA A 1 132 ? -2.584  -11.754 2.675   1.00 15.65 ? 120 ALA A C   1 
ATOM   955  O  O   . ALA A 1 132 ? -2.654  -11.947 3.896   1.00 16.02 ? 120 ALA A O   1 
ATOM   956  C  CB  . ALA A 1 132 ? -1.091  -13.429 1.530   1.00 15.63 ? 120 ALA A CB  1 
ATOM   957  N  N   . LEU A 1 133 ? -2.579  -10.549 2.119   1.00 15.04 ? 121 LEU A N   1 
ATOM   958  C  CA  . LEU A 1 133 ? -2.700  -9.330  2.924   1.00 13.30 ? 121 LEU A CA  1 
ATOM   959  C  C   . LEU A 1 133 ? -4.191  -9.048  3.236   1.00 14.30 ? 121 LEU A C   1 
ATOM   960  O  O   . LEU A 1 133 ? -4.509  -8.564  4.337   1.00 16.23 ? 121 LEU A O   1 
ATOM   961  C  CB  . LEU A 1 133 ? -2.019  -8.130  2.232   1.00 14.42 ? 121 LEU A CB  1 
ATOM   962  C  CG  . LEU A 1 133 ? -2.072  -6.773  2.912   1.00 15.64 ? 121 LEU A CG  1 
ATOM   963  C  CD1 . LEU A 1 133 ? -1.438  -6.860  4.270   1.00 16.64 ? 121 LEU A CD1 1 
ATOM   964  C  CD2 . LEU A 1 133 ? -1.361  -5.762  2.110   1.00 16.92 ? 121 LEU A CD2 1 
ATOM   965  N  N   . ALA A 1 134 ? -5.082  -9.311  2.281   1.00 14.18 ? 122 ALA A N   1 
ATOM   966  C  CA  . ALA A 1 134 ? -6.538  -9.262  2.564   1.00 13.71 ? 122 ALA A CA  1 
ATOM   967  C  C   . ALA A 1 134 ? -6.886  -10.229 3.687   1.00 15.88 ? 122 ALA A C   1 
ATOM   968  O  O   . ALA A 1 134 ? -7.855  -9.996  4.452   1.00 15.94 ? 122 ALA A O   1 
ATOM   969  C  CB  . ALA A 1 134 ? -7.312  -9.620  1.301   1.00 14.52 ? 122 ALA A CB  1 
ATOM   970  N  N   . ASP A 1 135 ? -6.134  -11.324 3.827   1.00 14.65 ? 123 ASP A N   1 
ATOM   971  C  CA  . ASP A 1 135 ? -6.317  -12.351 4.869   1.00 14.74 ? 123 ASP A CA  1 
ATOM   972  C  C   . ASP A 1 135 ? -5.304  -12.201 6.039   1.00 13.52 ? 123 ASP A C   1 
ATOM   973  O  O   . ASP A 1 135 ? -4.925  -13.195 6.663   1.00 17.60 ? 123 ASP A O   1 
ATOM   974  C  CB  . ASP A 1 135 ? -6.175  -13.724 4.249   1.00 16.55 ? 123 ASP A CB  1 
ATOM   975  C  CG  . ASP A 1 135 ? -7.290  -14.055 3.283   1.00 20.50 ? 123 ASP A CG  1 
ATOM   976  O  OD1 . ASP A 1 135 ? -8.358  -13.392 3.337   1.00 25.27 ? 123 ASP A OD1 1 
ATOM   977  O  OD2 . ASP A 1 135 ? -7.164  -14.962 2.401   1.00 23.78 ? 123 ASP A OD2 1 
ATOM   978  N  N   . SER A 1 136 ? -4.872  -10.964 6.297   1.00 14.75 ? 124 SER A N   1 
ATOM   979  C  CA  . SER A 1 136 ? -4.054  -10.614 7.461   1.00 13.75 ? 124 SER A CA  1 
ATOM   980  C  C   . SER A 1 136 ? -4.849  -9.652  8.359   1.00 15.25 ? 124 SER A C   1 
ATOM   981  O  O   . SER A 1 136 ? -5.574  -8.820  7.845   1.00 16.54 ? 124 SER A O   1 
ATOM   982  C  CB  . SER A 1 136 ? -2.779  -9.915  6.997   1.00 17.36 ? 124 SER A CB  1 
ATOM   983  O  OG  . SER A 1 136 ? -1.939  -10.849 6.345   1.00 18.17 ? 124 SER A OG  1 
ATOM   984  N  N   . ASP A 1 137 ? -4.640  -9.708  9.675   1.00 14.96 ? 125 ASP A N   1 
ATOM   985  C  CA  . ASP A 1 137 ? -5.308  -8.727  10.579  1.00 15.16 ? 125 ASP A CA  1 
ATOM   986  C  C   . ASP A 1 137 ? -4.448  -8.637  11.818  1.00 15.29 ? 125 ASP A C   1 
ATOM   987  O  O   . ASP A 1 137 ? -4.115  -9.687  12.377  1.00 22.29 ? 125 ASP A O   1 
ATOM   988  C  CB  . ASP A 1 137 ? -6.700  -9.252  10.905  1.00 17.78 ? 125 ASP A CB  1 
ATOM   989  C  CG  . ASP A 1 137 ? -7.759  -8.189  11.103  1.00 15.57 ? 125 ASP A CG  1 
ATOM   990  O  OD1 . ASP A 1 137 ? -7.391  -7.021  11.369  1.00 15.96 ? 125 ASP A OD1 1 
ATOM   991  O  OD2 . ASP A 1 137 ? -8.972  -8.584  11.087  1.00 14.57 ? 125 ASP A OD2 1 
ATOM   992  N  N   . PRO A 1 138 ? -4.039  -7.464  12.262  1.00 15.55 ? 126 PRO A N   1 
ATOM   993  C  CA  . PRO A 1 138 ? -4.186  -6.201  11.547  1.00 16.92 ? 126 PRO A CA  1 
ATOM   994  C  C   . PRO A 1 138 ? -3.206  -6.131  10.353  1.00 15.31 ? 126 PRO A C   1 
ATOM   995  O  O   . PRO A 1 138 ? -2.531  -7.126  9.994   1.00 14.64 ? 126 PRO A O   1 
ATOM   996  C  CB  . PRO A 1 138 ? -3.807  -5.178  12.623  1.00 14.50 ? 126 PRO A CB  1 
ATOM   997  C  CG  . PRO A 1 138 ? -2.751  -5.900  13.407  1.00 18.10 ? 126 PRO A CG  1 
ATOM   998  C  CD  . PRO A 1 138 ? -3.221  -7.296  13.485  1.00 14.82 ? 126 PRO A CD  1 
ATOM   999  N  N   . VAL A 1 139 ? -3.151  -4.972  9.741   1.00 13.49 ? 127 VAL A N   1 
ATOM   1000 C  CA  . VAL A 1 139 ? -2.214  -4.652  8.663   1.00 14.50 ? 127 VAL A CA  1 
ATOM   1001 C  C   . VAL A 1 139 ? -1.480  -3.350  8.961   1.00 14.29 ? 127 VAL A C   1 
ATOM   1002 O  O   . VAL A 1 139 ? -1.976  -2.467  9.684   1.00 17.25 ? 127 VAL A O   1 
ATOM   1003 C  CB  . VAL A 1 139 ? -2.938  -4.590  7.325   1.00 15.42 ? 127 VAL A CB  1 
ATOM   1004 C  CG1 . VAL A 1 139 ? -3.527  -5.944  7.022   1.00 17.08 ? 127 VAL A CG1 1 
ATOM   1005 C  CG2 . VAL A 1 139 ? -4.004  -3.538  7.308   1.00 17.17 ? 127 VAL A CG2 1 
ATOM   1006 N  N   . ASN A 1 140 ? -0.269  -3.223  8.412   1.00 14.44 ? 128 ASN A N   1 
ATOM   1007 C  CA  . ASN A 1 140 ? 0.610   -2.131  8.817   1.00 14.50 ? 128 ASN A CA  1 
ATOM   1008 C  C   . ASN A 1 140 ? 1.182   -1.464  7.569   1.00 15.63 ? 128 ASN A C   1 
ATOM   1009 O  O   . ASN A 1 140 ? 1.723   -2.157  6.695   1.00 15.70 ? 128 ASN A O   1 
ATOM   1010 C  CB  . ASN A 1 140 ? 1.768   -2.661  9.636   1.00 17.42 ? 128 ASN A CB  1 
ATOM   1011 C  CG  . ASN A 1 140 ? 1.309   -3.353  10.930  1.00 14.75 ? 128 ASN A CG  1 
ATOM   1012 O  OD1 . ASN A 1 140 ? 1.238   -2.726  11.985  1.00 15.54 ? 128 ASN A OD1 1 
ATOM   1013 N  ND2 . ASN A 1 140 ? 1.092   -4.668  10.861  1.00 16.29 ? 128 ASN A ND2 1 
ATOM   1014 N  N   . PHE A 1 141 ? 1.125   -0.149  7.556   1.00 14.72 ? 129 PHE A N   1 
ATOM   1015 C  CA  . PHE A 1 141 ? 1.618   0.630   6.433   1.00 13.69 ? 129 PHE A CA  1 
ATOM   1016 C  C   . PHE A 1 141 ? 2.253   1.925   6.968   1.00 15.17 ? 129 PHE A C   1 
ATOM   1017 O  O   . PHE A 1 141 ? 1.931   2.380   8.058   1.00 15.74 ? 129 PHE A O   1 
ATOM   1018 C  CB  . PHE A 1 141 ? 0.481   1.097   5.494   1.00 14.33 ? 129 PHE A CB  1 
ATOM   1019 C  CG  . PHE A 1 141 ? -0.306  0.004   4.817   1.00 17.54 ? 129 PHE A CG  1 
ATOM   1020 C  CD1 . PHE A 1 141 ? -1.401  -0.530  5.437   1.00 15.53 ? 129 PHE A CD1 1 
ATOM   1021 C  CD2 . PHE A 1 141 ? 0.003   -0.446  3.546   1.00 17.49 ? 129 PHE A CD2 1 
ATOM   1022 C  CE1 . PHE A 1 141 ? -2.158  -1.538  4.836   1.00 15.30 ? 129 PHE A CE1 1 
ATOM   1023 C  CE2 . PHE A 1 141 ? -0.758  -1.444  2.924   1.00 18.80 ? 129 PHE A CE2 1 
ATOM   1024 C  CZ  . PHE A 1 141 ? -1.863  -1.986  3.569   1.00 15.71 ? 129 PHE A CZ  1 
ATOM   1025 N  N   . HIS A 1 142 ? 3.065   2.581   6.140   1.00 14.11 ? 130 HIS A N   1 
ATOM   1026 C  CA  . HIS A 1 142 ? 3.585   3.870   6.519   1.00 13.60 ? 130 HIS A CA  1 
ATOM   1027 C  C   . HIS A 1 142 ? 2.514   4.954   6.418   1.00 14.40 ? 130 HIS A C   1 
ATOM   1028 O  O   . HIS A 1 142 ? 1.791   4.991   5.412   1.00 15.38 ? 130 HIS A O   1 
ATOM   1029 C  CB  . HIS A 1 142 ? 4.737   4.315   5.630   1.00 14.15 ? 130 HIS A CB  1 
ATOM   1030 C  CG  . HIS A 1 142 ? 5.937   3.438   5.656   1.00 13.87 ? 130 HIS A CG  1 
ATOM   1031 N  ND1 . HIS A 1 142 ? 6.557   3.019   6.814   1.00 15.35 ? 130 HIS A ND1 1 
ATOM   1032 C  CD2 . HIS A 1 142 ? 6.634   2.887   4.634   1.00 15.96 ? 130 HIS A CD2 1 
ATOM   1033 C  CE1 . HIS A 1 142 ? 7.601   2.265   6.495   1.00 16.67 ? 130 HIS A CE1 1 
ATOM   1034 N  NE2 . HIS A 1 142 ? 7.673   2.160   5.183   1.00 16.58 ? 130 HIS A NE2 1 
ATOM   1035 N  N   . PRO A 1 143 ? 2.443   5.878   7.388   1.00 14.77 ? 131 PRO A N   1 
ATOM   1036 C  CA  . PRO A 1 143 ? 1.497   7.005   7.304   1.00 15.65 ? 131 PRO A CA  1 
ATOM   1037 C  C   . PRO A 1 143 ? 2.108   8.142   6.469   1.00 16.51 ? 131 PRO A C   1 
ATOM   1038 O  O   . PRO A 1 143 ? 2.366   9.279   6.988   1.00 16.55 ? 131 PRO A O   1 
ATOM   1039 C  CB  . PRO A 1 143 ? 1.306   7.395   8.770   1.00 15.44 ? 131 PRO A CB  1 
ATOM   1040 C  CG  . PRO A 1 143 ? 2.703   7.100   9.386   1.00 16.45 ? 131 PRO A CG  1 
ATOM   1041 C  CD  . PRO A 1 143 ? 3.195   5.861   8.658   1.00 15.41 ? 131 PRO A CD  1 
ATOM   1042 N  N   . LEU A 1 144 ? 2.353   7.825   5.190   1.00 16.81 ? 132 LEU A N   1 
ATOM   1043 C  CA  . LEU A 1 144 ? 2.898   8.739   4.184   1.00 16.96 ? 132 LEU A CA  1 
ATOM   1044 C  C   . LEU A 1 144 ? 4.410   9.039   4.301   1.00 17.08 ? 132 LEU A C   1 
ATOM   1045 O  O   . LEU A 1 144 ? 4.977   9.806   3.466   1.00 18.60 ? 132 LEU A O   1 
ATOM   1046 C  CB  . LEU A 1 144 ? 2.075   10.032  4.111   1.00 16.51 ? 132 LEU A CB  1 
ATOM   1047 C  CG  . LEU A 1 144 ? 0.567   9.857   4.007   1.00 16.94 ? 132 LEU A CG  1 
ATOM   1048 C  CD1 . LEU A 1 144 ? -0.109  11.232  4.109   1.00 22.05 ? 132 LEU A CD1 1 
ATOM   1049 C  CD2 . LEU A 1 144 ? 0.147   9.156   2.758   1.00 18.14 ? 132 LEU A CD2 1 
ATOM   1050 N  N   . LYS A 1 145 ? 5.085   8.461   5.299   1.00 17.19 ? 133 LYS A N   1 
ATOM   1051 C  CA  . LYS A 1 145 ? 6.526   8.578   5.402   1.00 19.91 ? 133 LYS A CA  1 
ATOM   1052 C  C   . LYS A 1 145 ? 7.049   7.353   6.130   1.00 15.50 ? 133 LYS A C   1 
ATOM   1053 O  O   . LYS A 1 145 ? 6.358   6.818   7.005   1.00 16.48 ? 133 LYS A O   1 
ATOM   1054 C  CB  . LYS A 1 145 ? 6.947   9.840   6.150   1.00 19.55 ? 133 LYS A CB  1 
ATOM   1055 C  CG  . LYS A 1 145 ? 8.432   10.136  5.972   1.00 25.41 ? 133 LYS A CG  1 
ATOM   1056 C  CD  . LYS A 1 145 ? 8.812   11.587  6.224   1.00 33.68 ? 133 LYS A CD  1 
ATOM   1057 C  CE  . LYS A 1 145 ? 10.296  11.809  5.869   1.00 35.93 ? 133 LYS A CE  1 
ATOM   1058 N  NZ  . LYS A 1 145 ? 10.775  13.221  6.149   1.00 43.62 ? 133 LYS A NZ  1 
ATOM   1059 N  N   . ASN A 1 146 ? 8.248   6.930   5.776   1.00 15.37 ? 134 ASN A N   1 
ATOM   1060 C  CA  . ASN A 1 146 ? 8.836   5.698   6.337   1.00 16.26 ? 134 ASN A CA  1 
ATOM   1061 C  C   . ASN A 1 146 ? 9.537   5.832   7.682   1.00 16.13 ? 134 ASN A C   1 
ATOM   1062 O  O   . ASN A 1 146 ? 10.251  4.926   8.105   1.00 16.37 ? 134 ASN A O   1 
ATOM   1063 C  CB  . ASN A 1 146 ? 9.772   5.072   5.332   1.00 17.67 ? 134 ASN A CB  1 
ATOM   1064 C  CG  . ASN A 1 146 ? 10.962  5.937   5.028   1.00 17.75 ? 134 ASN A CG  1 
ATOM   1065 O  OD1 . ASN A 1 146 ? 11.230  6.916   5.754   1.00 17.91 ? 134 ASN A OD1 1 
ATOM   1066 N  ND2 . ASN A 1 146 ? 11.696  5.593   3.957   1.00 19.36 ? 134 ASN A ND2 1 
ATOM   1067 N  N   . ASP A 1 147 ? 9.303   6.927   8.361   1.00 15.09 ? 135 ASP A N   1 
ATOM   1068 C  CA  . ASP A 1 147 ? 9.753   7.121   9.733   1.00 15.92 ? 135 ASP A CA  1 
ATOM   1069 C  C   . ASP A 1 147 ? 8.681   6.804   10.765  1.00 15.49 ? 135 ASP A C   1 
ATOM   1070 O  O   . ASP A 1 147 ? 8.702   7.282   11.917  1.00 16.14 ? 135 ASP A O   1 
ATOM   1071 C  CB  . ASP A 1 147 ? 10.316  8.515   9.932   1.00 17.65 ? 135 ASP A CB  1 
ATOM   1072 C  CG  . ASP A 1 147 ? 9.319   9.593   9.724   1.00 21.48 ? 135 ASP A CG  1 
ATOM   1073 O  OD1 . ASP A 1 147 ? 8.158   9.321   9.393   1.00 20.74 ? 135 ASP A OD1 1 
ATOM   1074 O  OD2 . ASP A 1 147 ? 9.690   10.805  9.833   1.00 26.44 ? 135 ASP A OD2 1 
ATOM   1075 N  N   . ALA A 1 148 ? 7.738   5.984   10.348  1.00 14.29 ? 136 ALA A N   1 
ATOM   1076 C  CA  . ALA A 1 148 ? 6.668   5.495   11.215  1.00 13.61 ? 136 ALA A CA  1 
ATOM   1077 C  C   . ALA A 1 148 ? 5.974   4.335   10.541  1.00 14.34 ? 136 ALA A C   1 
ATOM   1078 O  O   . ALA A 1 148 ? 6.034   4.173   9.324   1.00 14.25 ? 136 ALA A O   1 
ATOM   1079 C  CB  . ALA A 1 148 ? 5.672   6.562   11.505  1.00 16.93 ? 136 ALA A CB  1 
ATOM   1080 N  N   . THR A 1 149 ? 5.284   3.544   11.372  1.00 14.76 ? 137 THR A N   1 
ATOM   1081 C  CA  . THR A 1 149 ? 4.497   2.412   10.907  1.00 13.49 ? 137 THR A CA  1 
ATOM   1082 C  C   . THR A 1 149 ? 3.157   2.522   11.617  1.00 14.58 ? 137 THR A C   1 
ATOM   1083 O  O   . THR A 1 149 ? 3.115   2.763   12.818  1.00 15.00 ? 137 THR A O   1 
ATOM   1084 C  CB  . THR A 1 149 ? 5.215   1.115   11.237  1.00 16.78 ? 137 THR A CB  1 
ATOM   1085 O  OG1 . THR A 1 149 ? 6.464   1.075   10.515  1.00 17.86 ? 137 THR A OG1 1 
ATOM   1086 C  CG2 . THR A 1 149 ? 4.445   -0.073  10.736  1.00 19.22 ? 137 THR A CG2 1 
ATOM   1087 N  N   . THR A 1 150 ? 2.096   2.420   10.834  1.00 14.47 ? 138 THR A N   1 
ATOM   1088 C  CA  . THR A 1 150 ? 0.738   2.586   11.299  1.00 13.72 ? 138 THR A CA  1 
ATOM   1089 C  C   . THR A 1 150 ? -0.039  1.316   11.094  1.00 16.36 ? 138 THR A C   1 
ATOM   1090 O  O   . THR A 1 150 ? -0.109  0.803   9.983   1.00 14.99 ? 138 THR A O   1 
ATOM   1091 C  CB  . THR A 1 150 ? 0.054   3.739   10.573  1.00 16.76 ? 138 THR A CB  1 
ATOM   1092 O  OG1 . THR A 1 150 ? 0.700   4.967   10.972  1.00 16.60 ? 138 THR A OG1 1 
ATOM   1093 C  CG2 . THR A 1 150 ? -1.397  3.885   11.019  1.00 15.90 ? 138 THR A CG2 1 
ATOM   1094 N  N   . ALA A 1 151 ? -0.666  0.849   12.175  1.00 15.47 ? 139 ALA A N   1 
ATOM   1095 C  CA  . ALA A 1 151 ? -1.552  -0.324  12.134  1.00 16.26 ? 139 ALA A CA  1 
ATOM   1096 C  C   . ALA A 1 151 ? -3.000  0.123   12.017  1.00 14.52 ? 139 ALA A C   1 
ATOM   1097 O  O   . ALA A 1 151 ? -3.440  1.047   12.707  1.00 15.43 ? 139 ALA A O   1 
ATOM   1098 C  CB  . ALA A 1 151 ? -1.389  -1.133  13.372  1.00 16.32 ? 139 ALA A CB  1 
ATOM   1099 N  N   . VAL A 1 152 ? -3.739  -0.572  11.160  1.00 14.51 ? 140 VAL A N   1 
ATOM   1100 C  CA  . VAL A 1 152 ? -5.201  -0.523  11.145  1.00 14.73 ? 140 VAL A CA  1 
ATOM   1101 C  C   . VAL A 1 152 ? -5.704  -1.950  11.045  1.00 13.19 ? 140 VAL A C   1 
ATOM   1102 O  O   . VAL A 1 152 ? -4.956  -2.865  10.690  1.00 14.25 ? 140 VAL A O   1 
ATOM   1103 C  CB  . VAL A 1 152 ? -5.735  0.290   9.942   1.00 15.64 ? 140 VAL A CB  1 
ATOM   1104 C  CG1 . VAL A 1 152 ? -5.288  1.757   10.008  1.00 16.50 ? 140 VAL A CG1 1 
ATOM   1105 C  CG2 . VAL A 1 152 ? -5.402  -0.348  8.588   1.00 15.32 ? 140 VAL A CG2 1 
ATOM   1106 N  N   . SER A 1 153 ? -6.962  -2.192  11.417  1.00 12.86 ? 141 SER A N   1 
ATOM   1107 C  CA  . SER A 1 153 ? -7.484  -3.547  11.260  1.00 11.64 ? 141 SER A CA  1 
ATOM   1108 C  C   . SER A 1 153 ? -7.759  -3.818  9.783   1.00 11.26 ? 141 SER A C   1 
ATOM   1109 O  O   . SER A 1 153 ? -7.793  -2.919  8.951   1.00 13.27 ? 141 SER A O   1 
ATOM   1110 C  CB  . SER A 1 153 ? -8.783  -3.677  12.032  1.00 13.80 ? 141 SER A CB  1 
ATOM   1111 O  OG  . SER A 1 153 ? -9.782  -2.892  11.397  1.00 15.42 ? 141 SER A OG  1 
ATOM   1112 N  N   . GLN A 1 154 ? -7.939  -5.072  9.441   1.00 13.26 ? 142 GLN A N   1 
ATOM   1113 C  CA  . GLN A 1 154 ? -8.329  -5.403  8.063   1.00 12.64 ? 142 GLN A CA  1 
ATOM   1114 C  C   . GLN A 1 154 ? -9.624  -4.699  7.692   1.00 13.22 ? 142 GLN A C   1 
ATOM   1115 O  O   . GLN A 1 154 ? -9.750  -4.102  6.611   1.00 14.38 ? 142 GLN A O   1 
ATOM   1116 C  CB  . GLN A 1 154 ? -8.500  -6.900  7.923   1.00 13.32 ? 142 GLN A CB  1 
ATOM   1117 C  CG  . GLN A 1 154 ? -8.949  -7.385  6.563   1.00 13.94 ? 142 GLN A CG  1 
ATOM   1118 C  CD  . GLN A 1 154 ? -7.955  -7.062  5.435   1.00 16.23 ? 142 GLN A CD  1 
ATOM   1119 O  OE1 . GLN A 1 154 ? -8.378  -6.751  4.310   1.00 14.85 ? 142 GLN A OE1 1 
ATOM   1120 N  NE2 . GLN A 1 154 ? -6.645  -7.190  5.716   1.00 15.75 ? 142 GLN A NE2 1 
ATOM   1121 N  N   . ALA A 1 155 ? -10.615 -4.752  8.581   1.00 12.32 ? 143 ALA A N   1 
ATOM   1122 C  CA  . ALA A 1 155 ? -11.863 -4.025  8.315   1.00 11.52 ? 143 ALA A CA  1 
ATOM   1123 C  C   . ALA A 1 155 ? -11.627 -2.540  8.138   1.00 14.16 ? 143 ALA A C   1 
ATOM   1124 O  O   . ALA A 1 155 ? -12.261 -1.898  7.306   1.00 15.90 ? 143 ALA A O   1 
ATOM   1125 C  CB  . ALA A 1 155 ? -12.873 -4.310  9.402   1.00 12.06 ? 143 ALA A CB  1 
ATOM   1126 N  N   . GLY A 1 156 ? -10.692 -1.996  8.918   1.00 13.26 ? 144 GLY A N   1 
ATOM   1127 C  CA  . GLY A 1 156 ? -10.314 -0.563  8.826   1.00 14.78 ? 144 GLY A CA  1 
ATOM   1128 C  C   . GLY A 1 156 ? -9.727  -0.230  7.477   1.00 13.27 ? 144 GLY A C   1 
ATOM   1129 O  O   . GLY A 1 156 ? -10.047 0.805   6.900   1.00 14.36 ? 144 GLY A O   1 
ATOM   1130 N  N   . LEU A 1 157 ? -8.823  -1.084  6.998   1.00 13.92 ? 145 LEU A N   1 
ATOM   1131 C  CA  . LEU A 1 157 ? -8.243  -0.880  5.656   1.00 13.29 ? 145 LEU A CA  1 
ATOM   1132 C  C   . LEU A 1 157 ? -9.387  -0.821  4.644   1.00 14.07 ? 145 LEU A C   1 
ATOM   1133 O  O   . LEU A 1 157 ? -9.424  0.028   3.774   1.00 14.24 ? 145 LEU A O   1 
ATOM   1134 C  CB  . LEU A 1 157 ? -7.269  -1.999  5.276   1.00 17.42 ? 145 LEU A CB  1 
ATOM   1135 C  CG  . LEU A 1 157 ? -6.771  -1.988  3.833   1.00 16.74 ? 145 LEU A CG  1 
ATOM   1136 C  CD1 . LEU A 1 157 ? -5.970  -0.752  3.539   1.00 16.62 ? 145 LEU A CD1 1 
ATOM   1137 C  CD2 . LEU A 1 157 ? -5.926  -3.231  3.548   1.00 16.22 ? 145 LEU A CD2 1 
ATOM   1138 N  N   . ARG A 1 158 ? -10.316 -1.758  4.733   1.00 12.93 ? 146 ARG A N   1 
ATOM   1139 C  CA  . ARG A 1 158 ? -11.423 -1.817  3.764   1.00 13.97 ? 146 ARG A CA  1 
ATOM   1140 C  C   . ARG A 1 158 ? -12.325 -0.590  3.877   1.00 14.95 ? 146 ARG A C   1 
ATOM   1141 O  O   . ARG A 1 158 ? -12.815 -0.080  2.862   1.00 15.16 ? 146 ARG A O   1 
ATOM   1142 C  CB  . ARG A 1 158 ? -12.202 -3.121  3.912   1.00 14.34 ? 146 ARG A CB  1 
ATOM   1143 C  CG  . ARG A 1 158 ? -11.377 -4.364  3.603   1.00 13.02 ? 146 ARG A CG  1 
ATOM   1144 C  CD  . ARG A 1 158 ? -12.058 -5.657  3.858   1.00 13.75 ? 146 ARG A CD  1 
ATOM   1145 N  NE  . ARG A 1 158 ? -11.131 -6.791  3.849   1.00 13.85 ? 146 ARG A NE  1 
ATOM   1146 C  CZ  . ARG A 1 158 ? -11.500 -8.055  3.769   1.00 14.73 ? 146 ARG A CZ  1 
ATOM   1147 N  NH1 . ARG A 1 158 ? -12.775 -8.425  3.697   1.00 15.45 ? 146 ARG A NH1 1 
ATOM   1148 N  NH2 . ARG A 1 158 ? -10.560 -8.981  3.785   1.00 16.21 ? 146 ARG A NH2 1 
ATOM   1149 N  N   . ARG A 1 159 ? -12.561 -0.126  5.099   1.00 14.60 ? 147 ARG A N   1 
ATOM   1150 C  CA  . ARG A 1 159 ? -13.347 1.093   5.370   1.00 14.08 ? 147 ARG A CA  1 
ATOM   1151 C  C   . ARG A 1 159 ? -12.661 2.321   4.734   1.00 13.91 ? 147 ARG A C   1 
ATOM   1152 O  O   . ARG A 1 159 ? -13.328 3.190   4.143   1.00 15.44 ? 147 ARG A O   1 
ATOM   1153 C  CB  . ARG A 1 159 ? -13.463 1.247   6.887   1.00 18.64 ? 147 ARG A CB  1 
ATOM   1154 C  CG  . ARG A 1 159 ? -14.426 2.266   7.396   1.00 22.32 ? 147 ARG A CG  1 
ATOM   1155 C  CD  . ARG A 1 159 ? -14.579 2.275   8.965   1.00 22.43 ? 147 ARG A CD  1 
ATOM   1156 N  NE  . ARG A 1 159 ? -14.752 0.919   9.436   1.00 18.98 ? 147 ARG A NE  1 
ATOM   1157 C  CZ  . ARG A 1 159 ? -13.958 0.238   10.299  1.00 17.53 ? 147 ARG A CZ  1 
ATOM   1158 N  NH1 . ARG A 1 159 ? -12.970 0.761   10.987  1.00 17.09 ? 147 ARG A NH1 1 
ATOM   1159 N  NH2 . ARG A 1 159 ? -14.232 -1.049  10.501  1.00 20.36 ? 147 ARG A NH2 1 
ATOM   1160 N  N   . PHE A 1 160 ? -11.354 2.385   4.877   1.00 13.92 ? 148 PHE A N   1 
ATOM   1161 C  CA  . PHE A 1 160 ? -10.509 3.426   4.217   1.00 13.92 ? 148 PHE A CA  1 
ATOM   1162 C  C   . PHE A 1 160 ? -10.673 3.404   2.695   1.00 13.48 ? 148 PHE A C   1 
ATOM   1163 O  O   . PHE A 1 160 ? -10.961 4.463   2.092   1.00 14.62 ? 148 PHE A O   1 
ATOM   1164 C  CB  . PHE A 1 160 ? -9.034  3.243   4.611   1.00 13.78 ? 148 PHE A CB  1 
ATOM   1165 C  CG  . PHE A 1 160 ? -8.082  4.128   3.869   1.00 13.70 ? 148 PHE A CG  1 
ATOM   1166 C  CD1 . PHE A 1 160 ? -7.965  5.475   4.191   1.00 13.91 ? 148 PHE A CD1 1 
ATOM   1167 C  CD2 . PHE A 1 160 ? -7.280  3.586   2.883   1.00 15.05 ? 148 PHE A CD2 1 
ATOM   1168 C  CE1 . PHE A 1 160 ? -7.032  6.250   3.509   1.00 14.60 ? 148 PHE A CE1 1 
ATOM   1169 C  CE2 . PHE A 1 160 ? -6.380  4.356   2.195   1.00 15.49 ? 148 PHE A CE2 1 
ATOM   1170 C  CZ  . PHE A 1 160 ? -6.236  5.658   2.531   1.00 13.61 ? 148 PHE A CZ  1 
ATOM   1171 N  N   . LEU A 1 161 ? -10.471 2.240   2.088   1.00 13.65 ? 149 LEU A N   1 
ATOM   1172 C  CA  . LEU A 1 161 ? -10.599 2.108   0.647   1.00 15.45 ? 149 LEU A CA  1 
ATOM   1173 C  C   . LEU A 1 161 ? -11.994 2.481   0.184   1.00 15.92 ? 149 LEU A C   1 
ATOM   1174 O  O   . LEU A 1 161 ? -12.171 3.196   -0.821  1.00 16.97 ? 149 LEU A O   1 
ATOM   1175 C  CB  . LEU A 1 161 ? -10.230 0.708   0.207   1.00 16.00 ? 149 LEU A CB  1 
ATOM   1176 C  CG  . LEU A 1 161 ? -8.769  0.355   0.466   1.00 15.22 ? 149 LEU A CG  1 
ATOM   1177 C  CD1 . LEU A 1 161 ? -8.619  -1.167  0.249   1.00 18.32 ? 149 LEU A CD1 1 
ATOM   1178 C  CD2 . LEU A 1 161 ? -7.747  1.163   -0.354  1.00 16.07 ? 149 LEU A CD2 1 
ATOM   1179 N  N   . ALA A 1 162 ? -13.005 2.012   0.919   1.00 13.43 ? 150 ALA A N   1 
ATOM   1180 C  CA  . ALA A 1 162 ? -14.411 2.323   0.574   1.00 14.77 ? 150 ALA A CA  1 
ATOM   1181 C  C   . ALA A 1 162 ? -14.674 3.826   0.608   1.00 15.92 ? 150 ALA A C   1 
ATOM   1182 O  O   . ALA A 1 162 ? -15.369 4.349   -0.277  1.00 16.06 ? 150 ALA A O   1 
ATOM   1183 C  CB  . ALA A 1 162 ? -15.382 1.618   1.473   1.00 15.47 ? 150 ALA A CB  1 
ATOM   1184 N  N   . ALA A 1 163 ? -14.129 4.520   1.606   1.00 15.06 ? 151 ALA A N   1 
ATOM   1185 C  CA  . ALA A 1 163 ? -14.329 5.964   1.713   1.00 15.80 ? 151 ALA A CA  1 
ATOM   1186 C  C   . ALA A 1 163 ? -13.707 6.745   0.570   1.00 15.32 ? 151 ALA A C   1 
ATOM   1187 O  O   . ALA A 1 163 ? -14.168 7.855   0.279   1.00 17.32 ? 151 ALA A O   1 
ATOM   1188 C  CB  . ALA A 1 163 ? -13.782 6.481   3.014   1.00 16.45 ? 151 ALA A CB  1 
ATOM   1189 N  N   . LEU A 1 164 ? -12.711 6.166   -0.071  1.00 15.13 ? 152 LEU A N   1 
ATOM   1190 C  CA  . LEU A 1 164 ? -12.031 6.788   -1.215  1.00 14.88 ? 152 LEU A CA  1 
ATOM   1191 C  C   . LEU A 1 164 ? -12.664 6.345   -2.531  1.00 17.58 ? 152 LEU A C   1 
ATOM   1192 O  O   . LEU A 1 164 ? -12.277 6.814   -3.588  1.00 18.42 ? 152 LEU A O   1 
ATOM   1193 C  CB  . LEU A 1 164 ? -10.546 6.426   -1.236  1.00 18.83 ? 152 LEU A CB  1 
ATOM   1194 C  CG  . LEU A 1 164 ? -9.649  7.044   -0.156  1.00 16.31 ? 152 LEU A CG  1 
ATOM   1195 C  CD1 . LEU A 1 164 ? -8.258  6.438   -0.226  1.00 19.26 ? 152 LEU A CD1 1 
ATOM   1196 C  CD2 . LEU A 1 164 ? -9.590  8.579   -0.225  1.00 18.88 ? 152 LEU A CD2 1 
ATOM   1197 N  N   . GLY A 1 165 ? -13.594 5.407   -2.467  1.00 16.58 ? 153 GLY A N   1 
ATOM   1198 C  CA  . GLY A 1 165 ? -14.200 4.830   -3.637  1.00 19.51 ? 153 GLY A CA  1 
ATOM   1199 C  C   . GLY A 1 165 ? -13.266 3.938   -4.404  1.00 20.69 ? 153 GLY A C   1 
ATOM   1200 O  O   . GLY A 1 165 ? -13.440 3.743   -5.590  1.00 22.71 ? 153 GLY A O   1 
ATOM   1201 N  N   . VAL A 1 166 ? -12.301 3.344   -3.710  1.00 17.73 ? 154 VAL A N   1 
ATOM   1202 C  CA  . VAL A 1 166 ? -11.280 2.493   -4.343  1.00 18.52 ? 154 VAL A CA  1 
ATOM   1203 C  C   . VAL A 1 166 ? -11.667 1.041   -4.175  1.00 21.26 ? 154 VAL A C   1 
ATOM   1204 O  O   . VAL A 1 166 ? -11.658 0.512   -3.053  1.00 20.85 ? 154 VAL A O   1 
ATOM   1205 C  CB  . VAL A 1 166 ? -9.869  2.745   -3.733  1.00 19.26 ? 154 VAL A CB  1 
ATOM   1206 C  CG1 . VAL A 1 166 ? -8.864  1.680   -4.183  1.00 21.32 ? 154 VAL A CG1 1 
ATOM   1207 C  CG2 . VAL A 1 166 ? -9.364  4.140   -4.093  1.00 21.87 ? 154 VAL A CG2 1 
ATOM   1208 N  N   . GLU A 1 167 ? -11.983 0.374   -5.279  1.00 20.16 ? 155 GLU A N   1 
ATOM   1209 C  CA  . GLU A 1 167 ? -12.272 -1.061  -5.222  1.00 20.34 ? 155 GLU A CA  1 
ATOM   1210 C  C   . GLU A 1 167 ? -10.978 -1.852  -5.464  1.00 20.64 ? 155 GLU A C   1 
ATOM   1211 O  O   . GLU A 1 167 ? -10.419 -1.808  -6.554  1.00 22.03 ? 155 GLU A O   1 
ATOM   1212 C  CB  . GLU A 1 167 ? -13.298 -1.494  -6.264  1.00 21.63 ? 155 GLU A CB  1 
ATOM   1213 C  CG  . GLU A 1 167 ? -13.638 -2.972  -6.134  1.00 23.79 ? 155 GLU A CG  1 
ATOM   1214 C  CD  . GLU A 1 167 ? -14.652 -3.467  -7.148  1.00 29.62 ? 155 GLU A CD  1 
ATOM   1215 O  OE1 . GLU A 1 167 ? -15.152 -2.656  -7.959  1.00 36.39 ? 155 GLU A OE1 1 
ATOM   1216 O  OE2 . GLU A 1 167 ? -14.922 -4.680  -7.107  1.00 43.54 ? 155 GLU A OE2 1 
ATOM   1217 N  N   . PRO A 1 168 ? -10.507 -2.620  -4.490  1.00 20.34 ? 156 PRO A N   1 
ATOM   1218 C  CA  . PRO A 1 168 ? -9.280  -3.375  -4.699  1.00 19.10 ? 156 PRO A CA  1 
ATOM   1219 C  C   . PRO A 1 168 ? -9.524  -4.570  -5.598  1.00 21.29 ? 156 PRO A C   1 
ATOM   1220 O  O   . PRO A 1 168 ? -10.556 -5.219  -5.498  1.00 21.83 ? 156 PRO A O   1 
ATOM   1221 C  CB  . PRO A 1 168 ? -8.908  -3.847  -3.295  1.00 21.06 ? 156 PRO A CB  1 
ATOM   1222 C  CG  . PRO A 1 168 ? -10.219 -3.969  -2.584  1.00 22.74 ? 156 PRO A CG  1 
ATOM   1223 C  CD  . PRO A 1 168 ? -11.075 -2.861  -3.150  1.00 22.75 ? 156 PRO A CD  1 
HETATM 1224 N  N   . MSE A 1 169 ? -8.554  -4.869  -6.446  1.00 17.24 ? 157 MSE A N   1 
HETATM 1225 C  CA  . MSE A 1 169 ? -8.543  -6.112  -7.191  1.00 18.83 ? 157 MSE A CA  1 
HETATM 1226 C  C   . MSE A 1 169 ? -7.723  -7.051  -6.341  1.00 17.89 ? 157 MSE A C   1 
HETATM 1227 O  O   . MSE A 1 169 ? -6.524  -6.772  -6.125  1.00 19.23 ? 157 MSE A O   1 
HETATM 1228 C  CB  . MSE A 1 169 ? -7.846  -5.933  -8.510  1.00 18.28 ? 157 MSE A CB  1 
HETATM 1229 C  CG  . MSE A 1 169 ? -7.824  -7.209  -9.361  1.00 22.49 ? 157 MSE A CG  1 
HETATM 1230 SE SE  . MSE A 1 169 ? -6.831  -6.965  -11.042 1.00 27.78 ? 157 MSE A SE  1 
HETATM 1231 C  CE  . MSE A 1 169 ? -7.612  -5.330  -11.582 1.00 21.41 ? 157 MSE A CE  1 
ATOM   1232 N  N   . ILE A 1 170 ? -8.333  -8.152  -5.910  1.00 16.63 ? 158 ILE A N   1 
ATOM   1233 C  CA  . ILE A 1 170 ? -7.636  -9.045  -4.991  1.00 17.09 ? 158 ILE A CA  1 
ATOM   1234 C  C   . ILE A 1 170 ? -6.986  -10.124 -5.811  1.00 18.09 ? 158 ILE A C   1 
ATOM   1235 O  O   . ILE A 1 170 ? -7.655  -10.773 -6.585  1.00 15.90 ? 158 ILE A O   1 
ATOM   1236 C  CB  . ILE A 1 170 ? -8.581  -9.627  -3.939  1.00 17.75 ? 158 ILE A CB  1 
ATOM   1237 C  CG1 . ILE A 1 170 ? -9.228  -8.472  -3.159  1.00 23.50 ? 158 ILE A CG1 1 
ATOM   1238 C  CG2 . ILE A 1 170 ? -7.850  -10.564 -2.996  1.00 18.76 ? 158 ILE A CG2 1 
ATOM   1239 C  CD1 . ILE A 1 170 ? -10.351 -8.889  -2.399  1.00 31.26 ? 158 ILE A CD1 1 
ATOM   1240 N  N   . VAL A 1 171 ? -5.670  -10.304 -5.654  1.00 15.67 ? 159 VAL A N   1 
ATOM   1241 C  CA  . VAL A 1 171 ? -4.934  -11.233 -6.481  1.00 15.66 ? 159 VAL A CA  1 
ATOM   1242 C  C   . VAL A 1 171 ? -4.244  -12.253 -5.616  1.00 16.25 ? 159 VAL A C   1 
ATOM   1243 O  O   . VAL A 1 171 ? -3.579  -11.898 -4.656  1.00 16.33 ? 159 VAL A O   1 
ATOM   1244 C  CB  . VAL A 1 171 ? -3.885  -10.490 -7.312  1.00 14.44 ? 159 VAL A CB  1 
ATOM   1245 C  CG1 . VAL A 1 171 ? -2.919  -11.494 -8.006  1.00 18.08 ? 159 VAL A CG1 1 
ATOM   1246 C  CG2 . VAL A 1 171 ? -4.567  -9.605  -8.328  1.00 15.55 ? 159 VAL A CG2 1 
ATOM   1247 N  N   . ASP A 1 172 ? -4.402  -13.526 -5.963  1.00 14.62 ? 160 ASP A N   1 
ATOM   1248 C  CA  . ASP A 1 172 ? -3.614  -14.614 -5.378  1.00 15.58 ? 160 ASP A CA  1 
ATOM   1249 C  C   . ASP A 1 172 ? -2.342  -14.740 -6.225  1.00 14.81 ? 160 ASP A C   1 
ATOM   1250 O  O   . ASP A 1 172 ? -2.389  -15.164 -7.388  1.00 15.21 ? 160 ASP A O   1 
ATOM   1251 C  CB  . ASP A 1 172 ? -4.458  -15.896 -5.366  1.00 16.40 ? 160 ASP A CB  1 
ATOM   1252 C  CG  . ASP A 1 172 ? -3.722  -17.095 -4.839  1.00 23.99 ? 160 ASP A CG  1 
ATOM   1253 O  OD1 . ASP A 1 172 ? -2.471  -17.160 -4.900  1.00 19.85 ? 160 ASP A OD1 1 
ATOM   1254 O  OD2 . ASP A 1 172 ? -4.372  -18.083 -4.417  1.00 23.29 ? 160 ASP A OD2 1 
ATOM   1255 N  N   . PHE A 1 173 ? -1.232  -14.245 -5.696  1.00 15.95 ? 161 PHE A N   1 
ATOM   1256 C  CA  . PHE A 1 173 ? 0.004   -14.158 -6.470  1.00 15.64 ? 161 PHE A CA  1 
ATOM   1257 C  C   . PHE A 1 173 ? 0.711   -15.493 -6.678  1.00 16.46 ? 161 PHE A C   1 
ATOM   1258 O  O   . PHE A 1 173 ? 1.547   -15.619 -7.588  1.00 21.67 ? 161 PHE A O   1 
ATOM   1259 C  CB  . PHE A 1 173 ? 0.952   -13.177 -5.820  1.00 18.47 ? 161 PHE A CB  1 
ATOM   1260 C  CG  . PHE A 1 173 ? 0.575   -11.751 -6.053  1.00 15.82 ? 161 PHE A CG  1 
ATOM   1261 C  CD1 . PHE A 1 173 ? 0.818   -11.154 -7.274  1.00 15.36 ? 161 PHE A CD1 1 
ATOM   1262 C  CD2 . PHE A 1 173 ? -0.053  -11.017 -5.070  1.00 16.48 ? 161 PHE A CD2 1 
ATOM   1263 C  CE1 . PHE A 1 173 ? 0.488   -9.806  -7.488  1.00 17.70 ? 161 PHE A CE1 1 
ATOM   1264 C  CE2 . PHE A 1 173 ? -0.388  -9.678  -5.275  1.00 18.05 ? 161 PHE A CE2 1 
ATOM   1265 C  CZ  . PHE A 1 173 ? -0.134  -9.087  -6.486  1.00 16.52 ? 161 PHE A CZ  1 
ATOM   1266 N  N   . ALA A 1 174 ? 0.405   -16.461 -5.832  1.00 17.53 ? 162 ALA A N   1 
ATOM   1267 C  CA  . ALA A 1 174 ? 0.921   -17.830 -6.009  1.00 19.29 ? 162 ALA A CA  1 
ATOM   1268 C  C   . ALA A 1 174 ? 0.238   -18.565 -7.136  1.00 15.86 ? 162 ALA A C   1 
ATOM   1269 O  O   . ALA A 1 174 ? 0.914   -19.171 -7.972  1.00 18.46 ? 162 ALA A O   1 
ATOM   1270 C  CB  . ALA A 1 174 ? 0.757   -18.591 -4.747  1.00 21.95 ? 162 ALA A CB  1 
ATOM   1271 N  N   . ALA A 1 175 ? -1.088  -18.477 -7.181  1.00 16.93 ? 163 ALA A N   1 
ATOM   1272 C  CA  . ALA A 1 175 ? -1.894  -19.094 -8.246  1.00 16.41 ? 163 ALA A CA  1 
ATOM   1273 C  C   . ALA A 1 175 ? -1.971  -18.242 -9.497  1.00 18.06 ? 163 ALA A C   1 
ATOM   1274 O  O   . ALA A 1 175 ? -2.378  -18.734 -10.566 1.00 19.43 ? 163 ALA A O   1 
ATOM   1275 C  CB  . ALA A 1 175 ? -3.281  -19.279 -7.721  1.00 17.86 ? 163 ALA A CB  1 
HETATM 1276 N  N   . MSE A 1 176 ? -1.632  -16.971 -9.335  1.00 16.87 ? 164 MSE A N   1 
HETATM 1277 C  CA  . MSE A 1 176 ? -1.685  -15.947 -10.377 1.00 17.89 ? 164 MSE A CA  1 
HETATM 1278 C  C   . MSE A 1 176 ? -3.114  -15.883 -10.916 1.00 16.95 ? 164 MSE A C   1 
HETATM 1279 O  O   . MSE A 1 176 ? -3.375  -16.176 -12.091 1.00 18.92 ? 164 MSE A O   1 
HETATM 1280 C  CB  . MSE A 1 176 ? -0.616  -16.209 -11.441 1.00 21.36 ? 164 MSE A CB  1 
HETATM 1281 C  CG  . MSE A 1 176 ? 0.817   -16.015 -10.945 1.00 20.22 ? 164 MSE A CG  1 
HETATM 1282 SE SE  . MSE A 1 176 ? 1.251   -14.116 -10.565 1.00 27.59 ? 164 MSE A SE  1 
HETATM 1283 C  CE  . MSE A 1 176 ? 2.061   -13.748 -12.361 1.00 22.01 ? 164 MSE A CE  1 
ATOM   1284 N  N   . GLU A 1 177 ? -4.038  -15.558 -10.008 1.00 17.92 ? 165 GLU A N   1 
ATOM   1285 C  CA  . GLU A 1 177 ? -5.471  -15.483 -10.298 1.00 19.30 ? 165 GLU A CA  1 
ATOM   1286 C  C   . GLU A 1 177 ? -6.060  -14.291 -9.583  1.00 19.05 ? 165 GLU A C   1 
ATOM   1287 O  O   . GLU A 1 177 ? -5.659  -13.972 -8.472  1.00 18.16 ? 165 GLU A O   1 
ATOM   1288 C  CB  A GLU A 1 177 ? -6.219  -16.725 -9.816  0.60 21.60 ? 165 GLU A CB  1 
ATOM   1289 C  CB  B GLU A 1 177 ? -6.195  -16.724 -9.804  0.40 20.54 ? 165 GLU A CB  1 
ATOM   1290 C  CG  A GLU A 1 177 ? -5.889  -18.013 -10.559 0.60 26.18 ? 165 GLU A CG  1 
ATOM   1291 C  CG  B GLU A 1 177 ? -5.971  -17.942 -10.671 0.40 22.29 ? 165 GLU A CG  1 
ATOM   1292 C  CD  A GLU A 1 177 ? -6.262  -17.996 -12.037 0.60 29.94 ? 165 GLU A CD  1 
ATOM   1293 C  CD  B GLU A 1 177 ? -6.591  -19.194 -10.090 0.40 21.59 ? 165 GLU A CD  1 
ATOM   1294 O  OE1 A GLU A 1 177 ? -7.178  -17.249 -12.442 0.60 34.24 ? 165 GLU A OE1 1 
ATOM   1295 O  OE1 B GLU A 1 177 ? -7.515  -19.084 -9.247  0.40 23.25 ? 165 GLU A OE1 1 
ATOM   1296 O  OE2 A GLU A 1 177 ? -5.627  -18.745 -12.802 0.60 29.97 ? 165 GLU A OE2 1 
ATOM   1297 O  OE2 B GLU A 1 177 ? -6.152  -20.285 -10.491 0.40 28.31 ? 165 GLU A OE2 1 
ATOM   1298 N  N   . VAL A 1 178 ? -7.055  -13.668 -10.204 1.00 18.58 ? 166 VAL A N   1 
ATOM   1299 C  CA  . VAL A 1 178 ? -7.850  -12.666 -9.505  1.00 18.33 ? 166 VAL A CA  1 
ATOM   1300 C  C   . VAL A 1 178 ? -8.902  -13.408 -8.732  1.00 19.01 ? 166 VAL A C   1 
ATOM   1301 O  O   . VAL A 1 178 ? -9.515  -14.345 -9.269  1.00 21.37 ? 166 VAL A O   1 
ATOM   1302 C  CB  . VAL A 1 178 ? -8.506  -11.657 -10.486 1.00 19.93 ? 166 VAL A CB  1 
ATOM   1303 C  CG1 . VAL A 1 178 ? -9.465  -10.716 -9.737  1.00 19.92 ? 166 VAL A CG1 1 
ATOM   1304 C  CG2 . VAL A 1 178 ? -7.433  -10.858 -11.218 1.00 19.26 ? 166 VAL A CG2 1 
ATOM   1305 N  N   . VAL A 1 179 ? -9.147  -12.995 -7.495  1.00 19.31 ? 167 VAL A N   1 
ATOM   1306 C  CA  . VAL A 1 179 ? -10.038 -13.737 -6.621  1.00 22.81 ? 167 VAL A CA  1 
ATOM   1307 C  C   . VAL A 1 179 ? -11.114 -12.872 -6.011  1.00 27.52 ? 167 VAL A C   1 
ATOM   1308 O  O   . VAL A 1 179 ? -11.243 -11.687 -6.317  1.00 29.23 ? 167 VAL A O   1 
ATOM   1309 C  CB  . VAL A 1 179 ? -9.253  -14.537 -5.559  1.00 27.55 ? 167 VAL A CB  1 
ATOM   1310 C  CG1 . VAL A 1 179 ? -8.299  -15.506 -6.240  1.00 30.55 ? 167 VAL A CG1 1 
ATOM   1311 C  CG2 . VAL A 1 179 ? -8.488  -13.664 -4.680  1.00 26.52 ? 167 VAL A CG2 1 
ATOM   1312 N  N   . GLY A 1 180 ? -11.912 -13.488 -5.143  1.00 32.87 ? 168 GLY A N   1 
HETATM 1313 CL CL  . CL  B 2 .   ? -12.405 -2.394  12.864  1.00 17.10 ? 169 CL  A CL  1 
HETATM 1314 C  C1  . GOL C 3 .   ? 11.544  -2.467  7.234   1.00 28.05 ? 170 GOL A C1  1 
HETATM 1315 O  O1  . GOL C 3 .   ? 11.644  -3.681  7.974   1.00 26.72 ? 170 GOL A O1  1 
HETATM 1316 C  C2  . GOL C 3 .   ? 10.097  -2.225  6.833   1.00 26.93 ? 170 GOL A C2  1 
HETATM 1317 O  O2  . GOL C 3 .   ? 9.699   -3.187  5.863   1.00 26.88 ? 170 GOL A O2  1 
HETATM 1318 C  C3  . GOL C 3 .   ? 9.915   -0.757  6.384   1.00 25.74 ? 170 GOL A C3  1 
HETATM 1319 O  O3  . GOL C 3 .   ? 9.986   0.133   7.525   1.00 16.37 ? 170 GOL A O3  1 
HETATM 1320 C  C1  . GOL D 3 .   ? -9.328  4.357   -8.872  1.00 49.93 ? 171 GOL A C1  1 
HETATM 1321 O  O1  . GOL D 3 .   ? -9.518  5.445   -7.999  1.00 44.26 ? 171 GOL A O1  1 
HETATM 1322 C  C2  . GOL D 3 .   ? -9.668  3.097   -8.089  1.00 52.96 ? 171 GOL A C2  1 
HETATM 1323 O  O2  . GOL D 3 .   ? -8.456  2.426   -7.834  1.00 54.27 ? 171 GOL A O2  1 
HETATM 1324 C  C3  . GOL D 3 .   ? -10.689 2.219   -8.823  1.00 54.19 ? 171 GOL A C3  1 
HETATM 1325 O  O3  . GOL D 3 .   ? -11.586 1.590   -7.917  1.00 44.79 ? 171 GOL A O3  1 
HETATM 1326 O  O   . HOH E 4 .   ? 3.767   1.302   3.667   1.00 9.94  ? 172 HOH A O   1 
HETATM 1327 O  O   . HOH E 4 .   ? -10.852 -6.604  10.954  1.00 10.60 ? 173 HOH A O   1 
HETATM 1328 O  O   . HOH E 4 .   ? -8.694  0.145   11.825  1.00 11.91 ? 174 HOH A O   1 
HETATM 1329 O  O   . HOH E 4 .   ? 13.421  1.949   5.187   1.00 12.89 ? 175 HOH A O   1 
HETATM 1330 O  O   . HOH E 4 .   ? 0.197   -3.883  14.371  1.00 13.89 ? 176 HOH A O   1 
HETATM 1331 O  O   . HOH E 4 .   ? 11.439  2.473   7.298   1.00 13.89 ? 177 HOH A O   1 
HETATM 1332 O  O   . HOH E 4 .   ? 8.315   2.074   -0.001  1.00 14.33 ? 178 HOH A O   1 
HETATM 1333 O  O   . HOH E 4 .   ? 7.904   0.150   -3.241  1.00 14.79 ? 179 HOH A O   1 
HETATM 1334 O  O   . HOH E 4 .   ? 7.457   0.713   -6.036  1.00 15.05 ? 180 HOH A O   1 
HETATM 1335 O  O   . HOH E 4 .   ? -14.765 -2.773  6.596   1.00 15.14 ? 181 HOH A O   1 
HETATM 1336 O  O   . HOH E 4 .   ? 4.756   -3.030  7.400   1.00 16.24 ? 182 HOH A O   1 
HETATM 1337 O  O   . HOH E 4 .   ? 5.357   -0.757  4.294   1.00 16.23 ? 183 HOH A O   1 
HETATM 1338 O  O   . HOH E 4 .   ? 11.053  -0.524  -14.247 1.00 16.42 ? 184 HOH A O   1 
HETATM 1339 O  O   . HOH E 4 .   ? 9.399   1.309   3.115   1.00 16.49 ? 185 HOH A O   1 
HETATM 1340 O  O   . HOH E 4 .   ? 8.317   10.565  -4.934  1.00 17.69 ? 186 HOH A O   1 
HETATM 1341 O  O   . HOH E 4 .   ? 10.718  8.835   1.839   1.00 17.80 ? 187 HOH A O   1 
HETATM 1342 O  O   . HOH E 4 .   ? 7.878   -0.941  2.710   1.00 17.90 ? 188 HOH A O   1 
HETATM 1343 O  O   . HOH E 4 .   ? -6.991  -6.153  13.898  1.00 18.35 ? 189 HOH A O   1 
HETATM 1344 O  O   . HOH E 4 .   ? 7.486   -0.442  8.686   1.00 18.30 ? 190 HOH A O   1 
HETATM 1345 O  O   . HOH E 4 .   ? 5.141   -0.352  7.001   1.00 18.63 ? 191 HOH A O   1 
HETATM 1346 O  O   . HOH E 4 .   ? -12.572 -11.393 3.375   1.00 19.66 ? 192 HOH A O   1 
HETATM 1347 O  O   . HOH E 4 .   ? 7.119   -3.801  5.887   1.00 19.71 ? 193 HOH A O   1 
HETATM 1348 O  O   . HOH E 4 .   ? 12.008  0.439   3.292   1.00 19.98 ? 194 HOH A O   1 
HETATM 1349 O  O   . HOH E 4 .   ? -1.001  -14.054 -2.799  1.00 20.25 ? 195 HOH A O   1 
HETATM 1350 O  O   . HOH E 4 .   ? -11.089 0.321   13.320  1.00 20.45 ? 196 HOH A O   1 
HETATM 1351 O  O   . HOH E 4 .   ? -2.078  -14.462 5.042   1.00 20.45 ? 197 HOH A O   1 
HETATM 1352 O  O   . HOH E 4 .   ? -10.964 -8.963  -6.787  1.00 20.72 ? 198 HOH A O   1 
HETATM 1353 O  O   . HOH E 4 .   ? 7.567   -3.057  9.209   1.00 20.72 ? 199 HOH A O   1 
HETATM 1354 O  O   . HOH E 4 .   ? 3.972   -9.843  7.579   1.00 20.73 ? 200 HOH A O   1 
HETATM 1355 O  O   . HOH E 4 .   ? -3.039  6.000   -14.622 1.00 20.88 ? 201 HOH A O   1 
HETATM 1356 O  O   . HOH E 4 .   ? 3.889   -13.921 -8.502  1.00 21.12 ? 202 HOH A O   1 
HETATM 1357 O  O   . HOH E 4 .   ? -13.320 -1.698  0.783   1.00 21.13 ? 203 HOH A O   1 
HETATM 1358 O  O   . HOH E 4 .   ? -16.325 -2.410  8.890   1.00 21.43 ? 204 HOH A O   1 
HETATM 1359 O  O   . HOH E 4 .   ? -16.069 3.478   4.552   1.00 21.69 ? 205 HOH A O   1 
HETATM 1360 O  O   . HOH E 4 .   ? -15.782 -1.289  4.585   1.00 21.93 ? 206 HOH A O   1 
HETATM 1361 O  O   . HOH E 4 .   ? 15.779  -2.111  6.047   1.00 22.08 ? 207 HOH A O   1 
HETATM 1362 O  O   . HOH E 4 .   ? 10.238  12.444  -5.111  1.00 22.20 ? 208 HOH A O   1 
HETATM 1363 O  O   . HOH E 4 .   ? -0.203  -11.932 8.072   1.00 23.11 ? 209 HOH A O   1 
HETATM 1364 O  O   . HOH E 4 .   ? 5.263   -16.011 -2.445  1.00 23.66 ? 210 HOH A O   1 
HETATM 1365 O  O   . HOH E 4 .   ? -8.650  0.018   -7.974  1.00 24.14 ? 211 HOH A O   1 
HETATM 1366 O  O   . HOH E 4 .   ? 6.927   10.411  1.966   1.00 25.28 ? 212 HOH A O   1 
HETATM 1367 O  O   . HOH E 4 .   ? 9.673   -10.379 -8.751  1.00 25.39 ? 213 HOH A O   1 
HETATM 1368 O  O   . HOH E 4 .   ? 3.745   -15.724 -4.677  1.00 25.50 ? 214 HOH A O   1 
HETATM 1369 O  O   . HOH E 4 .   ? 20.097  -3.392  6.106   1.00 25.63 ? 215 HOH A O   1 
HETATM 1370 O  O   . HOH E 4 .   ? -0.986  6.006   17.782  1.00 25.67 ? 216 HOH A O   1 
HETATM 1371 O  O   . HOH E 4 .   ? 4.203   -7.349  -16.893 1.00 25.80 ? 217 HOH A O   1 
HETATM 1372 O  O   . HOH E 4 .   ? -7.291  5.878   -6.328  1.00 25.87 ? 218 HOH A O   1 
HETATM 1373 O  O   . HOH E 4 .   ? -7.894  15.170  5.748   1.00 26.02 ? 219 HOH A O   1 
HETATM 1374 O  O   . HOH E 4 .   ? 7.549   -17.069 -2.129  1.00 25.90 ? 220 HOH A O   1 
HETATM 1375 O  O   . HOH E 4 .   ? -7.976  7.355   -4.230  1.00 26.34 ? 221 HOH A O   1 
HETATM 1376 O  O   . HOH E 4 .   ? 14.609  2.048   12.760  1.00 26.40 ? 222 HOH A O   1 
HETATM 1377 O  O   . HOH E 4 .   ? -1.929  6.698   15.120  1.00 26.37 ? 223 HOH A O   1 
HETATM 1378 O  O   . HOH E 4 .   ? 9.721   -9.908  15.257  1.00 27.04 ? 224 HOH A O   1 
HETATM 1379 O  O   . HOH E 4 .   ? 0.946   12.788  1.152   1.00 27.12 ? 225 HOH A O   1 
HETATM 1380 O  O   . HOH E 4 .   ? 2.944   -14.508 1.273   1.00 27.19 ? 226 HOH A O   1 
HETATM 1381 O  O   . HOH E 4 .   ? 13.846  1.582   15.339  1.00 27.47 ? 227 HOH A O   1 
HETATM 1382 O  O   . HOH E 4 .   ? 5.940   6.064   18.824  1.00 27.60 ? 228 HOH A O   1 
HETATM 1383 O  O   . HOH E 4 .   ? -5.216  14.860  12.392  1.00 27.89 ? 229 HOH A O   1 
HETATM 1384 O  O   . HOH E 4 .   ? -2.315  -19.541 -3.354  1.00 28.08 ? 230 HOH A O   1 
HETATM 1385 O  O   . HOH E 4 .   ? -3.772  -0.876  -18.897 1.00 28.37 ? 231 HOH A O   1 
HETATM 1386 O  O   . HOH E 4 .   ? -11.795 6.332   14.056  1.00 28.45 ? 232 HOH A O   1 
HETATM 1387 O  O   . HOH E 4 .   ? 10.019  13.422  -7.728  1.00 28.61 ? 233 HOH A O   1 
HETATM 1388 O  O   . HOH E 4 .   ? 2.550   -12.057 7.951   1.00 28.70 ? 234 HOH A O   1 
HETATM 1389 O  O   . HOH E 4 .   ? -7.791  -14.640 -12.762 1.00 28.70 ? 235 HOH A O   1 
HETATM 1390 O  O   . HOH E 4 .   ? -4.363  11.805  -9.195  1.00 28.78 ? 236 HOH A O   1 
HETATM 1391 O  O   . HOH E 4 .   ? -6.136  6.029   17.434  1.00 28.89 ? 237 HOH A O   1 
HETATM 1392 O  O   . HOH E 4 .   ? 14.183  7.716   1.018   1.00 29.35 ? 238 HOH A O   1 
HETATM 1393 O  O   . HOH E 4 .   ? -9.458  7.245   13.856  1.00 29.43 ? 239 HOH A O   1 
HETATM 1394 O  O   . HOH E 4 .   ? 20.899  -5.277  8.304   1.00 29.94 ? 240 HOH A O   1 
HETATM 1395 O  O   . HOH E 4 .   ? -16.736 4.594   7.331   1.00 30.16 ? 241 HOH A O   1 
HETATM 1396 O  O   . HOH E 4 .   ? 1.280   16.196  9.940   1.00 30.96 ? 242 HOH A O   1 
HETATM 1397 O  O   . HOH E 4 .   ? 14.151  8.939   -9.840  1.00 31.16 ? 243 HOH A O   1 
HETATM 1398 O  O   . HOH E 4 .   ? -11.770 14.376  10.897  1.00 31.19 ? 244 HOH A O   1 
HETATM 1399 O  O   . HOH E 4 .   ? -16.938 6.459   -1.303  1.00 31.38 ? 245 HOH A O   1 
HETATM 1400 O  O   . HOH E 4 .   ? 7.451   3.302   -15.927 1.00 31.49 ? 246 HOH A O   1 
HETATM 1401 O  O   . HOH E 4 .   ? 6.137   -1.404  -18.980 1.00 31.70 ? 247 HOH A O   1 
HETATM 1402 O  O   . HOH E 4 .   ? -13.173 10.630  -0.026  1.00 31.77 ? 248 HOH A O   1 
HETATM 1403 O  O   . HOH E 4 .   ? 7.926   -6.560  5.452   1.00 31.96 ? 249 HOH A O   1 
HETATM 1404 O  O   . HOH E 4 .   ? 5.671   10.452  9.702   1.00 32.10 ? 250 HOH A O   1 
HETATM 1405 O  O   . HOH E 4 .   ? 8.147   -17.934 -4.506  1.00 32.47 ? 251 HOH A O   1 
HETATM 1406 O  O   . HOH E 4 .   ? -3.017  -16.702 0.577   1.00 32.69 ? 252 HOH A O   1 
HETATM 1407 O  O   . HOH E 4 .   ? 17.444  5.775   9.676   1.00 32.74 ? 253 HOH A O   1 
HETATM 1408 O  O   . HOH E 4 .   ? 14.403  -4.495  7.882   1.00 32.89 ? 254 HOH A O   1 
HETATM 1409 O  O   . HOH E 4 .   ? 9.931   -3.822  10.188  1.00 33.12 ? 255 HOH A O   1 
HETATM 1410 O  O   . HOH E 4 .   ? -2.541  -15.868 -1.707  1.00 33.30 ? 256 HOH A O   1 
HETATM 1411 O  O   . HOH E 4 .   ? -4.926  -15.814 7.002   1.00 33.35 ? 257 HOH A O   1 
HETATM 1412 O  O   . HOH E 4 .   ? 0.465   -15.453 5.048   1.00 34.03 ? 258 HOH A O   1 
HETATM 1413 O  O   . HOH E 4 .   ? 2.025   -4.544  -23.046 1.00 34.20 ? 259 HOH A O   1 
HETATM 1414 O  O   . HOH E 4 .   ? 1.532   15.436  -3.996  1.00 34.17 ? 260 HOH A O   1 
HETATM 1415 O  O   . HOH E 4 .   ? 4.137   11.190  7.609   1.00 34.47 ? 261 HOH A O   1 
HETATM 1416 O  O   . HOH E 4 .   ? 4.010   -8.965  16.826  1.00 34.87 ? 262 HOH A O   1 
HETATM 1417 O  O   . HOH E 4 .   ? -11.680 -7.609  -9.230  1.00 34.92 ? 263 HOH A O   1 
HETATM 1418 O  O   . HOH E 4 .   ? 8.377   11.476  -15.002 1.00 35.15 ? 264 HOH A O   1 
HETATM 1419 O  O   . HOH E 4 .   ? 1.344   -15.663 -2.565  1.00 35.38 ? 265 HOH A O   1 
HETATM 1420 O  O   . HOH E 4 .   ? 9.974   -8.971  4.156   1.00 35.77 ? 266 HOH A O   1 
HETATM 1421 O  O   . HOH E 4 .   ? -7.934  14.312  13.449  1.00 35.95 ? 267 HOH A O   1 
HETATM 1422 O  O   . HOH E 4 .   ? 7.952   5.754   -17.191 1.00 36.20 ? 268 HOH A O   1 
HETATM 1423 O  O   . HOH E 4 .   ? 11.751  7.977   -11.461 1.00 36.42 ? 269 HOH A O   1 
HETATM 1424 O  O   . HOH E 4 .   ? 13.441  -6.213  5.531   1.00 36.42 ? 270 HOH A O   1 
HETATM 1425 O  O   . HOH E 4 .   ? -17.707 6.905   6.358   1.00 36.44 ? 271 HOH A O   1 
HETATM 1426 O  O   . HOH E 4 .   ? 9.981   -5.011  19.904  1.00 36.60 ? 272 HOH A O   1 
HETATM 1427 O  O   . HOH E 4 .   ? -6.428  0.207   -16.808 1.00 38.12 ? 273 HOH A O   1 
HETATM 1428 O  O   . HOH E 4 .   ? -4.947  -15.579 -14.348 1.00 39.23 ? 274 HOH A O   1 
HETATM 1429 O  O   . HOH E 4 .   ? -11.255 11.337  -1.989  1.00 39.41 ? 275 HOH A O   1 
HETATM 1430 O  O   . HOH E 4 .   ? 4.394   -8.927  13.356  1.00 39.47 ? 276 HOH A O   1 
HETATM 1431 O  O   . HOH E 4 .   ? 4.363   -17.003 -6.637  1.00 39.70 ? 277 HOH A O   1 
HETATM 1432 O  O   . HOH E 4 .   ? 17.397  7.776   7.572   1.00 39.58 ? 278 HOH A O   1 
HETATM 1433 O  O   . HOH E 4 .   ? 1.371   -1.898  18.420  1.00 39.97 ? 279 HOH A O   1 
HETATM 1434 O  O   . HOH E 4 .   ? -16.341 9.439   1.430   1.00 39.91 ? 280 HOH A O   1 
HETATM 1435 O  O   . HOH E 4 .   ? 13.264  -0.658  15.915  1.00 40.13 ? 281 HOH A O   1 
HETATM 1436 O  O   . HOH E 4 .   ? -4.901  -2.911  -20.136 1.00 40.10 ? 282 HOH A O   1 
HETATM 1437 O  O   . HOH E 4 .   ? -7.284  4.665   -13.163 1.00 40.21 ? 283 HOH A O   1 
HETATM 1438 O  O   . HOH E 4 .   ? -7.817  -4.926  -15.963 1.00 40.20 ? 284 HOH A O   1 
HETATM 1439 O  O   . HOH E 4 .   ? -3.725  15.551  -2.690  1.00 40.22 ? 285 HOH A O   1 
HETATM 1440 O  O   . HOH E 4 .   ? -17.537 0.247   8.694   1.00 40.36 ? 286 HOH A O   1 
HETATM 1441 O  O   . HOH E 4 .   ? -4.917  -16.325 2.407   1.00 40.55 ? 287 HOH A O   1 
HETATM 1442 O  O   . HOH E 4 .   ? 5.594   -9.799  9.694   1.00 40.97 ? 288 HOH A O   1 
HETATM 1443 O  O   . HOH E 4 .   ? 12.410  11.397  10.294  1.00 41.02 ? 289 HOH A O   1 
HETATM 1444 O  O   . HOH E 4 .   ? -3.280  -7.908  -20.470 1.00 41.30 ? 290 HOH A O   1 
HETATM 1445 O  O   . HOH E 4 .   ? 12.250  9.343   5.579   1.00 41.80 ? 291 HOH A O   1 
HETATM 1446 O  O   . HOH E 4 .   ? 3.188   -10.330 11.884  1.00 42.04 ? 292 HOH A O   1 
HETATM 1447 O  O   . HOH E 4 .   ? 15.858  -7.366  16.787  1.00 42.44 ? 293 HOH A O   1 
HETATM 1448 O  O   . HOH E 4 .   ? 12.232  -4.066  21.386  1.00 42.75 ? 294 HOH A O   1 
HETATM 1449 O  O   . HOH E 4 .   ? 10.486  9.093   13.581  1.00 42.64 ? 295 HOH A O   1 
HETATM 1450 O  O   . HOH E 4 .   ? -6.918  -18.215 -4.471  1.00 42.67 ? 296 HOH A O   1 
HETATM 1451 O  O   . HOH E 4 .   ? 4.958   -16.233 0.569   1.00 42.74 ? 297 HOH A O   1 
HETATM 1452 O  O   . HOH E 4 .   ? 22.285  -4.771  10.532  1.00 42.67 ? 298 HOH A O   1 
HETATM 1453 O  O   . HOH E 4 .   ? -3.704  5.965   18.242  1.00 42.74 ? 299 HOH A O   1 
HETATM 1454 O  O   . HOH E 4 .   ? -4.419  5.524   -17.007 1.00 42.92 ? 300 HOH A O   1 
HETATM 1455 O  O   . HOH E 4 .   ? 6.650   -8.812  5.780   1.00 43.81 ? 301 HOH A O   1 
HETATM 1456 O  O   . HOH E 4 .   ? 4.738   12.369  2.361   1.00 43.73 ? 302 HOH A O   1 
HETATM 1457 O  O   . HOH E 4 .   ? -8.490  9.531   17.259  1.00 43.75 ? 303 HOH A O   1 
HETATM 1458 O  O   . HOH E 4 .   ? 11.928  8.231   15.913  1.00 43.89 ? 304 HOH A O   1 
HETATM 1459 O  O   . HOH E 4 .   ? 12.241  13.047  -3.098  1.00 44.84 ? 305 HOH A O   1 
HETATM 1460 O  O   . HOH E 4 .   ? -0.890  14.839  -4.113  1.00 45.14 ? 306 HOH A O   1 
HETATM 1461 O  O   . HOH E 4 .   ? 4.325   -17.016 -11.793 1.00 45.60 ? 307 HOH A O   1 
HETATM 1462 O  O   . HOH E 4 .   ? -10.918 -4.387  -9.564  1.00 45.74 ? 308 HOH A O   1 
HETATM 1463 O  O   . HOH E 4 .   ? 7.812   9.646   12.934  1.00 46.15 ? 309 HOH A O   1 
HETATM 1464 O  O   . HOH E 4 .   ? 3.385   15.167  7.951   1.00 46.66 ? 310 HOH A O   1 
HETATM 1465 O  O   . HOH E 4 .   ? 4.805   -16.345 -9.227  1.00 46.92 ? 311 HOH A O   1 
HETATM 1466 O  O   . HOH E 4 .   ? -6.925  -13.176 -14.658 1.00 47.84 ? 312 HOH A O   1 
HETATM 1467 O  O   . HOH E 4 .   ? -6.372  10.694  15.162  1.00 48.13 ? 313 HOH A O   1 
HETATM 1468 O  O   . HOH E 4 .   ? -12.596 6.120   -7.182  1.00 48.23 ? 314 HOH A O   1 
HETATM 1469 O  O   . HOH E 4 .   ? 1.765   -11.235 14.172  1.00 48.71 ? 315 HOH A O   1 
HETATM 1470 O  O   . HOH E 4 .   ? 11.468  15.811  -10.967 1.00 48.99 ? 316 HOH A O   1 
HETATM 1471 O  O   . HOH E 4 .   ? 3.647   14.081  4.090   1.00 49.12 ? 317 HOH A O   1 
HETATM 1472 O  O   . HOH E 4 .   ? -1.964  19.416  7.555   1.00 49.32 ? 318 HOH A O   1 
HETATM 1473 O  O   . HOH E 4 .   ? 4.419   3.355   -19.988 1.00 48.90 ? 319 HOH A O   1 
HETATM 1474 O  O   . HOH E 4 .   ? -1.097  16.372  -7.220  1.00 49.48 ? 320 HOH A O   1 
HETATM 1475 O  O   . HOH E 4 .   ? 7.735   -16.434 -9.649  1.00 49.82 ? 321 HOH A O   1 
HETATM 1476 O  O   . HOH E 4 .   ? 3.013   -10.297 -23.151 1.00 51.18 ? 322 HOH A O   1 
HETATM 1477 O  O   . HOH E 4 .   ? 15.649  11.432  -7.175  1.00 51.12 ? 323 HOH A O   1 
HETATM 1478 O  O   . HOH E 4 .   ? 3.085   7.877   17.160  1.00 51.07 ? 324 HOH A O   1 
HETATM 1479 O  O   . HOH E 4 .   ? -8.826  -1.902  -10.004 1.00 52.22 ? 325 HOH A O   1 
HETATM 1480 O  O   . HOH E 4 .   ? 12.324  12.845  -9.076  1.00 52.91 ? 326 HOH A O   1 
HETATM 1481 O  O   . HOH E 4 .   ? -5.236  -22.022 -8.932  1.00 53.15 ? 327 HOH A O   1 
HETATM 1482 O  O   . HOH E 4 .   ? -0.733  8.770   16.174  1.00 53.95 ? 328 HOH A O   1 
HETATM 1483 O  O   . HOH E 4 .   ? 9.804   -12.339 -12.770 1.00 53.96 ? 329 HOH A O   1 
HETATM 1484 O  O   . HOH E 4 .   ? -3.797  15.664  -5.035  1.00 55.20 ? 330 HOH A O   1 
HETATM 1485 O  O   . HOH E 4 .   ? -17.499 5.646   3.507   1.00 55.59 ? 331 HOH A O   1 
HETATM 1486 O  O   . HOH E 4 .   ? -15.373 0.051   -8.603  1.00 58.49 ? 332 HOH A O   1 
HETATM 1487 O  O   . HOH E 4 .   ? -2.153  -10.464 -21.730 1.00 59.29 ? 333 HOH A O   1 
HETATM 1488 O  O   A HOH E 4 .   ? 8.062   3.104   -8.654  0.60 12.95 ? 334 HOH A O   1 
HETATM 1489 O  O   B HOH E 4 .   ? 8.760   5.158   -8.727  0.40 15.93 ? 334 HOH A O   1 
HETATM 1490 O  O   A HOH E 4 .   ? 6.387   -0.079  0.589   0.50 12.15 ? 335 HOH A O   1 
HETATM 1491 O  O   B HOH E 4 .   ? 7.081   -0.701  0.092   0.50 19.45 ? 335 HOH A O   1 
HETATM 1492 O  O   A HOH E 4 .   ? -2.207  14.276  -6.149  0.50 10.88 ? 336 HOH A O   1 
HETATM 1493 O  O   B HOH E 4 .   ? -3.256  13.888  -7.701  0.50 24.08 ? 336 HOH A O   1 
HETATM 1494 O  O   . HOH E 4 .   ? 2.389   8.521   -16.078 0.50 14.82 ? 337 HOH A O   1 
HETATM 1495 O  O   A HOH E 4 .   ? -12.662 -6.660  -5.037  0.50 21.20 ? 338 HOH A O   1 
HETATM 1496 O  O   B HOH E 4 .   ? -13.106 -8.451  -5.007  0.50 36.46 ? 338 HOH A O   1 
HETATM 1497 O  O   B HOH E 4 .   ? -1.992  8.472   -14.890 0.50 24.27 ? 339 HOH A O   1 
HETATM 1498 O  O   . HOH E 4 .   ? 17.609  1.002   10.964  0.50 23.59 ? 340 HOH A O   1 
HETATM 1499 O  O   A HOH E 4 .   ? 5.748   -10.897 4.966   0.34 14.84 ? 341 HOH A O   1 
HETATM 1500 O  O   A HOH E 4 .   ? 4.610   -13.818 3.948   0.34 17.50 ? 342 HOH A O   1 
HETATM 1501 O  O   . HOH E 4 .   ? -3.651  5.758   -19.527 0.50 35.60 ? 343 HOH A O   1 
# 
